data_3DOU
# 
_entry.id   3DOU 
# 
_audit_conform.dict_name       mmcif_pdbx.dic 
_audit_conform.dict_version    5.397 
_audit_conform.dict_location   http://mmcif.pdb.org/dictionaries/ascii/mmcif_pdbx.dic 
# 
loop_
_database_2.database_id 
_database_2.database_code 
_database_2.pdbx_database_accession 
_database_2.pdbx_DOI 
PDB   3DOU         pdb_00003dou 10.2210/pdb3dou/pdb 
RCSB  RCSB048304   ?            ?                   
WWPDB D_1000048304 ?            ?                   
# 
loop_
_pdbx_audit_revision_history.ordinal 
_pdbx_audit_revision_history.data_content_type 
_pdbx_audit_revision_history.major_revision 
_pdbx_audit_revision_history.minor_revision 
_pdbx_audit_revision_history.revision_date 
1 'Structure model' 1 0 2008-09-02 
2 'Structure model' 1 1 2011-07-13 
3 'Structure model' 1 2 2018-11-14 
4 'Structure model' 1 3 2021-02-10 
5 'Structure model' 1 4 2024-10-30 
# 
_pdbx_audit_revision_details.ordinal             1 
_pdbx_audit_revision_details.revision_ordinal    1 
_pdbx_audit_revision_details.data_content_type   'Structure model' 
_pdbx_audit_revision_details.provider            repository 
_pdbx_audit_revision_details.type                'Initial release' 
_pdbx_audit_revision_details.description         ? 
_pdbx_audit_revision_details.details             ? 
# 
loop_
_pdbx_audit_revision_group.ordinal 
_pdbx_audit_revision_group.revision_ordinal 
_pdbx_audit_revision_group.data_content_type 
_pdbx_audit_revision_group.group 
1 2 'Structure model' 'Version format compliance' 
2 3 'Structure model' 'Data collection'           
3 3 'Structure model' 'Structure summary'         
4 4 'Structure model' 'Database references'       
5 4 'Structure model' 'Derived calculations'      
6 4 'Structure model' 'Structure summary'         
7 5 'Structure model' 'Data collection'           
8 5 'Structure model' 'Database references'       
9 5 'Structure model' 'Structure summary'         
# 
loop_
_pdbx_audit_revision_category.ordinal 
_pdbx_audit_revision_category.revision_ordinal 
_pdbx_audit_revision_category.data_content_type 
_pdbx_audit_revision_category.category 
1  3 'Structure model' audit_author              
2  4 'Structure model' audit_author              
3  4 'Structure model' citation_author           
4  4 'Structure model' struct_conn               
5  4 'Structure model' struct_site               
6  5 'Structure model' chem_comp_atom            
7  5 'Structure model' chem_comp_bond            
8  5 'Structure model' database_2                
9  5 'Structure model' pdbx_entry_details        
10 5 'Structure model' pdbx_modification_feature 
# 
loop_
_pdbx_audit_revision_item.ordinal 
_pdbx_audit_revision_item.revision_ordinal 
_pdbx_audit_revision_item.data_content_type 
_pdbx_audit_revision_item.item 
1 3 'Structure model' '_audit_author.identifier_ORCID'      
2 4 'Structure model' '_audit_author.identifier_ORCID'      
3 4 'Structure model' '_citation_author.identifier_ORCID'   
4 4 'Structure model' '_struct_conn.pdbx_leaving_atom_flag' 
5 4 'Structure model' '_struct_site.pdbx_auth_asym_id'      
6 4 'Structure model' '_struct_site.pdbx_auth_comp_id'      
7 4 'Structure model' '_struct_site.pdbx_auth_seq_id'       
8 5 'Structure model' '_database_2.pdbx_DOI'                
9 5 'Structure model' '_database_2.pdbx_database_accession' 
# 
_pdbx_database_status.status_code                     REL 
_pdbx_database_status.entry_id                        3DOU 
_pdbx_database_status.recvd_initial_deposition_date   2008-07-06 
_pdbx_database_status.deposit_site                    RCSB 
_pdbx_database_status.process_site                    RCSB 
_pdbx_database_status.status_code_sf                  REL 
_pdbx_database_status.status_code_mr                  ? 
_pdbx_database_status.SG_entry                        Y 
_pdbx_database_status.pdb_format_compatible           Y 
_pdbx_database_status.status_code_cs                  ? 
_pdbx_database_status.methods_development_category    ? 
_pdbx_database_status.status_code_nmr_data            ? 
# 
_pdbx_database_related.db_name        TargetDB 
_pdbx_database_related.db_id          NYSGXRC-11117o 
_pdbx_database_related.details        . 
_pdbx_database_related.content_type   unspecified 
# 
loop_
_audit_author.name 
_audit_author.pdbx_ordinal 
_audit_author.identifier_ORCID 
'Patskovsky, Y.'                                                 1  ?                   
'Ozyurt, S.'                                                     2  ?                   
'Dickey, M.'                                                     3  ?                   
'Hu, S.'                                                         4  ?                   
'Bain, K.'                                                       5  ?                   
'Wasserman, S.'                                                  6  ?                   
'Sauder, J.M.'                                                   7  0000-0002-0254-4955 
'Burley, S.K.'                                                   8  0000-0002-2487-9713 
'Almo, S.C.'                                                     9  ?                   
'New York SGX Research Center for Structural Genomics (NYSGXRC)' 10 ?                   
# 
_citation.id                        primary 
_citation.title                     'Crystal Structure of Methyltransferase Involved in Cell Division from Thermoplasma Volcanicum' 
_citation.journal_abbrev            'To be Published' 
_citation.journal_volume            ? 
_citation.page_first                ? 
_citation.page_last                 ? 
_citation.year                      ? 
_citation.journal_id_ASTM           ? 
_citation.country                   ? 
_citation.journal_id_ISSN           ? 
_citation.journal_id_CSD            0353 
_citation.book_publisher            ? 
_citation.pdbx_database_id_PubMed   ? 
_citation.pdbx_database_id_DOI      ? 
# 
loop_
_citation_author.citation_id 
_citation_author.name 
_citation_author.ordinal 
_citation_author.identifier_ORCID 
primary 'Patskovsky, Y.' 1 ?                   
primary 'Ozyurt, S.'     2 ?                   
primary 'Dickey, M.'     3 ?                   
primary 'Hu, S.'         4 ?                   
primary 'Bain, K.'       5 ?                   
primary 'Wasserman, S.'  6 ?                   
primary 'Sauder, J.M.'   7 ?                   
primary 'Burley, S.K.'   8 0000-0002-2487-9713 
primary 'Almo, S.C.'     9 ?                   
# 
loop_
_entity.id 
_entity.type 
_entity.src_method 
_entity.pdbx_description 
_entity.formula_weight 
_entity.pdbx_number_of_molecules 
_entity.pdbx_ec 
_entity.pdbx_mutation 
_entity.pdbx_fragment 
_entity.details 
1 polymer     man 'Ribosomal RNA large subunit methyltransferase J' 22104.369 1   2.1.1.- ? 'C terminal segment, residues 17-196' 
? 
2 non-polymer syn S-ADENOSYLMETHIONINE                              398.437   1   ?       ? ?                                     
? 
3 water       nat water                                             18.015    152 ?       ? ?                                     
? 
# 
_entity_name_com.entity_id   1 
_entity_name_com.name        
;rRNA (uridine-2'-O-)-methyltransferase, 23S rRNA m2U2552 methyltransferase
;
# 
_entity_poly.entity_id                      1 
_entity_poly.type                           'polypeptide(L)' 
_entity_poly.nstd_linkage                   no 
_entity_poly.nstd_monomer                   yes 
_entity_poly.pdbx_seq_one_letter_code       
;(MSE)SLQLRSRAAFKLEFLLDRYRVVRKGDAVIEIGSSPGGWTQVLNSLARKIISIDLQE(MSE)EEIAGVRFIRCDIF
KETIFDDIDRALREEGIEKVDDVVSDA(MSE)AKVSGIPSRDHAVSYQIGQRV(MSE)EIAVRYLRNGGNVLLKQFQGD
(MSE)TNDFIAIWRKNFSSYKISKPPASRGSSSEIYI(MSE)FFGFKAEGHHHHHH
;
_entity_poly.pdbx_seq_one_letter_code_can   
;MSLQLRSRAAFKLEFLLDRYRVVRKGDAVIEIGSSPGGWTQVLNSLARKIISIDLQEMEEIAGVRFIRCDIFKETIFDDI
DRALREEGIEKVDDVVSDAMAKVSGIPSRDHAVSYQIGQRVMEIAVRYLRNGGNVLLKQFQGDMTNDFIAIWRKNFSSYK
ISKPPASRGSSSEIYIMFFGFKAEGHHHHHH
;
_entity_poly.pdbx_strand_id                 A 
_entity_poly.pdbx_target_identifier         NYSGXRC-11117o 
# 
loop_
_pdbx_entity_nonpoly.entity_id 
_pdbx_entity_nonpoly.name 
_pdbx_entity_nonpoly.comp_id 
2 S-ADENOSYLMETHIONINE SAM 
3 water                HOH 
# 
loop_
_entity_poly_seq.entity_id 
_entity_poly_seq.num 
_entity_poly_seq.mon_id 
_entity_poly_seq.hetero 
1 1   MSE n 
1 2   SER n 
1 3   LEU n 
1 4   GLN n 
1 5   LEU n 
1 6   ARG n 
1 7   SER n 
1 8   ARG n 
1 9   ALA n 
1 10  ALA n 
1 11  PHE n 
1 12  LYS n 
1 13  LEU n 
1 14  GLU n 
1 15  PHE n 
1 16  LEU n 
1 17  LEU n 
1 18  ASP n 
1 19  ARG n 
1 20  TYR n 
1 21  ARG n 
1 22  VAL n 
1 23  VAL n 
1 24  ARG n 
1 25  LYS n 
1 26  GLY n 
1 27  ASP n 
1 28  ALA n 
1 29  VAL n 
1 30  ILE n 
1 31  GLU n 
1 32  ILE n 
1 33  GLY n 
1 34  SER n 
1 35  SER n 
1 36  PRO n 
1 37  GLY n 
1 38  GLY n 
1 39  TRP n 
1 40  THR n 
1 41  GLN n 
1 42  VAL n 
1 43  LEU n 
1 44  ASN n 
1 45  SER n 
1 46  LEU n 
1 47  ALA n 
1 48  ARG n 
1 49  LYS n 
1 50  ILE n 
1 51  ILE n 
1 52  SER n 
1 53  ILE n 
1 54  ASP n 
1 55  LEU n 
1 56  GLN n 
1 57  GLU n 
1 58  MSE n 
1 59  GLU n 
1 60  GLU n 
1 61  ILE n 
1 62  ALA n 
1 63  GLY n 
1 64  VAL n 
1 65  ARG n 
1 66  PHE n 
1 67  ILE n 
1 68  ARG n 
1 69  CYS n 
1 70  ASP n 
1 71  ILE n 
1 72  PHE n 
1 73  LYS n 
1 74  GLU n 
1 75  THR n 
1 76  ILE n 
1 77  PHE n 
1 78  ASP n 
1 79  ASP n 
1 80  ILE n 
1 81  ASP n 
1 82  ARG n 
1 83  ALA n 
1 84  LEU n 
1 85  ARG n 
1 86  GLU n 
1 87  GLU n 
1 88  GLY n 
1 89  ILE n 
1 90  GLU n 
1 91  LYS n 
1 92  VAL n 
1 93  ASP n 
1 94  ASP n 
1 95  VAL n 
1 96  VAL n 
1 97  SER n 
1 98  ASP n 
1 99  ALA n 
1 100 MSE n 
1 101 ALA n 
1 102 LYS n 
1 103 VAL n 
1 104 SER n 
1 105 GLY n 
1 106 ILE n 
1 107 PRO n 
1 108 SER n 
1 109 ARG n 
1 110 ASP n 
1 111 HIS n 
1 112 ALA n 
1 113 VAL n 
1 114 SER n 
1 115 TYR n 
1 116 GLN n 
1 117 ILE n 
1 118 GLY n 
1 119 GLN n 
1 120 ARG n 
1 121 VAL n 
1 122 MSE n 
1 123 GLU n 
1 124 ILE n 
1 125 ALA n 
1 126 VAL n 
1 127 ARG n 
1 128 TYR n 
1 129 LEU n 
1 130 ARG n 
1 131 ASN n 
1 132 GLY n 
1 133 GLY n 
1 134 ASN n 
1 135 VAL n 
1 136 LEU n 
1 137 LEU n 
1 138 LYS n 
1 139 GLN n 
1 140 PHE n 
1 141 GLN n 
1 142 GLY n 
1 143 ASP n 
1 144 MSE n 
1 145 THR n 
1 146 ASN n 
1 147 ASP n 
1 148 PHE n 
1 149 ILE n 
1 150 ALA n 
1 151 ILE n 
1 152 TRP n 
1 153 ARG n 
1 154 LYS n 
1 155 ASN n 
1 156 PHE n 
1 157 SER n 
1 158 SER n 
1 159 TYR n 
1 160 LYS n 
1 161 ILE n 
1 162 SER n 
1 163 LYS n 
1 164 PRO n 
1 165 PRO n 
1 166 ALA n 
1 167 SER n 
1 168 ARG n 
1 169 GLY n 
1 170 SER n 
1 171 SER n 
1 172 SER n 
1 173 GLU n 
1 174 ILE n 
1 175 TYR n 
1 176 ILE n 
1 177 MSE n 
1 178 PHE n 
1 179 PHE n 
1 180 GLY n 
1 181 PHE n 
1 182 LYS n 
1 183 ALA n 
1 184 GLU n 
1 185 GLY n 
1 186 HIS n 
1 187 HIS n 
1 188 HIS n 
1 189 HIS n 
1 190 HIS n 
1 191 HIS n 
# 
_entity_src_gen.entity_id                          1 
_entity_src_gen.pdbx_src_id                        1 
_entity_src_gen.pdbx_alt_source_flag               sample 
_entity_src_gen.pdbx_seq_type                      ? 
_entity_src_gen.pdbx_beg_seq_num                   ? 
_entity_src_gen.pdbx_end_seq_num                   ? 
_entity_src_gen.gene_src_common_name               ? 
_entity_src_gen.gene_src_genus                     ? 
_entity_src_gen.pdbx_gene_src_gene                 'rrmJ, TV0292, TVG0303954' 
_entity_src_gen.gene_src_species                   ? 
_entity_src_gen.gene_src_strain                    GSS1 
_entity_src_gen.gene_src_tissue                    ? 
_entity_src_gen.gene_src_tissue_fraction           ? 
_entity_src_gen.gene_src_details                   ? 
_entity_src_gen.pdbx_gene_src_fragment             ? 
_entity_src_gen.pdbx_gene_src_scientific_name      'Thermoplasma volcanium' 
_entity_src_gen.pdbx_gene_src_ncbi_taxonomy_id     50339 
_entity_src_gen.pdbx_gene_src_variant              ? 
_entity_src_gen.pdbx_gene_src_cell_line            ? 
_entity_src_gen.pdbx_gene_src_atcc                 ? 
_entity_src_gen.pdbx_gene_src_organ                ? 
_entity_src_gen.pdbx_gene_src_organelle            ? 
_entity_src_gen.pdbx_gene_src_cell                 ? 
_entity_src_gen.pdbx_gene_src_cellular_location    ? 
_entity_src_gen.host_org_common_name               ? 
_entity_src_gen.pdbx_host_org_scientific_name      'Escherichia coli' 
_entity_src_gen.pdbx_host_org_ncbi_taxonomy_id     562 
_entity_src_gen.host_org_genus                     ? 
_entity_src_gen.pdbx_host_org_gene                 ? 
_entity_src_gen.pdbx_host_org_organ                ? 
_entity_src_gen.host_org_species                   ? 
_entity_src_gen.pdbx_host_org_tissue               ? 
_entity_src_gen.pdbx_host_org_tissue_fraction      ? 
_entity_src_gen.pdbx_host_org_strain               ? 
_entity_src_gen.pdbx_host_org_variant              ? 
_entity_src_gen.pdbx_host_org_cell_line            ? 
_entity_src_gen.pdbx_host_org_atcc                 ? 
_entity_src_gen.pdbx_host_org_culture_collection   ? 
_entity_src_gen.pdbx_host_org_cell                 ? 
_entity_src_gen.pdbx_host_org_organelle            ? 
_entity_src_gen.pdbx_host_org_cellular_location    ? 
_entity_src_gen.pdbx_host_org_vector_type          ? 
_entity_src_gen.pdbx_host_org_vector               ? 
_entity_src_gen.host_org_details                   ? 
_entity_src_gen.expression_system_id               ? 
_entity_src_gen.plasmid_name                       ? 
_entity_src_gen.plasmid_details                    ? 
_entity_src_gen.pdbx_description                   ? 
# 
loop_
_chem_comp.id 
_chem_comp.type 
_chem_comp.mon_nstd_flag 
_chem_comp.name 
_chem_comp.pdbx_synonyms 
_chem_comp.formula 
_chem_comp.formula_weight 
ALA 'L-peptide linking' y ALANINE              ? 'C3 H7 N O2'      89.093  
ARG 'L-peptide linking' y ARGININE             ? 'C6 H15 N4 O2 1'  175.209 
ASN 'L-peptide linking' y ASPARAGINE           ? 'C4 H8 N2 O3'     132.118 
ASP 'L-peptide linking' y 'ASPARTIC ACID'      ? 'C4 H7 N O4'      133.103 
CYS 'L-peptide linking' y CYSTEINE             ? 'C3 H7 N O2 S'    121.158 
GLN 'L-peptide linking' y GLUTAMINE            ? 'C5 H10 N2 O3'    146.144 
GLU 'L-peptide linking' y 'GLUTAMIC ACID'      ? 'C5 H9 N O4'      147.129 
GLY 'peptide linking'   y GLYCINE              ? 'C2 H5 N O2'      75.067  
HIS 'L-peptide linking' y HISTIDINE            ? 'C6 H10 N3 O2 1'  156.162 
HOH non-polymer         . WATER                ? 'H2 O'            18.015  
ILE 'L-peptide linking' y ISOLEUCINE           ? 'C6 H13 N O2'     131.173 
LEU 'L-peptide linking' y LEUCINE              ? 'C6 H13 N O2'     131.173 
LYS 'L-peptide linking' y LYSINE               ? 'C6 H15 N2 O2 1'  147.195 
MSE 'L-peptide linking' n SELENOMETHIONINE     ? 'C5 H11 N O2 Se'  196.106 
PHE 'L-peptide linking' y PHENYLALANINE        ? 'C9 H11 N O2'     165.189 
PRO 'L-peptide linking' y PROLINE              ? 'C5 H9 N O2'      115.130 
SAM non-polymer         . S-ADENOSYLMETHIONINE ? 'C15 H22 N6 O5 S' 398.437 
SER 'L-peptide linking' y SERINE               ? 'C3 H7 N O3'      105.093 
THR 'L-peptide linking' y THREONINE            ? 'C4 H9 N O3'      119.119 
TRP 'L-peptide linking' y TRYPTOPHAN           ? 'C11 H12 N2 O2'   204.225 
TYR 'L-peptide linking' y TYROSINE             ? 'C9 H11 N O3'     181.189 
VAL 'L-peptide linking' y VALINE               ? 'C5 H11 N O2'     117.146 
# 
loop_
_pdbx_poly_seq_scheme.asym_id 
_pdbx_poly_seq_scheme.entity_id 
_pdbx_poly_seq_scheme.seq_id 
_pdbx_poly_seq_scheme.mon_id 
_pdbx_poly_seq_scheme.ndb_seq_num 
_pdbx_poly_seq_scheme.pdb_seq_num 
_pdbx_poly_seq_scheme.auth_seq_num 
_pdbx_poly_seq_scheme.pdb_mon_id 
_pdbx_poly_seq_scheme.auth_mon_id 
_pdbx_poly_seq_scheme.pdb_strand_id 
_pdbx_poly_seq_scheme.pdb_ins_code 
_pdbx_poly_seq_scheme.hetero 
A 1 1   MSE 1   14  ?   ?   ?   A . n 
A 1 2   SER 2   15  ?   ?   ?   A . n 
A 1 3   LEU 3   16  ?   ?   ?   A . n 
A 1 4   GLN 4   17  17  GLN GLN A . n 
A 1 5   LEU 5   18  18  LEU LEU A . n 
A 1 6   ARG 6   19  19  ARG ARG A . n 
A 1 7   SER 7   20  20  SER SER A . n 
A 1 8   ARG 8   21  21  ARG ARG A . n 
A 1 9   ALA 9   22  22  ALA ALA A . n 
A 1 10  ALA 10  23  23  ALA ALA A . n 
A 1 11  PHE 11  24  24  PHE PHE A . n 
A 1 12  LYS 12  25  25  LYS LYS A . n 
A 1 13  LEU 13  26  26  LEU LEU A . n 
A 1 14  GLU 14  27  27  GLU GLU A . n 
A 1 15  PHE 15  28  28  PHE PHE A . n 
A 1 16  LEU 16  29  29  LEU LEU A . n 
A 1 17  LEU 17  30  30  LEU LEU A . n 
A 1 18  ASP 18  31  31  ASP ASP A . n 
A 1 19  ARG 19  32  32  ARG ARG A . n 
A 1 20  TYR 20  33  33  TYR TYR A . n 
A 1 21  ARG 21  34  34  ARG ARG A . n 
A 1 22  VAL 22  35  35  VAL VAL A . n 
A 1 23  VAL 23  36  36  VAL VAL A . n 
A 1 24  ARG 24  37  37  ARG ARG A . n 
A 1 25  LYS 25  38  38  LYS LYS A . n 
A 1 26  GLY 26  39  39  GLY GLY A . n 
A 1 27  ASP 27  40  40  ASP ASP A . n 
A 1 28  ALA 28  41  41  ALA ALA A . n 
A 1 29  VAL 29  42  42  VAL VAL A . n 
A 1 30  ILE 30  43  43  ILE ILE A . n 
A 1 31  GLU 31  44  44  GLU GLU A . n 
A 1 32  ILE 32  45  45  ILE ILE A . n 
A 1 33  GLY 33  46  46  GLY GLY A . n 
A 1 34  SER 34  47  47  SER SER A . n 
A 1 35  SER 35  48  48  SER SER A . n 
A 1 36  PRO 36  49  49  PRO PRO A . n 
A 1 37  GLY 37  50  50  GLY GLY A . n 
A 1 38  GLY 38  51  51  GLY GLY A . n 
A 1 39  TRP 39  52  52  TRP TRP A . n 
A 1 40  THR 40  53  53  THR THR A . n 
A 1 41  GLN 41  54  54  GLN GLN A . n 
A 1 42  VAL 42  55  55  VAL VAL A . n 
A 1 43  LEU 43  56  56  LEU LEU A . n 
A 1 44  ASN 44  57  57  ASN ASN A . n 
A 1 45  SER 45  58  58  SER SER A . n 
A 1 46  LEU 46  59  59  LEU LEU A . n 
A 1 47  ALA 47  60  60  ALA ALA A . n 
A 1 48  ARG 48  61  61  ARG ARG A . n 
A 1 49  LYS 49  62  62  LYS LYS A . n 
A 1 50  ILE 50  63  63  ILE ILE A . n 
A 1 51  ILE 51  64  64  ILE ILE A . n 
A 1 52  SER 52  65  65  SER SER A . n 
A 1 53  ILE 53  66  66  ILE ILE A . n 
A 1 54  ASP 54  67  67  ASP ASP A . n 
A 1 55  LEU 55  68  68  LEU LEU A . n 
A 1 56  GLN 56  69  69  GLN GLN A . n 
A 1 57  GLU 57  70  70  GLU GLU A . n 
A 1 58  MSE 58  71  71  MSE MSE A . n 
A 1 59  GLU 59  72  72  GLU GLU A . n 
A 1 60  GLU 60  73  73  GLU GLU A . n 
A 1 61  ILE 61  74  74  ILE ILE A . n 
A 1 62  ALA 62  75  75  ALA ALA A . n 
A 1 63  GLY 63  76  76  GLY GLY A . n 
A 1 64  VAL 64  77  77  VAL VAL A . n 
A 1 65  ARG 65  78  78  ARG ARG A . n 
A 1 66  PHE 66  79  79  PHE PHE A . n 
A 1 67  ILE 67  80  80  ILE ILE A . n 
A 1 68  ARG 68  81  81  ARG ARG A . n 
A 1 69  CYS 69  82  82  CYS CYS A . n 
A 1 70  ASP 70  83  83  ASP ASP A . n 
A 1 71  ILE 71  84  84  ILE ILE A . n 
A 1 72  PHE 72  85  85  PHE PHE A . n 
A 1 73  LYS 73  86  86  LYS LYS A . n 
A 1 74  GLU 74  87  87  GLU GLU A . n 
A 1 75  THR 75  88  88  THR THR A . n 
A 1 76  ILE 76  89  89  ILE ILE A . n 
A 1 77  PHE 77  90  90  PHE PHE A . n 
A 1 78  ASP 78  91  91  ASP ASP A . n 
A 1 79  ASP 79  92  92  ASP ASP A . n 
A 1 80  ILE 80  93  93  ILE ILE A . n 
A 1 81  ASP 81  94  94  ASP ASP A . n 
A 1 82  ARG 82  95  95  ARG ARG A . n 
A 1 83  ALA 83  96  96  ALA ALA A . n 
A 1 84  LEU 84  97  97  LEU LEU A . n 
A 1 85  ARG 85  98  98  ARG ARG A . n 
A 1 86  GLU 86  99  99  GLU GLU A . n 
A 1 87  GLU 87  100 100 GLU GLU A . n 
A 1 88  GLY 88  101 101 GLY GLY A . n 
A 1 89  ILE 89  102 102 ILE ILE A . n 
A 1 90  GLU 90  103 103 GLU GLU A . n 
A 1 91  LYS 91  104 104 LYS LYS A . n 
A 1 92  VAL 92  105 105 VAL VAL A . n 
A 1 93  ASP 93  106 106 ASP ASP A . n 
A 1 94  ASP 94  107 107 ASP ASP A . n 
A 1 95  VAL 95  108 108 VAL VAL A . n 
A 1 96  VAL 96  109 109 VAL VAL A . n 
A 1 97  SER 97  110 110 SER SER A . n 
A 1 98  ASP 98  111 111 ASP ASP A . n 
A 1 99  ALA 99  112 112 ALA ALA A . n 
A 1 100 MSE 100 113 113 MSE MSE A . n 
A 1 101 ALA 101 114 114 ALA ALA A . n 
A 1 102 LYS 102 115 115 LYS LYS A . n 
A 1 103 VAL 103 116 116 VAL VAL A . n 
A 1 104 SER 104 117 117 SER SER A . n 
A 1 105 GLY 105 118 118 GLY GLY A . n 
A 1 106 ILE 106 119 119 ILE ILE A . n 
A 1 107 PRO 107 120 120 PRO PRO A . n 
A 1 108 SER 108 121 121 SER SER A . n 
A 1 109 ARG 109 122 122 ARG ARG A . n 
A 1 110 ASP 110 123 123 ASP ASP A . n 
A 1 111 HIS 111 124 124 HIS HIS A . n 
A 1 112 ALA 112 125 125 ALA ALA A . n 
A 1 113 VAL 113 126 126 VAL VAL A . n 
A 1 114 SER 114 127 127 SER SER A . n 
A 1 115 TYR 115 128 128 TYR TYR A . n 
A 1 116 GLN 116 129 129 GLN GLN A . n 
A 1 117 ILE 117 130 130 ILE ILE A . n 
A 1 118 GLY 118 131 131 GLY GLY A . n 
A 1 119 GLN 119 132 132 GLN GLN A . n 
A 1 120 ARG 120 133 133 ARG ARG A . n 
A 1 121 VAL 121 134 134 VAL VAL A . n 
A 1 122 MSE 122 135 135 MSE MSE A . n 
A 1 123 GLU 123 136 136 GLU GLU A . n 
A 1 124 ILE 124 137 137 ILE ILE A . n 
A 1 125 ALA 125 138 138 ALA ALA A . n 
A 1 126 VAL 126 139 139 VAL VAL A . n 
A 1 127 ARG 127 140 140 ARG ARG A . n 
A 1 128 TYR 128 141 141 TYR TYR A . n 
A 1 129 LEU 129 142 142 LEU LEU A . n 
A 1 130 ARG 130 143 143 ARG ARG A . n 
A 1 131 ASN 131 144 144 ASN ASN A . n 
A 1 132 GLY 132 145 145 GLY GLY A . n 
A 1 133 GLY 133 146 146 GLY GLY A . n 
A 1 134 ASN 134 147 147 ASN ASN A . n 
A 1 135 VAL 135 148 148 VAL VAL A . n 
A 1 136 LEU 136 149 149 LEU LEU A . n 
A 1 137 LEU 137 150 150 LEU LEU A . n 
A 1 138 LYS 138 151 151 LYS LYS A . n 
A 1 139 GLN 139 152 152 GLN GLN A . n 
A 1 140 PHE 140 153 153 PHE PHE A . n 
A 1 141 GLN 141 154 154 GLN GLN A . n 
A 1 142 GLY 142 155 155 GLY GLY A . n 
A 1 143 ASP 143 156 156 ASP ASP A . n 
A 1 144 MSE 144 157 157 MSE MSE A . n 
A 1 145 THR 145 158 158 THR THR A . n 
A 1 146 ASN 146 159 159 ASN ASN A . n 
A 1 147 ASP 147 160 160 ASP ASP A . n 
A 1 148 PHE 148 161 161 PHE PHE A . n 
A 1 149 ILE 149 162 162 ILE ILE A . n 
A 1 150 ALA 150 163 163 ALA ALA A . n 
A 1 151 ILE 151 164 164 ILE ILE A . n 
A 1 152 TRP 152 165 165 TRP TRP A . n 
A 1 153 ARG 153 166 166 ARG ARG A . n 
A 1 154 LYS 154 167 167 LYS LYS A . n 
A 1 155 ASN 155 168 168 ASN ASN A . n 
A 1 156 PHE 156 169 169 PHE PHE A . n 
A 1 157 SER 157 170 170 SER SER A . n 
A 1 158 SER 158 171 171 SER SER A . n 
A 1 159 TYR 159 172 172 TYR TYR A . n 
A 1 160 LYS 160 173 173 LYS LYS A . n 
A 1 161 ILE 161 174 174 ILE ILE A . n 
A 1 162 SER 162 175 175 SER SER A . n 
A 1 163 LYS 163 176 176 LYS LYS A . n 
A 1 164 PRO 164 177 177 PRO PRO A . n 
A 1 165 PRO 165 178 ?   ?   ?   A . n 
A 1 166 ALA 166 179 ?   ?   ?   A . n 
A 1 167 SER 167 180 ?   ?   ?   A . n 
A 1 168 ARG 168 181 ?   ?   ?   A . n 
A 1 169 GLY 169 182 ?   ?   ?   A . n 
A 1 170 SER 170 183 ?   ?   ?   A . n 
A 1 171 SER 171 184 184 SER SER A . n 
A 1 172 SER 172 185 185 SER SER A . n 
A 1 173 GLU 173 186 186 GLU GLU A . n 
A 1 174 ILE 174 187 187 ILE ILE A . n 
A 1 175 TYR 175 188 188 TYR TYR A . n 
A 1 176 ILE 176 189 189 ILE ILE A . n 
A 1 177 MSE 177 190 190 MSE MSE A . n 
A 1 178 PHE 178 191 191 PHE PHE A . n 
A 1 179 PHE 179 192 192 PHE PHE A . n 
A 1 180 GLY 180 193 193 GLY GLY A . n 
A 1 181 PHE 181 194 194 PHE PHE A . n 
A 1 182 LYS 182 195 195 LYS LYS A . n 
A 1 183 ALA 183 196 196 ALA ALA A . n 
A 1 184 GLU 184 197 197 GLU GLU A . n 
A 1 185 GLY 185 198 ?   ?   ?   A . n 
A 1 186 HIS 186 199 ?   ?   ?   A . n 
A 1 187 HIS 187 200 ?   ?   ?   A . n 
A 1 188 HIS 188 201 ?   ?   ?   A . n 
A 1 189 HIS 189 202 ?   ?   ?   A . n 
A 1 190 HIS 190 203 ?   ?   ?   A . n 
A 1 191 HIS 191 204 ?   ?   ?   A . n 
# 
loop_
_pdbx_nonpoly_scheme.asym_id 
_pdbx_nonpoly_scheme.entity_id 
_pdbx_nonpoly_scheme.mon_id 
_pdbx_nonpoly_scheme.ndb_seq_num 
_pdbx_nonpoly_scheme.pdb_seq_num 
_pdbx_nonpoly_scheme.auth_seq_num 
_pdbx_nonpoly_scheme.pdb_mon_id 
_pdbx_nonpoly_scheme.auth_mon_id 
_pdbx_nonpoly_scheme.pdb_strand_id 
_pdbx_nonpoly_scheme.pdb_ins_code 
B 2 SAM 1   1   1   SAM SAM A . 
C 3 HOH 1   205 1   HOH HOH A . 
C 3 HOH 2   206 2   HOH HOH A . 
C 3 HOH 3   207 3   HOH HOH A . 
C 3 HOH 4   208 4   HOH HOH A . 
C 3 HOH 5   209 7   HOH HOH A . 
C 3 HOH 6   210 10  HOH HOH A . 
C 3 HOH 7   211 11  HOH HOH A . 
C 3 HOH 8   212 12  HOH HOH A . 
C 3 HOH 9   213 15  HOH HOH A . 
C 3 HOH 10  214 17  HOH HOH A . 
C 3 HOH 11  215 18  HOH HOH A . 
C 3 HOH 12  216 19  HOH HOH A . 
C 3 HOH 13  217 20  HOH HOH A . 
C 3 HOH 14  218 22  HOH HOH A . 
C 3 HOH 15  219 23  HOH HOH A . 
C 3 HOH 16  220 24  HOH HOH A . 
C 3 HOH 17  221 26  HOH HOH A . 
C 3 HOH 18  222 27  HOH HOH A . 
C 3 HOH 19  223 28  HOH HOH A . 
C 3 HOH 20  224 29  HOH HOH A . 
C 3 HOH 21  225 30  HOH HOH A . 
C 3 HOH 22  226 31  HOH HOH A . 
C 3 HOH 23  227 32  HOH HOH A . 
C 3 HOH 24  228 33  HOH HOH A . 
C 3 HOH 25  229 34  HOH HOH A . 
C 3 HOH 26  230 35  HOH HOH A . 
C 3 HOH 27  231 36  HOH HOH A . 
C 3 HOH 28  232 37  HOH HOH A . 
C 3 HOH 29  233 40  HOH HOH A . 
C 3 HOH 30  234 41  HOH HOH A . 
C 3 HOH 31  235 42  HOH HOH A . 
C 3 HOH 32  236 43  HOH HOH A . 
C 3 HOH 33  237 44  HOH HOH A . 
C 3 HOH 34  238 45  HOH HOH A . 
C 3 HOH 35  239 46  HOH HOH A . 
C 3 HOH 36  240 47  HOH HOH A . 
C 3 HOH 37  241 48  HOH HOH A . 
C 3 HOH 38  242 49  HOH HOH A . 
C 3 HOH 39  243 50  HOH HOH A . 
C 3 HOH 40  244 51  HOH HOH A . 
C 3 HOH 41  245 52  HOH HOH A . 
C 3 HOH 42  246 55  HOH HOH A . 
C 3 HOH 43  247 56  HOH HOH A . 
C 3 HOH 44  248 57  HOH HOH A . 
C 3 HOH 45  249 58  HOH HOH A . 
C 3 HOH 46  250 59  HOH HOH A . 
C 3 HOH 47  251 60  HOH HOH A . 
C 3 HOH 48  252 61  HOH HOH A . 
C 3 HOH 49  253 62  HOH HOH A . 
C 3 HOH 50  254 63  HOH HOH A . 
C 3 HOH 51  255 65  HOH HOH A . 
C 3 HOH 52  256 66  HOH HOH A . 
C 3 HOH 53  257 67  HOH HOH A . 
C 3 HOH 54  258 68  HOH HOH A . 
C 3 HOH 55  259 69  HOH HOH A . 
C 3 HOH 56  260 70  HOH HOH A . 
C 3 HOH 57  261 71  HOH HOH A . 
C 3 HOH 58  262 72  HOH HOH A . 
C 3 HOH 59  263 73  HOH HOH A . 
C 3 HOH 60  264 74  HOH HOH A . 
C 3 HOH 61  265 75  HOH HOH A . 
C 3 HOH 62  266 76  HOH HOH A . 
C 3 HOH 63  267 77  HOH HOH A . 
C 3 HOH 64  268 79  HOH HOH A . 
C 3 HOH 65  269 80  HOH HOH A . 
C 3 HOH 66  270 81  HOH HOH A . 
C 3 HOH 67  271 82  HOH HOH A . 
C 3 HOH 68  272 83  HOH HOH A . 
C 3 HOH 69  273 86  HOH HOH A . 
C 3 HOH 70  274 87  HOH HOH A . 
C 3 HOH 71  275 88  HOH HOH A . 
C 3 HOH 72  276 91  HOH HOH A . 
C 3 HOH 73  277 92  HOH HOH A . 
C 3 HOH 74  278 93  HOH HOH A . 
C 3 HOH 75  279 95  HOH HOH A . 
C 3 HOH 76  280 96  HOH HOH A . 
C 3 HOH 77  281 97  HOH HOH A . 
C 3 HOH 78  282 98  HOH HOH A . 
C 3 HOH 79  283 99  HOH HOH A . 
C 3 HOH 80  284 101 HOH HOH A . 
C 3 HOH 81  285 102 HOH HOH A . 
C 3 HOH 82  286 103 HOH HOH A . 
C 3 HOH 83  287 105 HOH HOH A . 
C 3 HOH 84  288 106 HOH HOH A . 
C 3 HOH 85  289 107 HOH HOH A . 
C 3 HOH 86  290 110 HOH HOH A . 
C 3 HOH 87  291 111 HOH HOH A . 
C 3 HOH 88  292 113 HOH HOH A . 
C 3 HOH 89  293 114 HOH HOH A . 
C 3 HOH 90  294 115 HOH HOH A . 
C 3 HOH 91  295 116 HOH HOH A . 
C 3 HOH 92  296 117 HOH HOH A . 
C 3 HOH 93  297 118 HOH HOH A . 
C 3 HOH 94  298 119 HOH HOH A . 
C 3 HOH 95  299 120 HOH HOH A . 
C 3 HOH 96  300 121 HOH HOH A . 
C 3 HOH 97  301 122 HOH HOH A . 
C 3 HOH 98  302 123 HOH HOH A . 
C 3 HOH 99  303 125 HOH HOH A . 
C 3 HOH 100 304 126 HOH HOH A . 
C 3 HOH 101 305 128 HOH HOH A . 
C 3 HOH 102 306 129 HOH HOH A . 
C 3 HOH 103 307 131 HOH HOH A . 
C 3 HOH 104 308 133 HOH HOH A . 
C 3 HOH 105 309 135 HOH HOH A . 
C 3 HOH 106 310 137 HOH HOH A . 
C 3 HOH 107 311 139 HOH HOH A . 
C 3 HOH 108 312 141 HOH HOH A . 
C 3 HOH 109 313 142 HOH HOH A . 
C 3 HOH 110 314 143 HOH HOH A . 
C 3 HOH 111 315 144 HOH HOH A . 
C 3 HOH 112 316 145 HOH HOH A . 
C 3 HOH 113 317 147 HOH HOH A . 
C 3 HOH 114 318 151 HOH HOH A . 
C 3 HOH 115 319 154 HOH HOH A . 
C 3 HOH 116 320 155 HOH HOH A . 
C 3 HOH 117 321 159 HOH HOH A . 
C 3 HOH 118 322 160 HOH HOH A . 
C 3 HOH 119 323 161 HOH HOH A . 
C 3 HOH 120 324 162 HOH HOH A . 
C 3 HOH 121 325 163 HOH HOH A . 
C 3 HOH 122 326 164 HOH HOH A . 
C 3 HOH 123 327 165 HOH HOH A . 
C 3 HOH 124 328 167 HOH HOH A . 
C 3 HOH 125 329 168 HOH HOH A . 
C 3 HOH 126 330 169 HOH HOH A . 
C 3 HOH 127 331 171 HOH HOH A . 
C 3 HOH 128 332 172 HOH HOH A . 
C 3 HOH 129 333 173 HOH HOH A . 
C 3 HOH 130 334 174 HOH HOH A . 
C 3 HOH 131 335 175 HOH HOH A . 
C 3 HOH 132 336 176 HOH HOH A . 
C 3 HOH 133 337 177 HOH HOH A . 
C 3 HOH 134 338 178 HOH HOH A . 
C 3 HOH 135 339 179 HOH HOH A . 
C 3 HOH 136 340 180 HOH HOH A . 
C 3 HOH 137 341 181 HOH HOH A . 
C 3 HOH 138 342 182 HOH HOH A . 
C 3 HOH 139 343 183 HOH HOH A . 
C 3 HOH 140 344 184 HOH HOH A . 
C 3 HOH 141 345 185 HOH HOH A . 
C 3 HOH 142 346 186 HOH HOH A . 
C 3 HOH 143 347 187 HOH HOH A . 
C 3 HOH 144 348 188 HOH HOH A . 
C 3 HOH 145 349 189 HOH HOH A . 
C 3 HOH 146 350 190 HOH HOH A . 
C 3 HOH 147 351 191 HOH HOH A . 
C 3 HOH 148 352 192 HOH HOH A . 
C 3 HOH 149 353 193 HOH HOH A . 
C 3 HOH 150 354 194 HOH HOH A . 
C 3 HOH 151 355 195 HOH HOH A . 
C 3 HOH 152 356 196 HOH HOH A . 
# 
loop_
_software.name 
_software.classification 
_software.version 
_software.citation_id 
_software.pdbx_ordinal 
SHELXD   phasing          .        ? 1 
REFMAC   refinement       5.2.0019 ? 2 
HKL-2000 'data reduction' .        ? 3 
HKL-2000 'data scaling'   .        ? 4 
# 
_cell.entry_id           3DOU 
_cell.length_a           64.620 
_cell.length_b           50.053 
_cell.length_c           56.457 
_cell.angle_alpha        90.00 
_cell.angle_beta         108.08 
_cell.angle_gamma        90.00 
_cell.Z_PDB              4 
_cell.pdbx_unique_axis   ? 
_cell.length_a_esd       ? 
_cell.length_b_esd       ? 
_cell.length_c_esd       ? 
_cell.angle_alpha_esd    ? 
_cell.angle_beta_esd     ? 
_cell.angle_gamma_esd    ? 
# 
_symmetry.entry_id                         3DOU 
_symmetry.space_group_name_H-M             'C 1 2 1' 
_symmetry.pdbx_full_space_group_name_H-M   ? 
_symmetry.cell_setting                     ? 
_symmetry.Int_Tables_number                5 
_symmetry.space_group_name_Hall            ? 
# 
_exptl.entry_id          3DOU 
_exptl.method            'X-RAY DIFFRACTION' 
_exptl.crystals_number   1 
# 
_exptl_crystal.id                    1 
_exptl_crystal.density_meas          ? 
_exptl_crystal.density_Matthews      1.99 
_exptl_crystal.density_percent_sol   38.28 
_exptl_crystal.description           ? 
_exptl_crystal.F_000                 ? 
_exptl_crystal.preparation           ? 
# 
_exptl_crystal_grow.crystal_id      1 
_exptl_crystal_grow.method          'VAPOR DIFFUSION' 
_exptl_crystal_grow.temp            ? 
_exptl_crystal_grow.temp_details    ? 
_exptl_crystal_grow.pH              7.50 
_exptl_crystal_grow.pdbx_details    '100MM HEPES,PH 7.5, 20% PEG3350, 10% GLYCEROL, VAPOR DIFFUSION, TEMPERATURE 298K, pH 7.50' 
_exptl_crystal_grow.pdbx_pH_range   . 
# 
_diffrn.id                     1 
_diffrn.ambient_temp           77.0 
_diffrn.ambient_temp_details   ? 
_diffrn.crystal_id             1 
# 
_diffrn_detector.diffrn_id              1 
_diffrn_detector.detector               CCD 
_diffrn_detector.type                   'MAR CCD 165 mm' 
_diffrn_detector.pdbx_collection_date   2007-06-27 
_diffrn_detector.details                ? 
# 
_diffrn_radiation.diffrn_id                        1 
_diffrn_radiation.wavelength_id                    1 
_diffrn_radiation.pdbx_monochromatic_or_laue_m_l   M 
_diffrn_radiation.monochromator                    DIAMOND 
_diffrn_radiation.pdbx_diffrn_protocol             'SINGLE WAVELENGTH' 
_diffrn_radiation.pdbx_scattering_type             x-ray 
# 
_diffrn_radiation_wavelength.id           1 
_diffrn_radiation_wavelength.wavelength   0.9793 
_diffrn_radiation_wavelength.wt           1.0 
# 
_diffrn_source.diffrn_id                   1 
_diffrn_source.source                      SYNCHROTRON 
_diffrn_source.type                        'APS BEAMLINE 31-ID' 
_diffrn_source.pdbx_synchrotron_site       APS 
_diffrn_source.pdbx_synchrotron_beamline   31-ID 
_diffrn_source.pdbx_wavelength             0.9793 
_diffrn_source.pdbx_wavelength_list        ? 
# 
_reflns.entry_id                     3DOU 
_reflns.observed_criterion_sigma_I   -5.000 
_reflns.observed_criterion_sigma_F   ? 
_reflns.d_resolution_low             50.000 
_reflns.d_resolution_high            1.450 
_reflns.number_obs                   30605 
_reflns.number_all                   ? 
_reflns.percent_possible_obs         99.70 
_reflns.pdbx_Rmerge_I_obs            0.062 
_reflns.pdbx_Rsym_value              ? 
_reflns.pdbx_netI_over_sigmaI        5.4000 
_reflns.B_iso_Wilson_estimate        ? 
_reflns.pdbx_redundancy              3.800 
_reflns.R_free_details               ? 
_reflns.limit_h_max                  ? 
_reflns.limit_h_min                  ? 
_reflns.limit_k_max                  ? 
_reflns.limit_k_min                  ? 
_reflns.limit_l_max                  ? 
_reflns.limit_l_min                  ? 
_reflns.observed_criterion_F_max     ? 
_reflns.observed_criterion_F_min     ? 
_reflns.pdbx_chi_squared             ? 
_reflns.pdbx_scaling_rejects         ? 
_reflns.pdbx_diffrn_id               1 
_reflns.pdbx_ordinal                 1 
# 
_reflns_shell.d_res_high             1.45 
_reflns_shell.d_res_low              1.50 
_reflns_shell.percent_possible_all   98.6 
_reflns_shell.Rmerge_I_obs           0.726 
_reflns_shell.pdbx_Rsym_value        ? 
_reflns_shell.meanI_over_sigI_obs    1.200 
_reflns_shell.pdbx_redundancy        3.70 
_reflns_shell.percent_possible_obs   ? 
_reflns_shell.number_unique_all      ? 
_reflns_shell.number_measured_all    ? 
_reflns_shell.number_measured_obs    ? 
_reflns_shell.number_unique_obs      ? 
_reflns_shell.pdbx_chi_squared       ? 
_reflns_shell.pdbx_diffrn_id         ? 
_reflns_shell.pdbx_ordinal           1 
# 
_refine.entry_id                                 3DOU 
_refine.ls_number_reflns_obs                     28898 
_refine.ls_number_reflns_all                     ? 
_refine.pdbx_ls_sigma_I                          ? 
_refine.pdbx_ls_sigma_F                          ? 
_refine.pdbx_data_cutoff_high_absF               ? 
_refine.pdbx_data_cutoff_low_absF                ? 
_refine.pdbx_data_cutoff_high_rms_absF           ? 
_refine.ls_d_res_low                             20.00 
_refine.ls_d_res_high                            1.45 
_refine.ls_percent_reflns_obs                    99.67 
_refine.ls_R_factor_obs                          0.1671 
_refine.ls_R_factor_all                          ? 
_refine.ls_R_factor_R_work                       0.16566 
_refine.ls_R_factor_R_free                       0.19456 
_refine.ls_R_factor_R_free_error                 ? 
_refine.ls_R_factor_R_free_error_details         ? 
_refine.ls_percent_reflns_R_free                 5.1 
_refine.ls_number_reflns_R_free                  1538 
_refine.ls_number_parameters                     ? 
_refine.ls_number_restraints                     ? 
_refine.occupancy_min                            ? 
_refine.occupancy_max                            ? 
_refine.correlation_coeff_Fo_to_Fc               0.971 
_refine.correlation_coeff_Fo_to_Fc_free          0.963 
_refine.B_iso_mean                               20.183 
_refine.aniso_B[1][1]                            0.15 
_refine.aniso_B[2][2]                            0.22 
_refine.aniso_B[3][3]                            -0.34 
_refine.aniso_B[1][2]                            0.00 
_refine.aniso_B[1][3]                            0.05 
_refine.aniso_B[2][3]                            0.00 
_refine.solvent_model_details                    MASK 
_refine.solvent_model_param_ksol                 ? 
_refine.solvent_model_param_bsol                 ? 
_refine.pdbx_solvent_vdw_probe_radii             1.40 
_refine.pdbx_solvent_ion_probe_radii             0.80 
_refine.pdbx_solvent_shrinkage_radii             0.80 
_refine.pdbx_ls_cross_valid_method               THROUGHOUT 
_refine.details                                  'HYDROGENS HAVE BEEN ADDED IN THE RIDING POSITIONS' 
_refine.pdbx_starting_model                      ? 
_refine.pdbx_method_to_determine_struct          SAD 
_refine.pdbx_isotropic_thermal_model             ? 
_refine.pdbx_stereochemistry_target_values       'MAXIMUM LIKELIHOOD' 
_refine.pdbx_stereochem_target_val_spec_case     ? 
_refine.pdbx_R_Free_selection_details            RANDOM 
_refine.pdbx_overall_ESU_R                       0.067 
_refine.pdbx_overall_ESU_R_Free                  0.069 
_refine.overall_SU_ML                            0.042 
_refine.overall_SU_B                             1.053 
_refine.ls_redundancy_reflns_obs                 ? 
_refine.B_iso_min                                ? 
_refine.B_iso_max                                ? 
_refine.overall_SU_R_Cruickshank_DPI             ? 
_refine.overall_SU_R_free                        ? 
_refine.ls_wR_factor_R_free                      ? 
_refine.ls_wR_factor_R_work                      ? 
_refine.overall_FOM_free_R_set                   ? 
_refine.overall_FOM_work_R_set                   ? 
_refine.pdbx_overall_phase_error                 ? 
_refine.pdbx_refine_id                           'X-RAY DIFFRACTION' 
_refine.pdbx_diffrn_id                           1 
_refine.pdbx_TLS_residual_ADP_flag               ? 
_refine.pdbx_overall_SU_R_free_Cruickshank_DPI   ? 
_refine.pdbx_overall_SU_R_Blow_DPI               ? 
_refine.pdbx_overall_SU_R_free_Blow_DPI          ? 
# 
_refine_hist.pdbx_refine_id                   'X-RAY DIFFRACTION' 
_refine_hist.cycle_id                         LAST 
_refine_hist.pdbx_number_atoms_protein        1489 
_refine_hist.pdbx_number_atoms_nucleic_acid   0 
_refine_hist.pdbx_number_atoms_ligand         27 
_refine_hist.number_atoms_solvent             152 
_refine_hist.number_atoms_total               1668 
_refine_hist.d_res_high                       1.45 
_refine_hist.d_res_low                        20.00 
# 
loop_
_refine_ls_restr.type 
_refine_ls_restr.dev_ideal 
_refine_ls_restr.dev_ideal_target 
_refine_ls_restr.weight 
_refine_ls_restr.number 
_refine_ls_restr.pdbx_refine_id 
_refine_ls_restr.pdbx_restraint_function 
r_bond_refined_d             0.012  0.022  ? 1554 'X-RAY DIFFRACTION' ? 
r_bond_other_d               ?      ?      ? ?    'X-RAY DIFFRACTION' ? 
r_angle_refined_deg          1.484  1.979  ? 2109 'X-RAY DIFFRACTION' ? 
r_angle_other_deg            ?      ?      ? ?    'X-RAY DIFFRACTION' ? 
r_dihedral_angle_1_deg       11.629 5.000  ? 203  'X-RAY DIFFRACTION' ? 
r_dihedral_angle_2_deg       34.225 23.117 ? 77   'X-RAY DIFFRACTION' ? 
r_dihedral_angle_3_deg       13.966 15.000 ? 299  'X-RAY DIFFRACTION' ? 
r_dihedral_angle_4_deg       17.248 15.000 ? 17   'X-RAY DIFFRACTION' ? 
r_chiral_restr               0.087  0.200  ? 233  'X-RAY DIFFRACTION' ? 
r_gen_planes_refined         0.006  0.020  ? 1171 'X-RAY DIFFRACTION' ? 
r_gen_planes_other           ?      ?      ? ?    'X-RAY DIFFRACTION' ? 
r_nbd_refined                0.213  0.300  ? 732  'X-RAY DIFFRACTION' ? 
r_nbd_other                  ?      ?      ? ?    'X-RAY DIFFRACTION' ? 
r_nbtor_refined              0.306  0.500  ? 1084 'X-RAY DIFFRACTION' ? 
r_nbtor_other                ?      ?      ? ?    'X-RAY DIFFRACTION' ? 
r_xyhbond_nbd_refined        0.139  0.500  ? 260  'X-RAY DIFFRACTION' ? 
r_xyhbond_nbd_other          ?      ?      ? ?    'X-RAY DIFFRACTION' ? 
r_metal_ion_refined          ?      ?      ? ?    'X-RAY DIFFRACTION' ? 
r_metal_ion_other            ?      ?      ? ?    'X-RAY DIFFRACTION' ? 
r_symmetry_vdw_refined       0.133  0.300  ? 50   'X-RAY DIFFRACTION' ? 
r_symmetry_vdw_other         ?      ?      ? ?    'X-RAY DIFFRACTION' ? 
r_symmetry_hbond_refined     0.165  0.500  ? 25   'X-RAY DIFFRACTION' ? 
r_symmetry_hbond_other       ?      ?      ? ?    'X-RAY DIFFRACTION' ? 
r_symmetry_metal_ion_refined ?      ?      ? ?    'X-RAY DIFFRACTION' ? 
r_symmetry_metal_ion_other   ?      ?      ? ?    'X-RAY DIFFRACTION' ? 
r_mcbond_it                  2.742  2.000  ? 948  'X-RAY DIFFRACTION' ? 
r_mcbond_other               ?      ?      ? ?    'X-RAY DIFFRACTION' ? 
r_mcangle_it                 3.669  3.000  ? 1490 'X-RAY DIFFRACTION' ? 
r_scbond_it                  4.901  3.000  ? 692  'X-RAY DIFFRACTION' ? 
r_scangle_it                 7.454  5.000  ? 603  'X-RAY DIFFRACTION' ? 
r_rigid_bond_restr           ?      ?      ? ?    'X-RAY DIFFRACTION' ? 
r_sphericity_free            ?      ?      ? ?    'X-RAY DIFFRACTION' ? 
r_sphericity_bonded          ?      ?      ? ?    'X-RAY DIFFRACTION' ? 
# 
_refine_ls_shell.pdbx_total_number_of_bins_used   20 
_refine_ls_shell.d_res_high                       1.449 
_refine_ls_shell.d_res_low                        1.487 
_refine_ls_shell.number_reflns_R_work             2115 
_refine_ls_shell.R_factor_R_work                  0.301 
_refine_ls_shell.percent_reflns_obs               98.14 
_refine_ls_shell.R_factor_R_free                  0.335 
_refine_ls_shell.R_factor_R_free_error            ? 
_refine_ls_shell.percent_reflns_R_free            ? 
_refine_ls_shell.number_reflns_R_free             103 
_refine_ls_shell.number_reflns_all                ? 
_refine_ls_shell.R_factor_all                     ? 
_refine_ls_shell.number_reflns_obs                ? 
_refine_ls_shell.redundancy_reflns_obs            ? 
_refine_ls_shell.pdbx_refine_id                   'X-RAY DIFFRACTION' 
# 
_struct.entry_id                  3DOU 
_struct.title                     
'Crystal structure of methyltransferase involved in cell division from thermoplasma volcanicum gss1' 
_struct.pdbx_model_details        ? 
_struct.pdbx_CASP_flag            ? 
_struct.pdbx_model_type_details   ? 
# 
_struct_keywords.entry_id        3DOU 
_struct_keywords.pdbx_keywords   TRANSFERASE 
_struct_keywords.text            
;METHYLTRANSFERASE, CELL DIVISION, STRUCTURAL GENOMICS, PROTEIN STRUCTURE INITIATIVE, PSI, NEW YORK STRUCTURAL GENOMIX RESEARCH CONSORTIUM, NYSGXRC, TRANSFERASE, Cytoplasm, rRNA processing, New York SGX Research Center for Structural Genomics
;
# 
loop_
_struct_asym.id 
_struct_asym.pdbx_blank_PDB_chainid_flag 
_struct_asym.pdbx_modified 
_struct_asym.entity_id 
_struct_asym.details 
A N N 1 ? 
B N N 2 ? 
C N N 3 ? 
# 
_struct_ref.id                         1 
_struct_ref.db_name                    UNP 
_struct_ref.db_code                    RRMJ_THEVO 
_struct_ref.pdbx_db_accession          Q97C13 
_struct_ref.entity_id                  1 
_struct_ref.pdbx_seq_one_letter_code   
;QLRSRAAFKLEFLLDRYRVVRKGDAVIEIGSSPGGWTQVLNSLARKIISIDLQEMEEIAGVRFIRCDIFKETIFDDIDRA
LREEGIEKVDDVVSDAMAKVSGIPSRDHAVSYQIGQRVMEIAVRYLRNGGNVLLKQFQGDMTNDFIAIWRKNFSSYKISK
PPASRGSSSEIYIMFFGFKA
;
_struct_ref.pdbx_align_begin           17 
_struct_ref.pdbx_db_isoform            ? 
# 
_struct_ref_seq.align_id                      1 
_struct_ref_seq.ref_id                        1 
_struct_ref_seq.pdbx_PDB_id_code              3DOU 
_struct_ref_seq.pdbx_strand_id                A 
_struct_ref_seq.seq_align_beg                 4 
_struct_ref_seq.pdbx_seq_align_beg_ins_code   ? 
_struct_ref_seq.seq_align_end                 183 
_struct_ref_seq.pdbx_seq_align_end_ins_code   ? 
_struct_ref_seq.pdbx_db_accession             Q97C13 
_struct_ref_seq.db_align_beg                  17 
_struct_ref_seq.pdbx_db_align_beg_ins_code    ? 
_struct_ref_seq.db_align_end                  196 
_struct_ref_seq.pdbx_db_align_end_ins_code    ? 
_struct_ref_seq.pdbx_auth_seq_align_beg       17 
_struct_ref_seq.pdbx_auth_seq_align_end       196 
# 
loop_
_struct_ref_seq_dif.align_id 
_struct_ref_seq_dif.pdbx_pdb_id_code 
_struct_ref_seq_dif.mon_id 
_struct_ref_seq_dif.pdbx_pdb_strand_id 
_struct_ref_seq_dif.seq_num 
_struct_ref_seq_dif.pdbx_pdb_ins_code 
_struct_ref_seq_dif.pdbx_seq_db_name 
_struct_ref_seq_dif.pdbx_seq_db_accession_code 
_struct_ref_seq_dif.db_mon_id 
_struct_ref_seq_dif.pdbx_seq_db_seq_num 
_struct_ref_seq_dif.details 
_struct_ref_seq_dif.pdbx_auth_seq_num 
_struct_ref_seq_dif.pdbx_ordinal 
1 3DOU MSE A 1   ? UNP Q97C13 ? ? 'expression tag' 14  1  
1 3DOU SER A 2   ? UNP Q97C13 ? ? 'expression tag' 15  2  
1 3DOU LEU A 3   ? UNP Q97C13 ? ? 'expression tag' 16  3  
1 3DOU GLU A 184 ? UNP Q97C13 ? ? 'expression tag' 197 4  
1 3DOU GLY A 185 ? UNP Q97C13 ? ? 'expression tag' 198 5  
1 3DOU HIS A 186 ? UNP Q97C13 ? ? 'expression tag' 199 6  
1 3DOU HIS A 187 ? UNP Q97C13 ? ? 'expression tag' 200 7  
1 3DOU HIS A 188 ? UNP Q97C13 ? ? 'expression tag' 201 8  
1 3DOU HIS A 189 ? UNP Q97C13 ? ? 'expression tag' 202 9  
1 3DOU HIS A 190 ? UNP Q97C13 ? ? 'expression tag' 203 10 
1 3DOU HIS A 191 ? UNP Q97C13 ? ? 'expression tag' 204 11 
# 
_pdbx_struct_assembly.id                   1 
_pdbx_struct_assembly.details              author_and_software_defined_assembly 
_pdbx_struct_assembly.method_details       PISA 
_pdbx_struct_assembly.oligomeric_details   monomeric 
_pdbx_struct_assembly.oligomeric_count     1 
# 
_pdbx_struct_assembly_gen.assembly_id       1 
_pdbx_struct_assembly_gen.oper_expression   1 
_pdbx_struct_assembly_gen.asym_id_list      A,B,C 
# 
_pdbx_struct_oper_list.id                   1 
_pdbx_struct_oper_list.type                 'identity operation' 
_pdbx_struct_oper_list.name                 1_555 
_pdbx_struct_oper_list.symmetry_operation   x,y,z 
_pdbx_struct_oper_list.matrix[1][1]         1.0000000000 
_pdbx_struct_oper_list.matrix[1][2]         0.0000000000 
_pdbx_struct_oper_list.matrix[1][3]         0.0000000000 
_pdbx_struct_oper_list.vector[1]            0.0000000000 
_pdbx_struct_oper_list.matrix[2][1]         0.0000000000 
_pdbx_struct_oper_list.matrix[2][2]         1.0000000000 
_pdbx_struct_oper_list.matrix[2][3]         0.0000000000 
_pdbx_struct_oper_list.vector[2]            0.0000000000 
_pdbx_struct_oper_list.matrix[3][1]         0.0000000000 
_pdbx_struct_oper_list.matrix[3][2]         0.0000000000 
_pdbx_struct_oper_list.matrix[3][3]         1.0000000000 
_pdbx_struct_oper_list.vector[3]            0.0000000000 
# 
loop_
_struct_conf.conf_type_id 
_struct_conf.id 
_struct_conf.pdbx_PDB_helix_id 
_struct_conf.beg_label_comp_id 
_struct_conf.beg_label_asym_id 
_struct_conf.beg_label_seq_id 
_struct_conf.pdbx_beg_PDB_ins_code 
_struct_conf.end_label_comp_id 
_struct_conf.end_label_asym_id 
_struct_conf.end_label_seq_id 
_struct_conf.pdbx_end_PDB_ins_code 
_struct_conf.beg_auth_comp_id 
_struct_conf.beg_auth_asym_id 
_struct_conf.beg_auth_seq_id 
_struct_conf.end_auth_comp_id 
_struct_conf.end_auth_asym_id 
_struct_conf.end_auth_seq_id 
_struct_conf.pdbx_PDB_helix_class 
_struct_conf.details 
_struct_conf.pdbx_PDB_helix_length 
HELX_P HELX_P1 1 SER A 7   ? ARG A 21  ? SER A 20  ARG A 34  1 ? 15 
HELX_P HELX_P2 2 GLY A 37  ? ASN A 44  ? GLY A 50  ASN A 57  1 ? 8  
HELX_P HELX_P3 3 THR A 75  ? GLY A 88  ? THR A 88  GLY A 101 1 ? 14 
HELX_P HELX_P4 4 ILE A 106 ? TYR A 128 ? ILE A 119 TYR A 141 1 ? 23 
HELX_P HELX_P5 5 MSE A 144 ? ARG A 153 ? MSE A 157 ARG A 166 1 ? 10 
# 
_struct_conf_type.id          HELX_P 
_struct_conf_type.criteria    ? 
_struct_conf_type.reference   ? 
# 
loop_
_struct_conn.id 
_struct_conn.conn_type_id 
_struct_conn.pdbx_leaving_atom_flag 
_struct_conn.pdbx_PDB_id 
_struct_conn.ptnr1_label_asym_id 
_struct_conn.ptnr1_label_comp_id 
_struct_conn.ptnr1_label_seq_id 
_struct_conn.ptnr1_label_atom_id 
_struct_conn.pdbx_ptnr1_label_alt_id 
_struct_conn.pdbx_ptnr1_PDB_ins_code 
_struct_conn.pdbx_ptnr1_standard_comp_id 
_struct_conn.ptnr1_symmetry 
_struct_conn.ptnr2_label_asym_id 
_struct_conn.ptnr2_label_comp_id 
_struct_conn.ptnr2_label_seq_id 
_struct_conn.ptnr2_label_atom_id 
_struct_conn.pdbx_ptnr2_label_alt_id 
_struct_conn.pdbx_ptnr2_PDB_ins_code 
_struct_conn.ptnr1_auth_asym_id 
_struct_conn.ptnr1_auth_comp_id 
_struct_conn.ptnr1_auth_seq_id 
_struct_conn.ptnr2_auth_asym_id 
_struct_conn.ptnr2_auth_comp_id 
_struct_conn.ptnr2_auth_seq_id 
_struct_conn.ptnr2_symmetry 
_struct_conn.pdbx_ptnr3_label_atom_id 
_struct_conn.pdbx_ptnr3_label_seq_id 
_struct_conn.pdbx_ptnr3_label_comp_id 
_struct_conn.pdbx_ptnr3_label_asym_id 
_struct_conn.pdbx_ptnr3_label_alt_id 
_struct_conn.pdbx_ptnr3_PDB_ins_code 
_struct_conn.details 
_struct_conn.pdbx_dist_value 
_struct_conn.pdbx_value_order 
_struct_conn.pdbx_role 
covale1  covale both ? A GLU 57  C ? ? ? 1_555 A MSE 58  N ? ? A GLU 70  A MSE 71  1_555 ? ? ? ? ? ? ? 1.324 ? ? 
covale2  covale both ? A MSE 58  C ? ? ? 1_555 A GLU 59  N ? ? A MSE 71  A GLU 72  1_555 ? ? ? ? ? ? ? 1.326 ? ? 
covale3  covale both ? A ALA 99  C ? ? ? 1_555 A MSE 100 N ? ? A ALA 112 A MSE 113 1_555 ? ? ? ? ? ? ? 1.326 ? ? 
covale4  covale both ? A MSE 100 C ? ? ? 1_555 A ALA 101 N ? ? A MSE 113 A ALA 114 1_555 ? ? ? ? ? ? ? 1.332 ? ? 
covale5  covale both ? A VAL 121 C ? ? ? 1_555 A MSE 122 N ? ? A VAL 134 A MSE 135 1_555 ? ? ? ? ? ? ? 1.330 ? ? 
covale6  covale both ? A MSE 122 C ? ? ? 1_555 A GLU 123 N ? ? A MSE 135 A GLU 136 1_555 ? ? ? ? ? ? ? 1.334 ? ? 
covale7  covale both ? A ASP 143 C ? ? ? 1_555 A MSE 144 N ? ? A ASP 156 A MSE 157 1_555 ? ? ? ? ? ? ? 1.329 ? ? 
covale8  covale both ? A MSE 144 C ? ? ? 1_555 A THR 145 N ? ? A MSE 157 A THR 158 1_555 ? ? ? ? ? ? ? 1.329 ? ? 
covale9  covale both ? A ILE 176 C ? ? ? 1_555 A MSE 177 N ? ? A ILE 189 A MSE 190 1_555 ? ? ? ? ? ? ? 1.332 ? ? 
covale10 covale both ? A MSE 177 C ? ? ? 1_555 A PHE 178 N ? ? A MSE 190 A PHE 191 1_555 ? ? ? ? ? ? ? 1.318 ? ? 
# 
_struct_conn_type.id          covale 
_struct_conn_type.criteria    ? 
_struct_conn_type.reference   ? 
# 
loop_
_pdbx_modification_feature.ordinal 
_pdbx_modification_feature.label_comp_id 
_pdbx_modification_feature.label_asym_id 
_pdbx_modification_feature.label_seq_id 
_pdbx_modification_feature.label_alt_id 
_pdbx_modification_feature.modified_residue_label_comp_id 
_pdbx_modification_feature.modified_residue_label_asym_id 
_pdbx_modification_feature.modified_residue_label_seq_id 
_pdbx_modification_feature.modified_residue_label_alt_id 
_pdbx_modification_feature.auth_comp_id 
_pdbx_modification_feature.auth_asym_id 
_pdbx_modification_feature.auth_seq_id 
_pdbx_modification_feature.PDB_ins_code 
_pdbx_modification_feature.symmetry 
_pdbx_modification_feature.modified_residue_auth_comp_id 
_pdbx_modification_feature.modified_residue_auth_asym_id 
_pdbx_modification_feature.modified_residue_auth_seq_id 
_pdbx_modification_feature.modified_residue_PDB_ins_code 
_pdbx_modification_feature.modified_residue_symmetry 
_pdbx_modification_feature.comp_id_linking_atom 
_pdbx_modification_feature.modified_residue_id_linking_atom 
_pdbx_modification_feature.modified_residue_id 
_pdbx_modification_feature.ref_pcm_id 
_pdbx_modification_feature.ref_comp_id 
_pdbx_modification_feature.type 
_pdbx_modification_feature.category 
1 MSE A 58  ? . . . . MSE A 71  ? 1_555 . . . . . . . MET 1 MSE Selenomethionine 'Named protein modification' 
2 MSE A 100 ? . . . . MSE A 113 ? 1_555 . . . . . . . MET 1 MSE Selenomethionine 'Named protein modification' 
3 MSE A 122 ? . . . . MSE A 135 ? 1_555 . . . . . . . MET 1 MSE Selenomethionine 'Named protein modification' 
4 MSE A 144 ? . . . . MSE A 157 ? 1_555 . . . . . . . MET 1 MSE Selenomethionine 'Named protein modification' 
5 MSE A 177 ? . . . . MSE A 190 ? 1_555 . . . . . . . MET 1 MSE Selenomethionine 'Named protein modification' 
# 
loop_
_struct_mon_prot_cis.pdbx_id 
_struct_mon_prot_cis.label_comp_id 
_struct_mon_prot_cis.label_seq_id 
_struct_mon_prot_cis.label_asym_id 
_struct_mon_prot_cis.label_alt_id 
_struct_mon_prot_cis.pdbx_PDB_ins_code 
_struct_mon_prot_cis.auth_comp_id 
_struct_mon_prot_cis.auth_seq_id 
_struct_mon_prot_cis.auth_asym_id 
_struct_mon_prot_cis.pdbx_label_comp_id_2 
_struct_mon_prot_cis.pdbx_label_seq_id_2 
_struct_mon_prot_cis.pdbx_label_asym_id_2 
_struct_mon_prot_cis.pdbx_PDB_ins_code_2 
_struct_mon_prot_cis.pdbx_auth_comp_id_2 
_struct_mon_prot_cis.pdbx_auth_seq_id_2 
_struct_mon_prot_cis.pdbx_auth_asym_id_2 
_struct_mon_prot_cis.pdbx_PDB_model_num 
_struct_mon_prot_cis.pdbx_omega_angle 
1 SER 35 A . ? SER 48 A PRO 36 A ? PRO 49 A 1 2.51 
2 SER 35 A . ? SER 48 A PRO 36 A ? PRO 49 A 1 0.81 
# 
_struct_sheet.id               A 
_struct_sheet.type             ? 
_struct_sheet.number_strands   7 
_struct_sheet.details          ? 
# 
loop_
_struct_sheet_order.sheet_id 
_struct_sheet_order.range_id_1 
_struct_sheet_order.range_id_2 
_struct_sheet_order.offset 
_struct_sheet_order.sense 
A 1 2 ? parallel      
A 2 3 ? parallel      
A 3 4 ? parallel      
A 4 5 ? parallel      
A 5 6 ? anti-parallel 
A 6 7 ? anti-parallel 
# 
loop_
_struct_sheet_range.sheet_id 
_struct_sheet_range.id 
_struct_sheet_range.beg_label_comp_id 
_struct_sheet_range.beg_label_asym_id 
_struct_sheet_range.beg_label_seq_id 
_struct_sheet_range.pdbx_beg_PDB_ins_code 
_struct_sheet_range.end_label_comp_id 
_struct_sheet_range.end_label_asym_id 
_struct_sheet_range.end_label_seq_id 
_struct_sheet_range.pdbx_end_PDB_ins_code 
_struct_sheet_range.beg_auth_comp_id 
_struct_sheet_range.beg_auth_asym_id 
_struct_sheet_range.beg_auth_seq_id 
_struct_sheet_range.end_auth_comp_id 
_struct_sheet_range.end_auth_asym_id 
_struct_sheet_range.end_auth_seq_id 
A 1 ARG A 65  ? ARG A 68  ? ARG A 78  ARG A 81  
A 2 LYS A 49  ? ASP A 54  ? LYS A 62  ASP A 67  
A 3 ALA A 28  ? ILE A 32  ? ALA A 41  ILE A 45  
A 4 VAL A 92  ? SER A 97  ? VAL A 105 SER A 110 
A 5 LEU A 129 ? PHE A 140 ? LEU A 142 PHE A 153 
A 6 GLU A 173 ? PHE A 181 ? GLU A 186 PHE A 194 
A 7 PHE A 156 ? SER A 162 ? PHE A 169 SER A 175 
# 
loop_
_pdbx_struct_sheet_hbond.sheet_id 
_pdbx_struct_sheet_hbond.range_id_1 
_pdbx_struct_sheet_hbond.range_id_2 
_pdbx_struct_sheet_hbond.range_1_label_atom_id 
_pdbx_struct_sheet_hbond.range_1_label_comp_id 
_pdbx_struct_sheet_hbond.range_1_label_asym_id 
_pdbx_struct_sheet_hbond.range_1_label_seq_id 
_pdbx_struct_sheet_hbond.range_1_PDB_ins_code 
_pdbx_struct_sheet_hbond.range_1_auth_atom_id 
_pdbx_struct_sheet_hbond.range_1_auth_comp_id 
_pdbx_struct_sheet_hbond.range_1_auth_asym_id 
_pdbx_struct_sheet_hbond.range_1_auth_seq_id 
_pdbx_struct_sheet_hbond.range_2_label_atom_id 
_pdbx_struct_sheet_hbond.range_2_label_comp_id 
_pdbx_struct_sheet_hbond.range_2_label_asym_id 
_pdbx_struct_sheet_hbond.range_2_label_seq_id 
_pdbx_struct_sheet_hbond.range_2_PDB_ins_code 
_pdbx_struct_sheet_hbond.range_2_auth_atom_id 
_pdbx_struct_sheet_hbond.range_2_auth_comp_id 
_pdbx_struct_sheet_hbond.range_2_auth_asym_id 
_pdbx_struct_sheet_hbond.range_2_auth_seq_id 
A 1 2 O ILE A 67  ? O ILE A 80  N SER A 52  ? N SER A 65  
A 2 3 O ILE A 51  ? O ILE A 64  N GLU A 31  ? N GLU A 44  
A 3 4 N ILE A 32  ? N ILE A 45  O VAL A 96  ? O VAL A 109 
A 4 5 N VAL A 92  ? N VAL A 105 O ARG A 130 ? O ARG A 143 
A 5 6 N GLN A 139 ? N GLN A 152 O ILE A 174 ? O ILE A 187 
A 6 7 O MSE A 177 ? O MSE A 190 N LYS A 160 ? N LYS A 173 
# 
_struct_site.id                   AC1 
_struct_site.pdbx_evidence_code   Software 
_struct_site.pdbx_auth_asym_id    A 
_struct_site.pdbx_auth_comp_id    SAM 
_struct_site.pdbx_auth_seq_id     1 
_struct_site.pdbx_auth_ins_code   ? 
_struct_site.pdbx_num_residues    21 
_struct_site.details              'BINDING SITE FOR RESIDUE SAM A 1' 
# 
loop_
_struct_site_gen.id 
_struct_site_gen.site_id 
_struct_site_gen.pdbx_num_res 
_struct_site_gen.label_comp_id 
_struct_site_gen.label_asym_id 
_struct_site_gen.label_seq_id 
_struct_site_gen.pdbx_auth_ins_code 
_struct_site_gen.auth_comp_id 
_struct_site_gen.auth_asym_id 
_struct_site_gen.auth_seq_id 
_struct_site_gen.label_atom_id 
_struct_site_gen.label_alt_id 
_struct_site_gen.symmetry 
_struct_site_gen.details 
1  AC1 21 ALA A 9   ? ALA A 22  . ? 1_555 ? 
2  AC1 21 GLY A 33  ? GLY A 46  . ? 1_555 ? 
3  AC1 21 SER A 35  ? SER A 48  . ? 1_555 ? 
4  AC1 21 PRO A 36  ? PRO A 49  . ? 1_555 ? 
5  AC1 21 GLY A 37  ? GLY A 50  . ? 1_555 ? 
6  AC1 21 GLY A 38  ? GLY A 51  . ? 1_555 ? 
7  AC1 21 TRP A 39  ? TRP A 52  . ? 1_555 ? 
8  AC1 21 ASP A 54  ? ASP A 67  . ? 1_555 ? 
9  AC1 21 LEU A 55  ? LEU A 68  . ? 1_555 ? 
10 AC1 21 GLN A 56  ? GLN A 69  . ? 1_555 ? 
11 AC1 21 CYS A 69  ? CYS A 82  . ? 1_555 ? 
12 AC1 21 ASP A 70  ? ASP A 83  . ? 1_555 ? 
13 AC1 21 ILE A 71  ? ILE A 84  . ? 1_555 ? 
14 AC1 21 PHE A 72  ? PHE A 85  . ? 1_555 ? 
15 AC1 21 ASP A 98  ? ASP A 111 . ? 1_555 ? 
16 AC1 21 ALA A 99  ? ALA A 112 . ? 1_555 ? 
17 AC1 21 LYS A 138 ? LYS A 151 . ? 1_555 ? 
18 AC1 21 HOH C .   ? HOH A 215 . ? 1_555 ? 
19 AC1 21 HOH C .   ? HOH A 287 . ? 1_555 ? 
20 AC1 21 HOH C .   ? HOH A 307 . ? 1_555 ? 
21 AC1 21 HOH C .   ? HOH A 337 . ? 1_555 ? 
# 
_pdbx_entry_details.entry_id                   3DOU 
_pdbx_entry_details.compound_details           ? 
_pdbx_entry_details.source_details             ? 
_pdbx_entry_details.nonpolymer_details         ? 
_pdbx_entry_details.sequence_details           ? 
_pdbx_entry_details.has_ligand_of_interest     ? 
_pdbx_entry_details.has_protein_modification   Y 
# 
_pdbx_validate_torsion.id              1 
_pdbx_validate_torsion.PDB_model_num   1 
_pdbx_validate_torsion.auth_comp_id    LEU 
_pdbx_validate_torsion.auth_asym_id    A 
_pdbx_validate_torsion.auth_seq_id     59 
_pdbx_validate_torsion.PDB_ins_code    ? 
_pdbx_validate_torsion.label_alt_id    ? 
_pdbx_validate_torsion.phi             -133.75 
_pdbx_validate_torsion.psi             -45.34 
# 
_pdbx_SG_project.id                    1 
_pdbx_SG_project.project_name          'PSI, Protein Structure Initiative' 
_pdbx_SG_project.full_name_of_center   'New York SGX Research Center for Structural Genomics' 
_pdbx_SG_project.initial_of_center     NYSGXRC 
# 
loop_
_pdbx_struct_mod_residue.id 
_pdbx_struct_mod_residue.label_asym_id 
_pdbx_struct_mod_residue.label_comp_id 
_pdbx_struct_mod_residue.label_seq_id 
_pdbx_struct_mod_residue.auth_asym_id 
_pdbx_struct_mod_residue.auth_comp_id 
_pdbx_struct_mod_residue.auth_seq_id 
_pdbx_struct_mod_residue.PDB_ins_code 
_pdbx_struct_mod_residue.parent_comp_id 
_pdbx_struct_mod_residue.details 
1 A MSE 58  A MSE 71  ? MET SELENOMETHIONINE 
2 A MSE 100 A MSE 113 ? MET SELENOMETHIONINE 
3 A MSE 122 A MSE 135 ? MET SELENOMETHIONINE 
4 A MSE 144 A MSE 157 ? MET SELENOMETHIONINE 
5 A MSE 177 A MSE 190 ? MET SELENOMETHIONINE 
# 
loop_
_pdbx_unobs_or_zero_occ_residues.id 
_pdbx_unobs_or_zero_occ_residues.PDB_model_num 
_pdbx_unobs_or_zero_occ_residues.polymer_flag 
_pdbx_unobs_or_zero_occ_residues.occupancy_flag 
_pdbx_unobs_or_zero_occ_residues.auth_asym_id 
_pdbx_unobs_or_zero_occ_residues.auth_comp_id 
_pdbx_unobs_or_zero_occ_residues.auth_seq_id 
_pdbx_unobs_or_zero_occ_residues.PDB_ins_code 
_pdbx_unobs_or_zero_occ_residues.label_asym_id 
_pdbx_unobs_or_zero_occ_residues.label_comp_id 
_pdbx_unobs_or_zero_occ_residues.label_seq_id 
1  1 Y 1 A MSE 14  ? A MSE 1   
2  1 Y 1 A SER 15  ? A SER 2   
3  1 Y 1 A LEU 16  ? A LEU 3   
4  1 Y 1 A PRO 178 ? A PRO 165 
5  1 Y 1 A ALA 179 ? A ALA 166 
6  1 Y 1 A SER 180 ? A SER 167 
7  1 Y 1 A ARG 181 ? A ARG 168 
8  1 Y 1 A GLY 182 ? A GLY 169 
9  1 Y 1 A SER 183 ? A SER 170 
10 1 Y 1 A GLY 198 ? A GLY 185 
11 1 Y 1 A HIS 199 ? A HIS 186 
12 1 Y 1 A HIS 200 ? A HIS 187 
13 1 Y 1 A HIS 201 ? A HIS 188 
14 1 Y 1 A HIS 202 ? A HIS 189 
15 1 Y 1 A HIS 203 ? A HIS 190 
16 1 Y 1 A HIS 204 ? A HIS 191 
# 
loop_
_chem_comp_atom.comp_id 
_chem_comp_atom.atom_id 
_chem_comp_atom.type_symbol 
_chem_comp_atom.pdbx_aromatic_flag 
_chem_comp_atom.pdbx_stereo_config 
_chem_comp_atom.pdbx_ordinal 
ALA N      N  N N 1   
ALA CA     C  N S 2   
ALA C      C  N N 3   
ALA O      O  N N 4   
ALA CB     C  N N 5   
ALA OXT    O  N N 6   
ALA H      H  N N 7   
ALA H2     H  N N 8   
ALA HA     H  N N 9   
ALA HB1    H  N N 10  
ALA HB2    H  N N 11  
ALA HB3    H  N N 12  
ALA HXT    H  N N 13  
ARG N      N  N N 14  
ARG CA     C  N S 15  
ARG C      C  N N 16  
ARG O      O  N N 17  
ARG CB     C  N N 18  
ARG CG     C  N N 19  
ARG CD     C  N N 20  
ARG NE     N  N N 21  
ARG CZ     C  N N 22  
ARG NH1    N  N N 23  
ARG NH2    N  N N 24  
ARG OXT    O  N N 25  
ARG H      H  N N 26  
ARG H2     H  N N 27  
ARG HA     H  N N 28  
ARG HB2    H  N N 29  
ARG HB3    H  N N 30  
ARG HG2    H  N N 31  
ARG HG3    H  N N 32  
ARG HD2    H  N N 33  
ARG HD3    H  N N 34  
ARG HE     H  N N 35  
ARG HH11   H  N N 36  
ARG HH12   H  N N 37  
ARG HH21   H  N N 38  
ARG HH22   H  N N 39  
ARG HXT    H  N N 40  
ASN N      N  N N 41  
ASN CA     C  N S 42  
ASN C      C  N N 43  
ASN O      O  N N 44  
ASN CB     C  N N 45  
ASN CG     C  N N 46  
ASN OD1    O  N N 47  
ASN ND2    N  N N 48  
ASN OXT    O  N N 49  
ASN H      H  N N 50  
ASN H2     H  N N 51  
ASN HA     H  N N 52  
ASN HB2    H  N N 53  
ASN HB3    H  N N 54  
ASN HD21   H  N N 55  
ASN HD22   H  N N 56  
ASN HXT    H  N N 57  
ASP N      N  N N 58  
ASP CA     C  N S 59  
ASP C      C  N N 60  
ASP O      O  N N 61  
ASP CB     C  N N 62  
ASP CG     C  N N 63  
ASP OD1    O  N N 64  
ASP OD2    O  N N 65  
ASP OXT    O  N N 66  
ASP H      H  N N 67  
ASP H2     H  N N 68  
ASP HA     H  N N 69  
ASP HB2    H  N N 70  
ASP HB3    H  N N 71  
ASP HD2    H  N N 72  
ASP HXT    H  N N 73  
CYS N      N  N N 74  
CYS CA     C  N R 75  
CYS C      C  N N 76  
CYS O      O  N N 77  
CYS CB     C  N N 78  
CYS SG     S  N N 79  
CYS OXT    O  N N 80  
CYS H      H  N N 81  
CYS H2     H  N N 82  
CYS HA     H  N N 83  
CYS HB2    H  N N 84  
CYS HB3    H  N N 85  
CYS HG     H  N N 86  
CYS HXT    H  N N 87  
GLN N      N  N N 88  
GLN CA     C  N S 89  
GLN C      C  N N 90  
GLN O      O  N N 91  
GLN CB     C  N N 92  
GLN CG     C  N N 93  
GLN CD     C  N N 94  
GLN OE1    O  N N 95  
GLN NE2    N  N N 96  
GLN OXT    O  N N 97  
GLN H      H  N N 98  
GLN H2     H  N N 99  
GLN HA     H  N N 100 
GLN HB2    H  N N 101 
GLN HB3    H  N N 102 
GLN HG2    H  N N 103 
GLN HG3    H  N N 104 
GLN HE21   H  N N 105 
GLN HE22   H  N N 106 
GLN HXT    H  N N 107 
GLU N      N  N N 108 
GLU CA     C  N S 109 
GLU C      C  N N 110 
GLU O      O  N N 111 
GLU CB     C  N N 112 
GLU CG     C  N N 113 
GLU CD     C  N N 114 
GLU OE1    O  N N 115 
GLU OE2    O  N N 116 
GLU OXT    O  N N 117 
GLU H      H  N N 118 
GLU H2     H  N N 119 
GLU HA     H  N N 120 
GLU HB2    H  N N 121 
GLU HB3    H  N N 122 
GLU HG2    H  N N 123 
GLU HG3    H  N N 124 
GLU HE2    H  N N 125 
GLU HXT    H  N N 126 
GLY N      N  N N 127 
GLY CA     C  N N 128 
GLY C      C  N N 129 
GLY O      O  N N 130 
GLY OXT    O  N N 131 
GLY H      H  N N 132 
GLY H2     H  N N 133 
GLY HA2    H  N N 134 
GLY HA3    H  N N 135 
GLY HXT    H  N N 136 
HIS N      N  N N 137 
HIS CA     C  N S 138 
HIS C      C  N N 139 
HIS O      O  N N 140 
HIS CB     C  N N 141 
HIS CG     C  Y N 142 
HIS ND1    N  Y N 143 
HIS CD2    C  Y N 144 
HIS CE1    C  Y N 145 
HIS NE2    N  Y N 146 
HIS OXT    O  N N 147 
HIS H      H  N N 148 
HIS H2     H  N N 149 
HIS HA     H  N N 150 
HIS HB2    H  N N 151 
HIS HB3    H  N N 152 
HIS HD1    H  N N 153 
HIS HD2    H  N N 154 
HIS HE1    H  N N 155 
HIS HE2    H  N N 156 
HIS HXT    H  N N 157 
HOH O      O  N N 158 
HOH H1     H  N N 159 
HOH H2     H  N N 160 
ILE N      N  N N 161 
ILE CA     C  N S 162 
ILE C      C  N N 163 
ILE O      O  N N 164 
ILE CB     C  N S 165 
ILE CG1    C  N N 166 
ILE CG2    C  N N 167 
ILE CD1    C  N N 168 
ILE OXT    O  N N 169 
ILE H      H  N N 170 
ILE H2     H  N N 171 
ILE HA     H  N N 172 
ILE HB     H  N N 173 
ILE HG12   H  N N 174 
ILE HG13   H  N N 175 
ILE HG21   H  N N 176 
ILE HG22   H  N N 177 
ILE HG23   H  N N 178 
ILE HD11   H  N N 179 
ILE HD12   H  N N 180 
ILE HD13   H  N N 181 
ILE HXT    H  N N 182 
LEU N      N  N N 183 
LEU CA     C  N S 184 
LEU C      C  N N 185 
LEU O      O  N N 186 
LEU CB     C  N N 187 
LEU CG     C  N N 188 
LEU CD1    C  N N 189 
LEU CD2    C  N N 190 
LEU OXT    O  N N 191 
LEU H      H  N N 192 
LEU H2     H  N N 193 
LEU HA     H  N N 194 
LEU HB2    H  N N 195 
LEU HB3    H  N N 196 
LEU HG     H  N N 197 
LEU HD11   H  N N 198 
LEU HD12   H  N N 199 
LEU HD13   H  N N 200 
LEU HD21   H  N N 201 
LEU HD22   H  N N 202 
LEU HD23   H  N N 203 
LEU HXT    H  N N 204 
LYS N      N  N N 205 
LYS CA     C  N S 206 
LYS C      C  N N 207 
LYS O      O  N N 208 
LYS CB     C  N N 209 
LYS CG     C  N N 210 
LYS CD     C  N N 211 
LYS CE     C  N N 212 
LYS NZ     N  N N 213 
LYS OXT    O  N N 214 
LYS H      H  N N 215 
LYS H2     H  N N 216 
LYS HA     H  N N 217 
LYS HB2    H  N N 218 
LYS HB3    H  N N 219 
LYS HG2    H  N N 220 
LYS HG3    H  N N 221 
LYS HD2    H  N N 222 
LYS HD3    H  N N 223 
LYS HE2    H  N N 224 
LYS HE3    H  N N 225 
LYS HZ1    H  N N 226 
LYS HZ2    H  N N 227 
LYS HZ3    H  N N 228 
LYS HXT    H  N N 229 
MSE N      N  N N 230 
MSE CA     C  N S 231 
MSE C      C  N N 232 
MSE O      O  N N 233 
MSE OXT    O  N N 234 
MSE CB     C  N N 235 
MSE CG     C  N N 236 
MSE SE     SE N N 237 
MSE CE     C  N N 238 
MSE H      H  N N 239 
MSE H2     H  N N 240 
MSE HA     H  N N 241 
MSE HXT    H  N N 242 
MSE HB2    H  N N 243 
MSE HB3    H  N N 244 
MSE HG2    H  N N 245 
MSE HG3    H  N N 246 
MSE HE1    H  N N 247 
MSE HE2    H  N N 248 
MSE HE3    H  N N 249 
PHE N      N  N N 250 
PHE CA     C  N S 251 
PHE C      C  N N 252 
PHE O      O  N N 253 
PHE CB     C  N N 254 
PHE CG     C  Y N 255 
PHE CD1    C  Y N 256 
PHE CD2    C  Y N 257 
PHE CE1    C  Y N 258 
PHE CE2    C  Y N 259 
PHE CZ     C  Y N 260 
PHE OXT    O  N N 261 
PHE H      H  N N 262 
PHE H2     H  N N 263 
PHE HA     H  N N 264 
PHE HB2    H  N N 265 
PHE HB3    H  N N 266 
PHE HD1    H  N N 267 
PHE HD2    H  N N 268 
PHE HE1    H  N N 269 
PHE HE2    H  N N 270 
PHE HZ     H  N N 271 
PHE HXT    H  N N 272 
PRO N      N  N N 273 
PRO CA     C  N S 274 
PRO C      C  N N 275 
PRO O      O  N N 276 
PRO CB     C  N N 277 
PRO CG     C  N N 278 
PRO CD     C  N N 279 
PRO OXT    O  N N 280 
PRO H      H  N N 281 
PRO HA     H  N N 282 
PRO HB2    H  N N 283 
PRO HB3    H  N N 284 
PRO HG2    H  N N 285 
PRO HG3    H  N N 286 
PRO HD2    H  N N 287 
PRO HD3    H  N N 288 
PRO HXT    H  N N 289 
SAM N      N  N N 290 
SAM CA     C  N S 291 
SAM C      C  N N 292 
SAM O      O  N N 293 
SAM OXT    O  N N 294 
SAM CB     C  N N 295 
SAM CG     C  N N 296 
SAM SD     S  N S 297 
SAM CE     C  N N 298 
SAM "C5'"  C  N N 299 
SAM "C4'"  C  N S 300 
SAM "O4'"  O  N N 301 
SAM "C3'"  C  N S 302 
SAM "O3'"  O  N N 303 
SAM "C2'"  C  N R 304 
SAM "O2'"  O  N N 305 
SAM "C1'"  C  N R 306 
SAM N9     N  Y N 307 
SAM C8     C  Y N 308 
SAM N7     N  Y N 309 
SAM C5     C  Y N 310 
SAM C6     C  Y N 311 
SAM N6     N  N N 312 
SAM N1     N  Y N 313 
SAM C2     C  Y N 314 
SAM N3     N  Y N 315 
SAM C4     C  Y N 316 
SAM HN1    H  N N 317 
SAM HN2    H  N N 318 
SAM HA     H  N N 319 
SAM HB1    H  N N 320 
SAM HB2    H  N N 321 
SAM HG1    H  N N 322 
SAM HG2    H  N N 323 
SAM HE1    H  N N 324 
SAM HE2    H  N N 325 
SAM HE3    H  N N 326 
SAM "H5'1" H  N N 327 
SAM "H5'2" H  N N 328 
SAM "H4'"  H  N N 329 
SAM "H3'"  H  N N 330 
SAM "HO3'" H  N N 331 
SAM "H2'"  H  N N 332 
SAM "HO2'" H  N N 333 
SAM "H1'"  H  N N 334 
SAM H8     H  N N 335 
SAM HN61   H  N N 336 
SAM HN62   H  N N 337 
SAM H2     H  N N 338 
SER N      N  N N 339 
SER CA     C  N S 340 
SER C      C  N N 341 
SER O      O  N N 342 
SER CB     C  N N 343 
SER OG     O  N N 344 
SER OXT    O  N N 345 
SER H      H  N N 346 
SER H2     H  N N 347 
SER HA     H  N N 348 
SER HB2    H  N N 349 
SER HB3    H  N N 350 
SER HG     H  N N 351 
SER HXT    H  N N 352 
THR N      N  N N 353 
THR CA     C  N S 354 
THR C      C  N N 355 
THR O      O  N N 356 
THR CB     C  N R 357 
THR OG1    O  N N 358 
THR CG2    C  N N 359 
THR OXT    O  N N 360 
THR H      H  N N 361 
THR H2     H  N N 362 
THR HA     H  N N 363 
THR HB     H  N N 364 
THR HG1    H  N N 365 
THR HG21   H  N N 366 
THR HG22   H  N N 367 
THR HG23   H  N N 368 
THR HXT    H  N N 369 
TRP N      N  N N 370 
TRP CA     C  N S 371 
TRP C      C  N N 372 
TRP O      O  N N 373 
TRP CB     C  N N 374 
TRP CG     C  Y N 375 
TRP CD1    C  Y N 376 
TRP CD2    C  Y N 377 
TRP NE1    N  Y N 378 
TRP CE2    C  Y N 379 
TRP CE3    C  Y N 380 
TRP CZ2    C  Y N 381 
TRP CZ3    C  Y N 382 
TRP CH2    C  Y N 383 
TRP OXT    O  N N 384 
TRP H      H  N N 385 
TRP H2     H  N N 386 
TRP HA     H  N N 387 
TRP HB2    H  N N 388 
TRP HB3    H  N N 389 
TRP HD1    H  N N 390 
TRP HE1    H  N N 391 
TRP HE3    H  N N 392 
TRP HZ2    H  N N 393 
TRP HZ3    H  N N 394 
TRP HH2    H  N N 395 
TRP HXT    H  N N 396 
TYR N      N  N N 397 
TYR CA     C  N S 398 
TYR C      C  N N 399 
TYR O      O  N N 400 
TYR CB     C  N N 401 
TYR CG     C  Y N 402 
TYR CD1    C  Y N 403 
TYR CD2    C  Y N 404 
TYR CE1    C  Y N 405 
TYR CE2    C  Y N 406 
TYR CZ     C  Y N 407 
TYR OH     O  N N 408 
TYR OXT    O  N N 409 
TYR H      H  N N 410 
TYR H2     H  N N 411 
TYR HA     H  N N 412 
TYR HB2    H  N N 413 
TYR HB3    H  N N 414 
TYR HD1    H  N N 415 
TYR HD2    H  N N 416 
TYR HE1    H  N N 417 
TYR HE2    H  N N 418 
TYR HH     H  N N 419 
TYR HXT    H  N N 420 
VAL N      N  N N 421 
VAL CA     C  N S 422 
VAL C      C  N N 423 
VAL O      O  N N 424 
VAL CB     C  N N 425 
VAL CG1    C  N N 426 
VAL CG2    C  N N 427 
VAL OXT    O  N N 428 
VAL H      H  N N 429 
VAL H2     H  N N 430 
VAL HA     H  N N 431 
VAL HB     H  N N 432 
VAL HG11   H  N N 433 
VAL HG12   H  N N 434 
VAL HG13   H  N N 435 
VAL HG21   H  N N 436 
VAL HG22   H  N N 437 
VAL HG23   H  N N 438 
VAL HXT    H  N N 439 
# 
loop_
_chem_comp_bond.comp_id 
_chem_comp_bond.atom_id_1 
_chem_comp_bond.atom_id_2 
_chem_comp_bond.value_order 
_chem_comp_bond.pdbx_aromatic_flag 
_chem_comp_bond.pdbx_stereo_config 
_chem_comp_bond.pdbx_ordinal 
ALA N     CA     sing N N 1   
ALA N     H      sing N N 2   
ALA N     H2     sing N N 3   
ALA CA    C      sing N N 4   
ALA CA    CB     sing N N 5   
ALA CA    HA     sing N N 6   
ALA C     O      doub N N 7   
ALA C     OXT    sing N N 8   
ALA CB    HB1    sing N N 9   
ALA CB    HB2    sing N N 10  
ALA CB    HB3    sing N N 11  
ALA OXT   HXT    sing N N 12  
ARG N     CA     sing N N 13  
ARG N     H      sing N N 14  
ARG N     H2     sing N N 15  
ARG CA    C      sing N N 16  
ARG CA    CB     sing N N 17  
ARG CA    HA     sing N N 18  
ARG C     O      doub N N 19  
ARG C     OXT    sing N N 20  
ARG CB    CG     sing N N 21  
ARG CB    HB2    sing N N 22  
ARG CB    HB3    sing N N 23  
ARG CG    CD     sing N N 24  
ARG CG    HG2    sing N N 25  
ARG CG    HG3    sing N N 26  
ARG CD    NE     sing N N 27  
ARG CD    HD2    sing N N 28  
ARG CD    HD3    sing N N 29  
ARG NE    CZ     sing N N 30  
ARG NE    HE     sing N N 31  
ARG CZ    NH1    sing N N 32  
ARG CZ    NH2    doub N N 33  
ARG NH1   HH11   sing N N 34  
ARG NH1   HH12   sing N N 35  
ARG NH2   HH21   sing N N 36  
ARG NH2   HH22   sing N N 37  
ARG OXT   HXT    sing N N 38  
ASN N     CA     sing N N 39  
ASN N     H      sing N N 40  
ASN N     H2     sing N N 41  
ASN CA    C      sing N N 42  
ASN CA    CB     sing N N 43  
ASN CA    HA     sing N N 44  
ASN C     O      doub N N 45  
ASN C     OXT    sing N N 46  
ASN CB    CG     sing N N 47  
ASN CB    HB2    sing N N 48  
ASN CB    HB3    sing N N 49  
ASN CG    OD1    doub N N 50  
ASN CG    ND2    sing N N 51  
ASN ND2   HD21   sing N N 52  
ASN ND2   HD22   sing N N 53  
ASN OXT   HXT    sing N N 54  
ASP N     CA     sing N N 55  
ASP N     H      sing N N 56  
ASP N     H2     sing N N 57  
ASP CA    C      sing N N 58  
ASP CA    CB     sing N N 59  
ASP CA    HA     sing N N 60  
ASP C     O      doub N N 61  
ASP C     OXT    sing N N 62  
ASP CB    CG     sing N N 63  
ASP CB    HB2    sing N N 64  
ASP CB    HB3    sing N N 65  
ASP CG    OD1    doub N N 66  
ASP CG    OD2    sing N N 67  
ASP OD2   HD2    sing N N 68  
ASP OXT   HXT    sing N N 69  
CYS N     CA     sing N N 70  
CYS N     H      sing N N 71  
CYS N     H2     sing N N 72  
CYS CA    C      sing N N 73  
CYS CA    CB     sing N N 74  
CYS CA    HA     sing N N 75  
CYS C     O      doub N N 76  
CYS C     OXT    sing N N 77  
CYS CB    SG     sing N N 78  
CYS CB    HB2    sing N N 79  
CYS CB    HB3    sing N N 80  
CYS SG    HG     sing N N 81  
CYS OXT   HXT    sing N N 82  
GLN N     CA     sing N N 83  
GLN N     H      sing N N 84  
GLN N     H2     sing N N 85  
GLN CA    C      sing N N 86  
GLN CA    CB     sing N N 87  
GLN CA    HA     sing N N 88  
GLN C     O      doub N N 89  
GLN C     OXT    sing N N 90  
GLN CB    CG     sing N N 91  
GLN CB    HB2    sing N N 92  
GLN CB    HB3    sing N N 93  
GLN CG    CD     sing N N 94  
GLN CG    HG2    sing N N 95  
GLN CG    HG3    sing N N 96  
GLN CD    OE1    doub N N 97  
GLN CD    NE2    sing N N 98  
GLN NE2   HE21   sing N N 99  
GLN NE2   HE22   sing N N 100 
GLN OXT   HXT    sing N N 101 
GLU N     CA     sing N N 102 
GLU N     H      sing N N 103 
GLU N     H2     sing N N 104 
GLU CA    C      sing N N 105 
GLU CA    CB     sing N N 106 
GLU CA    HA     sing N N 107 
GLU C     O      doub N N 108 
GLU C     OXT    sing N N 109 
GLU CB    CG     sing N N 110 
GLU CB    HB2    sing N N 111 
GLU CB    HB3    sing N N 112 
GLU CG    CD     sing N N 113 
GLU CG    HG2    sing N N 114 
GLU CG    HG3    sing N N 115 
GLU CD    OE1    doub N N 116 
GLU CD    OE2    sing N N 117 
GLU OE2   HE2    sing N N 118 
GLU OXT   HXT    sing N N 119 
GLY N     CA     sing N N 120 
GLY N     H      sing N N 121 
GLY N     H2     sing N N 122 
GLY CA    C      sing N N 123 
GLY CA    HA2    sing N N 124 
GLY CA    HA3    sing N N 125 
GLY C     O      doub N N 126 
GLY C     OXT    sing N N 127 
GLY OXT   HXT    sing N N 128 
HIS N     CA     sing N N 129 
HIS N     H      sing N N 130 
HIS N     H2     sing N N 131 
HIS CA    C      sing N N 132 
HIS CA    CB     sing N N 133 
HIS CA    HA     sing N N 134 
HIS C     O      doub N N 135 
HIS C     OXT    sing N N 136 
HIS CB    CG     sing N N 137 
HIS CB    HB2    sing N N 138 
HIS CB    HB3    sing N N 139 
HIS CG    ND1    sing Y N 140 
HIS CG    CD2    doub Y N 141 
HIS ND1   CE1    doub Y N 142 
HIS ND1   HD1    sing N N 143 
HIS CD2   NE2    sing Y N 144 
HIS CD2   HD2    sing N N 145 
HIS CE1   NE2    sing Y N 146 
HIS CE1   HE1    sing N N 147 
HIS NE2   HE2    sing N N 148 
HIS OXT   HXT    sing N N 149 
HOH O     H1     sing N N 150 
HOH O     H2     sing N N 151 
ILE N     CA     sing N N 152 
ILE N     H      sing N N 153 
ILE N     H2     sing N N 154 
ILE CA    C      sing N N 155 
ILE CA    CB     sing N N 156 
ILE CA    HA     sing N N 157 
ILE C     O      doub N N 158 
ILE C     OXT    sing N N 159 
ILE CB    CG1    sing N N 160 
ILE CB    CG2    sing N N 161 
ILE CB    HB     sing N N 162 
ILE CG1   CD1    sing N N 163 
ILE CG1   HG12   sing N N 164 
ILE CG1   HG13   sing N N 165 
ILE CG2   HG21   sing N N 166 
ILE CG2   HG22   sing N N 167 
ILE CG2   HG23   sing N N 168 
ILE CD1   HD11   sing N N 169 
ILE CD1   HD12   sing N N 170 
ILE CD1   HD13   sing N N 171 
ILE OXT   HXT    sing N N 172 
LEU N     CA     sing N N 173 
LEU N     H      sing N N 174 
LEU N     H2     sing N N 175 
LEU CA    C      sing N N 176 
LEU CA    CB     sing N N 177 
LEU CA    HA     sing N N 178 
LEU C     O      doub N N 179 
LEU C     OXT    sing N N 180 
LEU CB    CG     sing N N 181 
LEU CB    HB2    sing N N 182 
LEU CB    HB3    sing N N 183 
LEU CG    CD1    sing N N 184 
LEU CG    CD2    sing N N 185 
LEU CG    HG     sing N N 186 
LEU CD1   HD11   sing N N 187 
LEU CD1   HD12   sing N N 188 
LEU CD1   HD13   sing N N 189 
LEU CD2   HD21   sing N N 190 
LEU CD2   HD22   sing N N 191 
LEU CD2   HD23   sing N N 192 
LEU OXT   HXT    sing N N 193 
LYS N     CA     sing N N 194 
LYS N     H      sing N N 195 
LYS N     H2     sing N N 196 
LYS CA    C      sing N N 197 
LYS CA    CB     sing N N 198 
LYS CA    HA     sing N N 199 
LYS C     O      doub N N 200 
LYS C     OXT    sing N N 201 
LYS CB    CG     sing N N 202 
LYS CB    HB2    sing N N 203 
LYS CB    HB3    sing N N 204 
LYS CG    CD     sing N N 205 
LYS CG    HG2    sing N N 206 
LYS CG    HG3    sing N N 207 
LYS CD    CE     sing N N 208 
LYS CD    HD2    sing N N 209 
LYS CD    HD3    sing N N 210 
LYS CE    NZ     sing N N 211 
LYS CE    HE2    sing N N 212 
LYS CE    HE3    sing N N 213 
LYS NZ    HZ1    sing N N 214 
LYS NZ    HZ2    sing N N 215 
LYS NZ    HZ3    sing N N 216 
LYS OXT   HXT    sing N N 217 
MSE N     CA     sing N N 218 
MSE N     H      sing N N 219 
MSE N     H2     sing N N 220 
MSE CA    C      sing N N 221 
MSE CA    CB     sing N N 222 
MSE CA    HA     sing N N 223 
MSE C     O      doub N N 224 
MSE C     OXT    sing N N 225 
MSE OXT   HXT    sing N N 226 
MSE CB    CG     sing N N 227 
MSE CB    HB2    sing N N 228 
MSE CB    HB3    sing N N 229 
MSE CG    SE     sing N N 230 
MSE CG    HG2    sing N N 231 
MSE CG    HG3    sing N N 232 
MSE SE    CE     sing N N 233 
MSE CE    HE1    sing N N 234 
MSE CE    HE2    sing N N 235 
MSE CE    HE3    sing N N 236 
PHE N     CA     sing N N 237 
PHE N     H      sing N N 238 
PHE N     H2     sing N N 239 
PHE CA    C      sing N N 240 
PHE CA    CB     sing N N 241 
PHE CA    HA     sing N N 242 
PHE C     O      doub N N 243 
PHE C     OXT    sing N N 244 
PHE CB    CG     sing N N 245 
PHE CB    HB2    sing N N 246 
PHE CB    HB3    sing N N 247 
PHE CG    CD1    doub Y N 248 
PHE CG    CD2    sing Y N 249 
PHE CD1   CE1    sing Y N 250 
PHE CD1   HD1    sing N N 251 
PHE CD2   CE2    doub Y N 252 
PHE CD2   HD2    sing N N 253 
PHE CE1   CZ     doub Y N 254 
PHE CE1   HE1    sing N N 255 
PHE CE2   CZ     sing Y N 256 
PHE CE2   HE2    sing N N 257 
PHE CZ    HZ     sing N N 258 
PHE OXT   HXT    sing N N 259 
PRO N     CA     sing N N 260 
PRO N     CD     sing N N 261 
PRO N     H      sing N N 262 
PRO CA    C      sing N N 263 
PRO CA    CB     sing N N 264 
PRO CA    HA     sing N N 265 
PRO C     O      doub N N 266 
PRO C     OXT    sing N N 267 
PRO CB    CG     sing N N 268 
PRO CB    HB2    sing N N 269 
PRO CB    HB3    sing N N 270 
PRO CG    CD     sing N N 271 
PRO CG    HG2    sing N N 272 
PRO CG    HG3    sing N N 273 
PRO CD    HD2    sing N N 274 
PRO CD    HD3    sing N N 275 
PRO OXT   HXT    sing N N 276 
SAM N     CA     sing N N 277 
SAM N     HN1    sing N N 278 
SAM N     HN2    sing N N 279 
SAM CA    C      sing N N 280 
SAM CA    CB     sing N N 281 
SAM CA    HA     sing N N 282 
SAM C     O      doub N N 283 
SAM C     OXT    sing N N 284 
SAM CB    CG     sing N N 285 
SAM CB    HB1    sing N N 286 
SAM CB    HB2    sing N N 287 
SAM CG    SD     sing N N 288 
SAM CG    HG1    sing N N 289 
SAM CG    HG2    sing N N 290 
SAM SD    CE     sing N N 291 
SAM SD    "C5'"  sing N N 292 
SAM CE    HE1    sing N N 293 
SAM CE    HE2    sing N N 294 
SAM CE    HE3    sing N N 295 
SAM "C5'" "C4'"  sing N N 296 
SAM "C5'" "H5'1" sing N N 297 
SAM "C5'" "H5'2" sing N N 298 
SAM "C4'" "O4'"  sing N N 299 
SAM "C4'" "C3'"  sing N N 300 
SAM "C4'" "H4'"  sing N N 301 
SAM "O4'" "C1'"  sing N N 302 
SAM "C3'" "O3'"  sing N N 303 
SAM "C3'" "C2'"  sing N N 304 
SAM "C3'" "H3'"  sing N N 305 
SAM "O3'" "HO3'" sing N N 306 
SAM "C2'" "O2'"  sing N N 307 
SAM "C2'" "C1'"  sing N N 308 
SAM "C2'" "H2'"  sing N N 309 
SAM "O2'" "HO2'" sing N N 310 
SAM "C1'" N9     sing N N 311 
SAM "C1'" "H1'"  sing N N 312 
SAM N9    C8     sing Y N 313 
SAM N9    C4     sing Y N 314 
SAM C8    N7     doub Y N 315 
SAM C8    H8     sing N N 316 
SAM N7    C5     sing Y N 317 
SAM C5    C6     sing Y N 318 
SAM C5    C4     doub Y N 319 
SAM C6    N6     sing N N 320 
SAM C6    N1     doub Y N 321 
SAM N6    HN61   sing N N 322 
SAM N6    HN62   sing N N 323 
SAM N1    C2     sing Y N 324 
SAM C2    N3     doub Y N 325 
SAM C2    H2     sing N N 326 
SAM N3    C4     sing Y N 327 
SER N     CA     sing N N 328 
SER N     H      sing N N 329 
SER N     H2     sing N N 330 
SER CA    C      sing N N 331 
SER CA    CB     sing N N 332 
SER CA    HA     sing N N 333 
SER C     O      doub N N 334 
SER C     OXT    sing N N 335 
SER CB    OG     sing N N 336 
SER CB    HB2    sing N N 337 
SER CB    HB3    sing N N 338 
SER OG    HG     sing N N 339 
SER OXT   HXT    sing N N 340 
THR N     CA     sing N N 341 
THR N     H      sing N N 342 
THR N     H2     sing N N 343 
THR CA    C      sing N N 344 
THR CA    CB     sing N N 345 
THR CA    HA     sing N N 346 
THR C     O      doub N N 347 
THR C     OXT    sing N N 348 
THR CB    OG1    sing N N 349 
THR CB    CG2    sing N N 350 
THR CB    HB     sing N N 351 
THR OG1   HG1    sing N N 352 
THR CG2   HG21   sing N N 353 
THR CG2   HG22   sing N N 354 
THR CG2   HG23   sing N N 355 
THR OXT   HXT    sing N N 356 
TRP N     CA     sing N N 357 
TRP N     H      sing N N 358 
TRP N     H2     sing N N 359 
TRP CA    C      sing N N 360 
TRP CA    CB     sing N N 361 
TRP CA    HA     sing N N 362 
TRP C     O      doub N N 363 
TRP C     OXT    sing N N 364 
TRP CB    CG     sing N N 365 
TRP CB    HB2    sing N N 366 
TRP CB    HB3    sing N N 367 
TRP CG    CD1    doub Y N 368 
TRP CG    CD2    sing Y N 369 
TRP CD1   NE1    sing Y N 370 
TRP CD1   HD1    sing N N 371 
TRP CD2   CE2    doub Y N 372 
TRP CD2   CE3    sing Y N 373 
TRP NE1   CE2    sing Y N 374 
TRP NE1   HE1    sing N N 375 
TRP CE2   CZ2    sing Y N 376 
TRP CE3   CZ3    doub Y N 377 
TRP CE3   HE3    sing N N 378 
TRP CZ2   CH2    doub Y N 379 
TRP CZ2   HZ2    sing N N 380 
TRP CZ3   CH2    sing Y N 381 
TRP CZ3   HZ3    sing N N 382 
TRP CH2   HH2    sing N N 383 
TRP OXT   HXT    sing N N 384 
TYR N     CA     sing N N 385 
TYR N     H      sing N N 386 
TYR N     H2     sing N N 387 
TYR CA    C      sing N N 388 
TYR CA    CB     sing N N 389 
TYR CA    HA     sing N N 390 
TYR C     O      doub N N 391 
TYR C     OXT    sing N N 392 
TYR CB    CG     sing N N 393 
TYR CB    HB2    sing N N 394 
TYR CB    HB3    sing N N 395 
TYR CG    CD1    doub Y N 396 
TYR CG    CD2    sing Y N 397 
TYR CD1   CE1    sing Y N 398 
TYR CD1   HD1    sing N N 399 
TYR CD2   CE2    doub Y N 400 
TYR CD2   HD2    sing N N 401 
TYR CE1   CZ     doub Y N 402 
TYR CE1   HE1    sing N N 403 
TYR CE2   CZ     sing Y N 404 
TYR CE2   HE2    sing N N 405 
TYR CZ    OH     sing N N 406 
TYR OH    HH     sing N N 407 
TYR OXT   HXT    sing N N 408 
VAL N     CA     sing N N 409 
VAL N     H      sing N N 410 
VAL N     H2     sing N N 411 
VAL CA    C      sing N N 412 
VAL CA    CB     sing N N 413 
VAL CA    HA     sing N N 414 
VAL C     O      doub N N 415 
VAL C     OXT    sing N N 416 
VAL CB    CG1    sing N N 417 
VAL CB    CG2    sing N N 418 
VAL CB    HB     sing N N 419 
VAL CG1   HG11   sing N N 420 
VAL CG1   HG12   sing N N 421 
VAL CG1   HG13   sing N N 422 
VAL CG2   HG21   sing N N 423 
VAL CG2   HG22   sing N N 424 
VAL CG2   HG23   sing N N 425 
VAL OXT   HXT    sing N N 426 
# 
_atom_sites.entry_id                    3DOU 
_atom_sites.fract_transf_matrix[1][1]   0.00818665 
_atom_sites.fract_transf_matrix[1][2]   -0.01012070 
_atom_sites.fract_transf_matrix[1][3]   0.00977437 
_atom_sites.fract_transf_matrix[2][1]   -0.00282201 
_atom_sites.fract_transf_matrix[2][2]   -0.01487376 
_atom_sites.fract_transf_matrix[2][3]   -0.01303717 
_atom_sites.fract_transf_matrix[3][1]   0.01801113 
_atom_sites.fract_transf_matrix[3][2]   0.00071613 
_atom_sites.fract_transf_matrix[3][3]   -0.00471569 
_atom_sites.fract_transf_vector[1]      0.230929 
_atom_sites.fract_transf_vector[2]      0.271680 
_atom_sites.fract_transf_vector[3]      0.277164 
# 
loop_
_atom_type.symbol 
C  
N  
O  
S  
SE 
# 
loop_
_atom_site.group_PDB 
_atom_site.id 
_atom_site.type_symbol 
_atom_site.label_atom_id 
_atom_site.label_alt_id 
_atom_site.label_comp_id 
_atom_site.label_asym_id 
_atom_site.label_entity_id 
_atom_site.label_seq_id 
_atom_site.pdbx_PDB_ins_code 
_atom_site.Cartn_x 
_atom_site.Cartn_y 
_atom_site.Cartn_z 
_atom_site.occupancy 
_atom_site.B_iso_or_equiv 
_atom_site.pdbx_formal_charge 
_atom_site.auth_seq_id 
_atom_site.auth_comp_id 
_atom_site.auth_asym_id 
_atom_site.auth_atom_id 
_atom_site.pdbx_PDB_model_num 
ATOM   1    N  N     . GLN A 1 4   ? 8.142   -15.295 7.477   1.00 28.55 ? 17  GLN A N     1 
ATOM   2    C  CA    . GLN A 1 4   ? 7.113   -14.905 6.458   1.00 26.35 ? 17  GLN A CA    1 
ATOM   3    C  C     . GLN A 1 4   ? 7.749   -14.542 5.114   1.00 30.77 ? 17  GLN A C     1 
ATOM   4    O  O     . GLN A 1 4   ? 7.040   -14.279 4.124   1.00 24.08 ? 17  GLN A O     1 
ATOM   5    C  CB    . GLN A 1 4   ? 6.273   -13.731 6.977   1.00 27.54 ? 17  GLN A CB    1 
ATOM   6    C  CG    . GLN A 1 4   ? 5.397   -14.046 8.194   1.00 28.33 ? 17  GLN A CG    1 
ATOM   7    C  CD    . GLN A 1 4   ? 4.245   -14.987 7.872   1.00 35.79 ? 17  GLN A CD    1 
ATOM   8    O  OE1   . GLN A 1 4   ? 3.772   -15.064 6.726   1.00 34.30 ? 17  GLN A OE1   1 
ATOM   9    N  NE2   . GLN A 1 4   ? 3.776   -15.704 8.892   1.00 38.09 ? 17  GLN A NE2   1 
ATOM   10   N  N     . LEU A 1 5   ? 9.087   -14.537 5.085   1.00 31.52 ? 18  LEU A N     1 
ATOM   11   C  CA    . LEU A 1 5   ? 9.892   -14.213 3.892   1.00 36.19 ? 18  LEU A CA    1 
ATOM   12   C  C     . LEU A 1 5   ? 9.573   -15.060 2.666   1.00 37.06 ? 18  LEU A C     1 
ATOM   13   O  O     . LEU A 1 5   ? 9.851   -14.665 1.530   1.00 36.28 ? 18  LEU A O     1 
ATOM   14   C  CB    . LEU A 1 5   ? 11.384  -14.378 4.205   1.00 40.29 ? 18  LEU A CB    1 
ATOM   15   C  CG    . LEU A 1 5   ? 12.049  -13.301 5.055   1.00 40.46 ? 18  LEU A CG    1 
ATOM   16   C  CD1   . LEU A 1 5   ? 13.463  -13.729 5.419   1.00 45.09 ? 18  LEU A CD1   1 
ATOM   17   C  CD2   . LEU A 1 5   ? 12.041  -11.980 4.308   1.00 39.67 ? 18  LEU A CD2   1 
ATOM   18   N  N     . ARG A 1 6   ? 8.987   -16.221 2.926   1.00 35.74 ? 19  ARG A N     1 
ATOM   19   C  CA    . ARG A 1 6   ? 8.729   -17.251 1.936   1.00 37.88 ? 19  ARG A CA    1 
ATOM   20   C  C     . ARG A 1 6   ? 7.241   -17.388 1.583   1.00 29.39 ? 19  ARG A C     1 
ATOM   21   O  O     . ARG A 1 6   ? 6.868   -18.294 0.831   1.00 29.87 ? 19  ARG A O     1 
ATOM   22   C  CB    . ARG A 1 6   ? 9.244   -18.576 2.496   1.00 42.33 ? 19  ARG A CB    1 
ATOM   23   C  CG    . ARG A 1 6   ? 8.919   -18.778 3.994   1.00 53.58 ? 19  ARG A CG    1 
ATOM   24   C  CD    . ARG A 1 6   ? 7.628   -19.565 4.221   1.00 61.77 ? 19  ARG A CD    1 
ATOM   25   N  NE    . ARG A 1 6   ? 7.158   -19.472 5.602   1.00 75.01 ? 19  ARG A NE    1 
ATOM   26   C  CZ    . ARG A 1 6   ? 6.096   -18.773 5.997   1.00 80.38 ? 19  ARG A CZ    1 
ATOM   27   N  NH1   . ARG A 1 6   ? 5.361   -18.101 5.116   1.00 80.36 ? 19  ARG A NH1   1 
ATOM   28   N  NH2   . ARG A 1 6   ? 5.760   -18.752 7.281   1.00 82.30 ? 19  ARG A NH2   1 
ATOM   29   N  N     . SER A 1 7   ? 6.396   -16.529 2.159   1.00 22.34 ? 20  SER A N     1 
ATOM   30   C  CA    . SER A 1 7   ? 4.958   -16.578 1.906   1.00 20.35 ? 20  SER A CA    1 
ATOM   31   C  C     . SER A 1 7   ? 4.612   -16.184 0.470   1.00 18.47 ? 20  SER A C     1 
ATOM   32   O  O     . SER A 1 7   ? 5.406   -15.550 -0.225  1.00 18.01 ? 20  SER A O     1 
ATOM   33   C  CB    . SER A 1 7   ? 4.206   -15.679 2.878   1.00 22.60 ? 20  SER A CB    1 
ATOM   34   O  OG    . SER A 1 7   ? 4.335   -14.318 2.492   1.00 20.95 ? 20  SER A OG    1 
ATOM   35   N  N     . ARG A 1 8   ? 3.410   -16.543 0.034   1.00 18.65 ? 21  ARG A N     1 
ATOM   36   C  CA    . ARG A 1 8   ? 2.967   -16.218 -1.323  1.00 19.51 ? 21  ARG A CA    1 
ATOM   37   C  C     . ARG A 1 8   ? 2.962   -14.703 -1.510  1.00 17.07 ? 21  ARG A C     1 
ATOM   38   O  O     . ARG A 1 8   ? 3.408   -14.194 -2.543  1.00 19.73 ? 21  ARG A O     1 
ATOM   39   C  CB    . ARG A 1 8   ? 1.559   -16.771 -1.548  1.00 23.77 ? 21  ARG A CB    1 
ATOM   40   C  CG    . ARG A 1 8   ? 0.995   -16.514 -2.933  1.00 31.80 ? 21  ARG A CG    1 
ATOM   41   C  CD    . ARG A 1 8   ? -0.237  -17.368 -3.155  1.00 45.60 ? 21  ARG A CD    1 
ATOM   42   N  NE    . ARG A 1 8   ? -0.561  -17.504 -4.572  1.00 57.03 ? 21  ARG A NE    1 
ATOM   43   C  CZ    . ARG A 1 8   ? -1.408  -18.405 -5.063  1.00 65.61 ? 21  ARG A CZ    1 
ATOM   44   N  NH1   . ARG A 1 8   ? -2.022  -19.262 -4.253  1.00 66.62 ? 21  ARG A NH1   1 
ATOM   45   N  NH2   . ARG A 1 8   ? -1.639  -18.452 -6.369  1.00 68.54 ? 21  ARG A NH2   1 
ATOM   46   N  N     . ALA A 1 9   ? 2.471   -14.003 -0.491  1.00 17.83 ? 22  ALA A N     1 
ATOM   47   C  CA    . ALA A 1 9   ? 2.405   -12.554 -0.526  1.00 15.55 ? 22  ALA A CA    1 
ATOM   48   C  C     . ALA A 1 9   ? 3.805   -11.942 -0.643  1.00 16.33 ? 22  ALA A C     1 
ATOM   49   O  O     . ALA A 1 9   ? 4.034   -11.044 -1.458  1.00 17.50 ? 22  ALA A O     1 
ATOM   50   C  CB    . ALA A 1 9   ? 1.678   -12.029 0.685   1.00 19.42 ? 22  ALA A CB    1 
ATOM   51   N  N     . ALA A 1 10  ? 4.761   -12.447 0.141   1.00 16.59 ? 23  ALA A N     1 
ATOM   52   C  CA    . ALA A 1 10  ? 6.154   -12.003 0.006   1.00 15.10 ? 23  ALA A CA    1 
ATOM   53   C  C     . ALA A 1 10  ? 6.693   -12.189 -1.424  1.00 16.51 ? 23  ALA A C     1 
ATOM   54   O  O     . ALA A 1 10  ? 7.348   -11.299 -1.949  1.00 15.64 ? 23  ALA A O     1 
ATOM   55   C  CB    . ALA A 1 10  ? 7.053   -12.740 1.011   1.00 15.49 ? 23  ALA A CB    1 
ATOM   56   N  N     . PHE A 1 11  ? 6.424   -13.346 -2.055  1.00 15.01 ? 24  PHE A N     1 
ATOM   57   C  CA    . PHE A 1 11  ? 6.896   -13.568 -3.422  1.00 20.00 ? 24  PHE A CA    1 
ATOM   58   C  C     . PHE A 1 11  ? 6.290   -12.589 -4.421  1.00 14.73 ? 24  PHE A C     1 
ATOM   59   O  O     . PHE A 1 11  ? 6.976   -12.123 -5.352  1.00 18.39 ? 24  PHE A O     1 
ATOM   60   C  CB    . PHE A 1 11  ? 6.657   -15.019 -3.874  1.00 25.77 ? 24  PHE A CB    1 
ATOM   61   C  CG    . PHE A 1 11  ? 7.772   -15.955 -3.491  1.00 37.19 ? 24  PHE A CG    1 
ATOM   62   C  CD1   . PHE A 1 11  ? 8.930   -16.030 -4.262  1.00 47.97 ? 24  PHE A CD1   1 
ATOM   63   C  CD2   . PHE A 1 11  ? 7.676   -16.743 -2.343  1.00 46.26 ? 24  PHE A CD2   1 
ATOM   64   C  CE1   . PHE A 1 11  ? 9.975   -16.888 -3.903  1.00 54.49 ? 24  PHE A CE1   1 
ATOM   65   C  CE2   . PHE A 1 11  ? 8.711   -17.606 -1.976  1.00 49.16 ? 24  PHE A CE2   1 
ATOM   66   C  CZ    . PHE A 1 11  ? 9.863   -17.679 -2.756  1.00 48.58 ? 24  PHE A CZ    1 
ATOM   67   N  N     . LYS A 1 12  ? 5.011   -12.260 -4.212  1.00 15.96 ? 25  LYS A N     1 
ATOM   68   C  CA    . LYS A 1 12  ? 4.330   -11.263 -5.050  1.00 15.07 ? 25  LYS A CA    1 
ATOM   69   C  C     . LYS A 1 12  ? 5.048   -9.925  -4.931  1.00 14.67 ? 25  LYS A C     1 
ATOM   70   O  O     . LYS A 1 12  ? 5.340   -9.276  -5.941  1.00 14.53 ? 25  LYS A O     1 
ATOM   71   C  CB    . LYS A 1 12  ? 2.855   -11.118 -4.671  1.00 16.88 ? 25  LYS A CB    1 
ATOM   72   C  CG    . LYS A 1 12  ? 1.962   -12.298 -5.098  1.00 24.44 ? 25  LYS A CG    1 
ATOM   73   C  CD    . LYS A 1 12  ? 0.481   -11.994 -4.843  1.00 27.14 ? 25  LYS A CD    1 
ATOM   74   C  CE    . LYS A 1 12  ? -0.059  -12.758 -3.639  1.00 35.96 ? 25  LYS A CE    1 
ATOM   75   N  NZ    . LYS A 1 12  ? -1.416  -12.285 -3.226  1.00 38.22 ? 25  LYS A NZ    1 
ATOM   76   N  N     . LEU A 1 13  ? 5.380   -9.515  -3.705  1.00 13.44 ? 26  LEU A N     1 
ATOM   77   C  CA    . LEU A 1 13  ? 6.080   -8.242  -3.573  1.00 12.47 ? 26  LEU A CA    1 
ATOM   78   C  C     . LEU A 1 13  ? 7.473   -8.273  -4.188  1.00 12.58 ? 26  LEU A C     1 
ATOM   79   O  O     . LEU A 1 13  ? 7.873   -7.296  -4.826  1.00 13.35 ? 26  LEU A O     1 
ATOM   80   C  CB    . LEU A 1 13  ? 6.152   -7.767  -2.110  1.00 14.07 ? 26  LEU A CB    1 
ATOM   81   C  CG    . LEU A 1 13  ? 6.799   -6.400  -1.912  1.00 12.73 ? 26  LEU A CG    1 
ATOM   82   C  CD1   . LEU A 1 13  ? 6.032   -5.340  -2.652  1.00 13.01 ? 26  LEU A CD1   1 
ATOM   83   C  CD2   . LEU A 1 13  ? 6.843   -6.065  -0.430  1.00 13.66 ? 26  LEU A CD2   1 
ATOM   84   N  N     . GLU A 1 14  ? 8.203   -9.379  -4.023  1.00 14.16 ? 27  GLU A N     1 
ATOM   85   C  CA    . GLU A 1 14  ? 9.538   -9.489  -4.627  1.00 15.27 ? 27  GLU A CA    1 
ATOM   86   C  C     . GLU A 1 14  ? 9.471   -9.324  -6.156  1.00 12.64 ? 27  GLU A C     1 
ATOM   87   O  O     . GLU A 1 14  ? 10.294  -8.648  -6.755  1.00 14.02 ? 27  GLU A O     1 
ATOM   88   C  CB    . GLU A 1 14  ? 10.188  -10.827 -4.244  1.00 16.28 ? 27  GLU A CB    1 
ATOM   89   C  CG    . GLU A 1 14  ? 10.678  -10.866 -2.786  1.00 27.56 ? 27  GLU A CG    1 
ATOM   90   C  CD    . GLU A 1 14  ? 11.309  -12.197 -2.376  1.00 38.21 ? 27  GLU A CD    1 
ATOM   91   O  OE1   . GLU A 1 14  ? 10.634  -13.253 -2.474  1.00 49.67 ? 27  GLU A OE1   1 
ATOM   92   O  OE2   . GLU A 1 14  ? 12.479  -12.178 -1.932  1.00 51.34 ? 27  GLU A OE2   1 
ATOM   93   N  N     . PHE A 1 15  ? 8.457   -9.939  -6.760  1.00 14.06 ? 28  PHE A N     1 
ATOM   94   C  CA    . PHE A 1 15  ? 8.219   -9.866  -8.200  1.00 12.72 ? 28  PHE A CA    1 
ATOM   95   C  C     . PHE A 1 15  ? 7.989   -8.422  -8.633  1.00 13.27 ? 28  PHE A C     1 
ATOM   96   O  O     . PHE A 1 15  ? 8.596   -7.961  -9.589  1.00 13.48 ? 28  PHE A O     1 
ATOM   97   C  CB    . PHE A 1 15  ? 7.028   -10.773 -8.494  1.00 13.96 ? 28  PHE A CB    1 
ATOM   98   C  CG    . PHE A 1 15  ? 6.462   -10.678 -9.888  1.00 14.57 ? 28  PHE A CG    1 
ATOM   99   C  CD1   . PHE A 1 15  ? 6.951   -11.484 -10.918 1.00 19.84 ? 28  PHE A CD1   1 
ATOM   100  C  CD2   . PHE A 1 15  ? 5.373   -9.852  -10.144 1.00 17.11 ? 28  PHE A CD2   1 
ATOM   101  C  CE1   . PHE A 1 15  ? 6.368   -11.438 -12.188 1.00 17.75 ? 28  PHE A CE1   1 
ATOM   102  C  CE2   . PHE A 1 15  ? 4.793   -9.789  -11.423 1.00 16.94 ? 28  PHE A CE2   1 
ATOM   103  C  CZ    . PHE A 1 15  ? 5.297   -10.595 -12.432 1.00 20.66 ? 28  PHE A CZ    1 
ATOM   104  N  N     . LEU A 1 16  ? 7.140   -7.720  -7.882  1.00 13.95 ? 29  LEU A N     1 
ATOM   105  C  CA    . LEU A 1 16  ? 6.844   -6.322  -8.173  1.00 11.98 ? 29  LEU A CA    1 
ATOM   106  C  C     . LEU A 1 16  ? 8.046   -5.402  -7.982  1.00 12.60 ? 29  LEU A C     1 
ATOM   107  O  O     . LEU A 1 16  ? 8.231   -4.475  -8.779  1.00 13.48 ? 29  LEU A O     1 
ATOM   108  C  CB    . LEU A 1 16  ? 5.670   -5.822  -7.306  1.00 13.29 ? 29  LEU A CB    1 
ATOM   109  C  CG    . LEU A 1 16  ? 4.334   -6.543  -7.559  1.00 13.34 ? 29  LEU A CG    1 
ATOM   110  C  CD1   . LEU A 1 16  ? 3.329   -6.280  -6.416  1.00 14.82 ? 29  LEU A CD1   1 
ATOM   111  C  CD2   . LEU A 1 16  ? 3.692   -6.165  -8.911  1.00 14.32 ? 29  LEU A CD2   1 
ATOM   112  N  N     . LEU A 1 17  ? 8.847   -5.627  -6.936  1.00 10.58 ? 30  LEU A N     1 
ATOM   113  C  CA    . LEU A 1 17  ? 10.059  -4.805  -6.743  1.00 12.83 ? 30  LEU A CA    1 
ATOM   114  C  C     . LEU A 1 17  ? 11.068  -5.040  -7.866  1.00 12.29 ? 30  LEU A C     1 
ATOM   115  O  O     . LEU A 1 17  ? 11.661  -4.092  -8.379  1.00 14.05 ? 30  LEU A O     1 
ATOM   116  C  CB    . LEU A 1 17  ? 10.715  -5.072  -5.378  1.00 15.66 ? 30  LEU A CB    1 
ATOM   117  C  CG    . LEU A 1 17  ? 9.836   -4.762  -4.176  1.00 16.16 ? 30  LEU A CG    1 
ATOM   118  C  CD1   . LEU A 1 17  ? 10.515  -5.254  -2.878  1.00 17.08 ? 30  LEU A CD1   1 
ATOM   119  C  CD2   . LEU A 1 17  ? 9.483   -3.269  -4.132  1.00 19.76 ? 30  LEU A CD2   1 
ATOM   120  N  N     . ASP A 1 18  ? 11.218  -6.299  -8.293  1.00 13.31 ? 31  ASP A N     1 
ATOM   121  C  CA    . ASP A 1 18  ? 12.155  -6.640  -9.392  1.00 12.70 ? 31  ASP A CA    1 
ATOM   122  C  C     . ASP A 1 18  ? 11.751  -5.958  -10.685 1.00 13.57 ? 31  ASP A C     1 
ATOM   123  O  O     . ASP A 1 18  ? 12.583  -5.447  -11.449 1.00 13.47 ? 31  ASP A O     1 
ATOM   124  C  CB    . ASP A 1 18  ? 12.176  -8.151  -9.643  1.00 16.51 ? 31  ASP A CB    1 
ATOM   125  C  CG    . ASP A 1 18  ? 13.073  -8.903  -8.680  1.00 23.03 ? 31  ASP A CG    1 
ATOM   126  O  OD1   . ASP A 1 18  ? 13.942  -8.284  -8.028  1.00 27.41 ? 31  ASP A OD1   1 
ATOM   127  O  OD2   . ASP A 1 18  ? 12.911  -10.141 -8.590  1.00 27.84 ? 31  ASP A OD2   1 
ATOM   128  N  N     . ARG A 1 19  ? 10.463  -5.970  -10.961 1.00 12.67 ? 32  ARG A N     1 
ATOM   129  C  CA    . ARG A 1 19  ? 9.966   -5.455  -12.220 1.00 12.84 ? 32  ARG A CA    1 
ATOM   130  C  C     . ARG A 1 19  ? 9.827   -3.945  -12.258 1.00 13.39 ? 32  ARG A C     1 
ATOM   131  O  O     . ARG A 1 19  ? 10.028  -3.339  -13.304 1.00 13.37 ? 32  ARG A O     1 
ATOM   132  C  CB    . ARG A 1 19  ? 8.597   -6.029  -12.491 1.00 12.72 ? 32  ARG A CB    1 
ATOM   133  C  CG    . ARG A 1 19  ? 8.540   -7.450  -13.017 1.00 14.78 ? 32  ARG A CG    1 
ATOM   134  C  CD    . ARG A 1 19  ? 7.113   -7.728  -13.528 1.00 14.18 ? 32  ARG A CD    1 
ATOM   135  N  NE    . ARG A 1 19  ? 7.100   -8.819  -14.497 1.00 18.87 ? 32  ARG A NE    1 
ATOM   136  C  CZ    . ARG A 1 19  ? 6.084   -9.085  -15.310 1.00 19.83 ? 32  ARG A CZ    1 
ATOM   137  N  NH1   . ARG A 1 19  ? 6.176   -10.113 -16.133 1.00 27.51 ? 32  ARG A NH1   1 
ATOM   138  N  NH2   . ARG A 1 19  ? 4.985   -8.331  -15.295 1.00 19.18 ? 32  ARG A NH2   1 
ATOM   139  N  N     . TYR A 1 20  ? 9.414   -3.354  -11.134 1.00 10.84 ? 33  TYR A N     1 
ATOM   140  C  CA    . TYR A 1 20  ? 8.976   -1.956  -11.114 1.00 11.98 ? 33  TYR A CA    1 
ATOM   141  C  C     . TYR A 1 20  ? 9.682   -1.018  -10.131 1.00 12.64 ? 33  TYR A C     1 
ATOM   142  O  O     . TYR A 1 20  ? 9.429   0.193   -10.170 1.00 13.17 ? 33  TYR A O     1 
ATOM   143  C  CB    . TYR A 1 20  ? 7.471   -1.891  -10.845 1.00 11.87 ? 33  TYR A CB    1 
ATOM   144  C  CG    . TYR A 1 20  ? 6.687   -2.784  -11.762 1.00 12.45 ? 33  TYR A CG    1 
ATOM   145  C  CD1   . TYR A 1 20  ? 6.551   -2.468  -13.110 1.00 12.73 ? 33  TYR A CD1   1 
ATOM   146  C  CD2   . TYR A 1 20  ? 6.111   -3.957  -11.296 1.00 11.65 ? 33  TYR A CD2   1 
ATOM   147  C  CE1   . TYR A 1 20  ? 5.823   -3.296  -13.977 1.00 13.75 ? 33  TYR A CE1   1 
ATOM   148  C  CE2   . TYR A 1 20  ? 5.367   -4.791  -12.162 1.00 13.97 ? 33  TYR A CE2   1 
ATOM   149  C  CZ    . TYR A 1 20  ? 5.245   -4.459  -13.490 1.00 14.82 ? 33  TYR A CZ    1 
ATOM   150  O  OH    . TYR A 1 20  ? 4.526   -5.296  -14.326 1.00 17.07 ? 33  TYR A OH    1 
ATOM   151  N  N     . ARG A 1 21  ? 10.509  -1.568  -9.268  1.00 11.94 ? 34  ARG A N     1 
ATOM   152  C  CA    A ARG A 1 21  ? 11.317  -0.773  -8.294  0.50 12.60 ? 34  ARG A CA    1 
ATOM   153  C  CA    B ARG A 1 21  ? 11.322  -0.764  -8.304  0.50 13.22 ? 34  ARG A CA    1 
ATOM   154  C  C     . ARG A 1 21  ? 10.393  0.239   -7.525  1.00 15.29 ? 34  ARG A C     1 
ATOM   155  O  O     . ARG A 1 21  ? 10.766  1.340   -7.291  1.00 16.34 ? 34  ARG A O     1 
ATOM   156  C  CB    A ARG A 1 21  ? 12.474  -0.041  -8.985  0.50 15.27 ? 34  ARG A CB    1 
ATOM   157  C  CB    B ARG A 1 21  ? 12.461  -0.011  -9.012  0.50 13.98 ? 34  ARG A CB    1 
ATOM   158  C  CG    A ARG A 1 21  ? 13.479  -0.986  -9.643  0.50 18.80 ? 34  ARG A CG    1 
ATOM   159  C  CG    B ARG A 1 21  ? 13.672  -0.890  -9.368  0.50 16.99 ? 34  ARG A CG    1 
ATOM   160  C  CD    A ARG A 1 21  ? 14.777  -0.274  -10.016 0.50 24.09 ? 34  ARG A CD    1 
ATOM   161  C  CD    B ARG A 1 21  ? 14.740  -0.116  -10.156 0.50 17.66 ? 34  ARG A CD    1 
ATOM   162  N  NE    A ARG A 1 21  ? 15.621  -0.002  -8.854  0.50 29.99 ? 34  ARG A NE    1 
ATOM   163  N  NE    B ARG A 1 21  ? 15.129  1.135   -9.505  0.50 21.32 ? 34  ARG A NE    1 
ATOM   164  C  CZ    A ARG A 1 21  ? 15.768  1.193   -8.282  0.50 35.77 ? 34  ARG A CZ    1 
ATOM   165  C  CZ    B ARG A 1 21  ? 16.144  1.268   -8.650  0.50 29.19 ? 34  ARG A CZ    1 
ATOM   166  N  NH1   A ARG A 1 21  ? 16.563  1.330   -7.229  0.50 30.23 ? 34  ARG A NH1   1 
ATOM   167  N  NH1   B ARG A 1 21  ? 16.404  2.453   -8.113  0.50 29.00 ? 34  ARG A NH1   1 
ATOM   168  N  NH2   A ARG A 1 21  ? 15.125  2.257   -8.756  0.50 39.31 ? 34  ARG A NH2   1 
ATOM   169  N  NH2   B ARG A 1 21  ? 16.899  0.225   -8.324  0.50 30.01 ? 34  ARG A NH2   1 
ATOM   170  N  N     . VAL A 1 22  ? 9.233   -0.239  -7.147  1.00 14.33 ? 35  VAL A N     1 
ATOM   171  C  CA    . VAL A 1 22  ? 8.243   0.653   -6.596  1.00 16.23 ? 35  VAL A CA    1 
ATOM   172  C  C     . VAL A 1 22  ? 8.610   1.178   -5.213  1.00 15.87 ? 35  VAL A C     1 
ATOM   173  O  O     . VAL A 1 22  ? 8.243   2.256   -4.874  1.00 18.60 ? 35  VAL A O     1 
ATOM   174  C  CB    . VAL A 1 22  ? 6.788   0.102   -6.769  1.00 20.79 ? 35  VAL A CB    1 
ATOM   175  C  CG1   . VAL A 1 22  ? 6.608   -1.123  -6.056  1.00 19.27 ? 35  VAL A CG1   1 
ATOM   176  C  CG2   . VAL A 1 22  ? 5.734   1.155   -6.385  1.00 22.03 ? 35  VAL A CG2   1 
ATOM   177  N  N     . VAL A 1 23  ? 9.354   0.384   -4.464  1.00 14.69 ? 36  VAL A N     1 
ATOM   178  C  CA    . VAL A 1 23  ? 10.072  0.822   -3.286  1.00 14.45 ? 36  VAL A CA    1 
ATOM   179  C  C     . VAL A 1 23  ? 11.600  0.722   -3.520  1.00 14.37 ? 36  VAL A C     1 
ATOM   180  O  O     . VAL A 1 23  ? 12.039  -0.223  -4.079  1.00 16.00 ? 36  VAL A O     1 
ATOM   181  C  CB    . VAL A 1 23  ? 9.624   -0.038  -2.043  1.00 15.76 ? 36  VAL A CB    1 
ATOM   182  C  CG1   . VAL A 1 23  ? 10.391  0.326   -0.795  1.00 14.06 ? 36  VAL A CG1   1 
ATOM   183  C  CG2   . VAL A 1 23  ? 8.156   0.078   -1.813  1.00 13.18 ? 36  VAL A CG2   1 
ATOM   184  N  N     . ARG A 1 24  ? 12.354  1.733   -3.111  1.00 13.64 ? 37  ARG A N     1 
ATOM   185  C  CA    A ARG A 1 24  ? 13.670  1.903   -3.338  0.50 18.53 ? 37  ARG A CA    1 
ATOM   186  C  CA    B ARG A 1 24  ? 13.663  1.987   -3.341  0.50 16.30 ? 37  ARG A CA    1 
ATOM   187  C  C     . ARG A 1 24  ? 14.426  1.815   -2.019  1.00 15.77 ? 37  ARG A C     1 
ATOM   188  O  O     . ARG A 1 24  ? 13.920  2.182   -1.011  1.00 14.89 ? 37  ARG A O     1 
ATOM   189  C  CB    A ARG A 1 24  ? 13.986  3.201   -4.096  0.50 20.65 ? 37  ARG A CB    1 
ATOM   190  C  CB    B ARG A 1 24  ? 13.870  3.408   -3.901  0.50 15.14 ? 37  ARG A CB    1 
ATOM   191  C  CG    A ARG A 1 24  ? 13.309  3.272   -5.473  0.50 30.27 ? 37  ARG A CG    1 
ATOM   192  C  CG    B ARG A 1 24  ? 13.054  3.713   -5.182  0.50 19.31 ? 37  ARG A CG    1 
ATOM   193  C  CD    A ARG A 1 24  ? 13.212  4.697   -6.053  0.50 33.11 ? 37  ARG A CD    1 
ATOM   194  C  CD    B ARG A 1 24  ? 12.665  5.191   -5.339  0.50 27.27 ? 37  ARG A CD    1 
ATOM   195  N  NE    A ARG A 1 24  ? 12.382  5.697   -5.344  0.50 42.98 ? 37  ARG A NE    1 
ATOM   196  N  NE    B ARG A 1 24  ? 11.457  5.554   -4.587  0.50 24.95 ? 37  ARG A NE    1 
ATOM   197  C  CZ    A ARG A 1 24  ? 11.186  5.519   -4.763  0.50 40.65 ? 37  ARG A CZ    1 
ATOM   198  C  CZ    B ARG A 1 24  ? 10.668  6.601   -4.860  0.50 27.39 ? 37  ARG A CZ    1 
ATOM   199  N  NH1   A ARG A 1 24  ? 10.565  4.346   -4.741  0.50 28.66 ? 37  ARG A NH1   1 
ATOM   200  N  NH1   B ARG A 1 24  ? 10.930  7.418   -5.878  0.50 22.28 ? 37  ARG A NH1   1 
ATOM   201  N  NH2   A ARG A 1 24  ? 10.595  6.555   -4.179  0.50 44.72 ? 37  ARG A NH2   1 
ATOM   202  N  NH2   B ARG A 1 24  ? 9.609   6.837   -4.102  0.50 17.22 ? 37  ARG A NH2   1 
ATOM   203  N  N     . LYS A 1 25  ? 15.639  1.312   -2.051  1.00 15.15 ? 38  LYS A N     1 
ATOM   204  C  CA    . LYS A 1 25  ? 16.510  1.269   -0.913  1.00 13.26 ? 38  LYS A CA    1 
ATOM   205  C  C     . LYS A 1 25  ? 16.572  2.615   -0.170  1.00 14.54 ? 38  LYS A C     1 
ATOM   206  O  O     . LYS A 1 25  ? 16.859  3.591   -0.764  1.00 15.92 ? 38  LYS A O     1 
ATOM   207  C  CB    . LYS A 1 25  ? 17.926  0.908   -1.401  1.00 16.09 ? 38  LYS A CB    1 
ATOM   208  C  CG    . LYS A 1 25  ? 18.876  0.722   -0.331  1.00 22.87 ? 38  LYS A CG    1 
ATOM   209  C  CD    . LYS A 1 25  ? 18.621  -0.533  0.279   1.00 36.52 ? 38  LYS A CD    1 
ATOM   210  C  CE    . LYS A 1 25  ? 19.573  -0.864  1.327   1.00 45.52 ? 38  LYS A CE    1 
ATOM   211  N  NZ    . LYS A 1 25  ? 19.605  -2.367  1.622   1.00 52.07 ? 38  LYS A NZ    1 
ATOM   212  N  N     . GLY A 1 26  ? 16.284  2.587   1.115   1.00 14.73 ? 39  GLY A N     1 
ATOM   213  C  CA    . GLY A 1 26  ? 16.346  3.797   1.946   1.00 13.34 ? 39  GLY A CA    1 
ATOM   214  C  C     . GLY A 1 26  ? 15.027  4.543   2.091   1.00 14.96 ? 39  GLY A C     1 
ATOM   215  O  O     . GLY A 1 26  ? 14.941  5.540   2.797   1.00 12.59 ? 39  GLY A O     1 
ATOM   216  N  N     . ASP A 1 27  ? 13.996  4.082   1.399   1.00 11.88 ? 40  ASP A N     1 
ATOM   217  C  CA    . ASP A 1 27  ? 12.671  4.692   1.469   1.00 9.89  ? 40  ASP A CA    1 
ATOM   218  C  C     . ASP A 1 27  ? 12.026  4.498   2.827   1.00 10.44 ? 40  ASP A C     1 
ATOM   219  O  O     . ASP A 1 27  ? 12.276  3.497   3.519   1.00 11.68 ? 40  ASP A O     1 
ATOM   220  C  CB    . ASP A 1 27  ? 11.756  4.061   0.417   1.00 9.60  ? 40  ASP A CB    1 
ATOM   221  C  CG    . ASP A 1 27  ? 11.954  4.656   -0.968  1.00 15.15 ? 40  ASP A CG    1 
ATOM   222  O  OD1   . ASP A 1 27  ? 12.821  5.551   -1.127  1.00 15.94 ? 40  ASP A OD1   1 
ATOM   223  O  OD2   . ASP A 1 27  ? 11.250  4.222   -1.916  1.00 13.89 ? 40  ASP A OD2   1 
ATOM   224  N  N     . ALA A 1 28  ? 11.175  5.467   3.189   1.00 9.23  ? 41  ALA A N     1 
ATOM   225  C  CA    . ALA A 1 28  ? 10.271  5.308   4.313   1.00 10.66 ? 41  ALA A CA    1 
ATOM   226  C  C     . ALA A 1 28  ? 8.917   4.970   3.716   1.00 10.39 ? 41  ALA A C     1 
ATOM   227  O  O     . ALA A 1 28  ? 8.482   5.629   2.759   1.00 10.52 ? 41  ALA A O     1 
ATOM   228  C  CB    . ALA A 1 28  ? 10.165  6.602   5.141   1.00 11.78 ? 41  ALA A CB    1 
ATOM   229  N  N     . VAL A 1 29  ? 8.263   3.949   4.273   1.00 9.29  ? 42  VAL A N     1 
ATOM   230  C  CA    . VAL A 1 29  ? 7.048   3.363   3.690   1.00 9.19  ? 42  VAL A CA    1 
ATOM   231  C  C     . VAL A 1 29  ? 5.936   3.261   4.724   1.00 9.09  ? 42  VAL A C     1 
ATOM   232  O  O     . VAL A 1 29  ? 6.176   2.812   5.836   1.00 10.43 ? 42  VAL A O     1 
ATOM   233  C  CB    . VAL A 1 29  ? 7.362   1.927   3.191   1.00 10.87 ? 42  VAL A CB    1 
ATOM   234  C  CG1   . VAL A 1 29  ? 6.141   1.273   2.548   1.00 10.02 ? 42  VAL A CG1   1 
ATOM   235  C  CG2   . VAL A 1 29  ? 8.531   1.950   2.198   1.00 9.93  ? 42  VAL A CG2   1 
ATOM   236  N  N     . ILE A 1 30  ? 4.729   3.703   4.348   1.00 9.23  ? 43  ILE A N     1 
ATOM   237  C  CA    . ILE A 1 30  ? 3.523   3.356   5.111   1.00 8.55  ? 43  ILE A CA    1 
ATOM   238  C  C     . ILE A 1 30  ? 2.952   2.107   4.427   1.00 9.88  ? 43  ILE A C     1 
ATOM   239  O  O     . ILE A 1 30  ? 2.663   2.123   3.223   1.00 10.54 ? 43  ILE A O     1 
ATOM   240  C  CB    . ILE A 1 30  ? 2.488   4.467   5.077   1.00 9.68  ? 43  ILE A CB    1 
ATOM   241  C  CG1   . ILE A 1 30  ? 3.009   5.666   5.882   1.00 11.32 ? 43  ILE A CG1   1 
ATOM   242  C  CG2   . ILE A 1 30  ? 1.148   3.974   5.664   1.00 13.11 ? 43  ILE A CG2   1 
ATOM   243  C  CD1   . ILE A 1 30  ? 2.197   6.933   5.654   1.00 12.08 ? 43  ILE A CD1   1 
ATOM   244  N  N     . GLU A 1 31  ? 2.836   1.020   5.183   1.00 10.06 ? 44  GLU A N     1 
ATOM   245  C  CA    . GLU A 1 31  ? 2.354   -0.252  4.678   1.00 10.36 ? 44  GLU A CA    1 
ATOM   246  C  C     . GLU A 1 31  ? 0.992   -0.552  5.275   1.00 11.21 ? 44  GLU A C     1 
ATOM   247  O  O     . GLU A 1 31  ? 0.872   -0.659  6.493   1.00 12.60 ? 44  GLU A O     1 
ATOM   248  C  CB    . GLU A 1 31  ? 3.332   -1.365  5.057   1.00 11.21 ? 44  GLU A CB    1 
ATOM   249  C  CG    . GLU A 1 31  ? 2.785   -2.708  4.593   1.00 11.70 ? 44  GLU A CG    1 
ATOM   250  C  CD    . GLU A 1 31  ? 3.469   -3.912  5.187   1.00 13.48 ? 44  GLU A CD    1 
ATOM   251  O  OE1   . GLU A 1 31  ? 4.230   -3.767  6.182   1.00 15.29 ? 44  GLU A OE1   1 
ATOM   252  O  OE2   . GLU A 1 31  ? 3.204   -5.012  4.660   1.00 17.75 ? 44  GLU A OE2   1 
ATOM   253  N  N     . ILE A 1 32  ? -0.028  -0.650  4.437   1.00 9.39  ? 45  ILE A N     1 
ATOM   254  C  CA    . ILE A 1 32  ? -1.415  -0.871  4.888   1.00 9.26  ? 45  ILE A CA    1 
ATOM   255  C  C     . ILE A 1 32  ? -1.817  -2.326  4.654   1.00 10.33 ? 45  ILE A C     1 
ATOM   256  O  O     . ILE A 1 32  ? -1.635  -2.854  3.557   1.00 12.16 ? 45  ILE A O     1 
ATOM   257  C  CB    . ILE A 1 32  ? -2.376  0.095   4.185   1.00 10.48 ? 45  ILE A CB    1 
ATOM   258  C  CG1   . ILE A 1 32  ? -2.021  1.528   4.622   1.00 14.98 ? 45  ILE A CG1   1 
ATOM   259  C  CG2   . ILE A 1 32  ? -3.832  -0.231  4.534   1.00 13.76 ? 45  ILE A CG2   1 
ATOM   260  C  CD1   . ILE A 1 32  ? -2.609  2.616   3.773   1.00 20.21 ? 45  ILE A CD1   1 
ATOM   261  N  N     . GLY A 1 33  ? -2.311  -2.999  5.698   1.00 11.67 ? 46  GLY A N     1 
ATOM   262  C  CA    . GLY A 1 33  ? -2.646  -4.418  5.568   1.00 10.89 ? 46  GLY A CA    1 
ATOM   263  C  C     . GLY A 1 33  ? -1.419  -5.309  5.728   1.00 11.86 ? 46  GLY A C     1 
ATOM   264  O  O     . GLY A 1 33  ? -1.154  -6.169  4.900   1.00 14.16 ? 46  GLY A O     1 
ATOM   265  N  N     . SER A 1 34  ? -0.690  -5.105  6.818   1.00 14.11 ? 47  SER A N     1 
ATOM   266  C  CA    . SER A 1 34  ? 0.611   -5.739  6.991   1.00 13.31 ? 47  SER A CA    1 
ATOM   267  C  C     . SER A 1 34  ? 0.622   -7.148  7.564   1.00 12.81 ? 47  SER A C     1 
ATOM   268  O  O     . SER A 1 34  ? 1.600   -7.861  7.397   1.00 14.54 ? 47  SER A O     1 
ATOM   269  C  CB    . SER A 1 34  ? 1.470   -4.872  7.908   1.00 11.08 ? 47  SER A CB    1 
ATOM   270  O  OG    . SER A 1 34  ? 0.830   -4.700  9.172   1.00 14.23 ? 47  SER A OG    1 
ATOM   271  N  N     . SER A 1 35  ? -0.453  -7.566  8.227   1.00 12.35 ? 48  SER A N     1 
ATOM   272  C  CA    A SER A 1 35  ? -0.392  -8.835  8.949   0.50 12.78 ? 48  SER A CA    1 
ATOM   273  C  CA    B SER A 1 35  ? -0.432  -8.839  8.966   0.50 14.27 ? 48  SER A CA    1 
ATOM   274  C  C     . SER A 1 35  ? -0.574  -10.029 8.027   1.00 12.43 ? 48  SER A C     1 
ATOM   275  O  O     . SER A 1 35  ? -1.380  -9.977  7.101   1.00 16.33 ? 48  SER A O     1 
ATOM   276  C  CB    A SER A 1 35  ? -1.422  -8.853  10.067  0.50 13.15 ? 48  SER A CB    1 
ATOM   277  C  CB    B SER A 1 35  ? -1.558  -8.864  9.998   0.50 14.91 ? 48  SER A CB    1 
ATOM   278  O  OG    A SER A 1 35  ? -1.199  -7.757  10.935  0.50 12.11 ? 48  SER A OG    1 
ATOM   279  O  OG    B SER A 1 35  ? -1.487  -9.999  10.841  0.50 19.21 ? 48  SER A OG    1 
ATOM   280  N  N     . PRO A 1 36  ? 0.186   -11.124 8.274   1.00 13.69 ? 49  PRO A N     1 
ATOM   281  C  CA    . PRO A 1 36  ? 1.159   -11.408 9.332   1.00 14.45 ? 49  PRO A CA    1 
ATOM   282  C  C     . PRO A 1 36  ? 2.568   -10.869 9.159   1.00 15.17 ? 49  PRO A C     1 
ATOM   283  O  O     . PRO A 1 36  ? 3.338   -10.959 10.098  1.00 18.41 ? 49  PRO A O     1 
ATOM   284  C  CB    . PRO A 1 36  ? 1.191   -12.953 9.368   1.00 13.96 ? 49  PRO A CB    1 
ATOM   285  C  CG    . PRO A 1 36  ? 0.947   -13.338 7.936   1.00 16.02 ? 49  PRO A CG    1 
ATOM   286  C  CD    . PRO A 1 36  ? -0.040  -12.308 7.409   1.00 16.62 ? 49  PRO A CD    1 
ATOM   287  N  N     . GLY A 1 37  ? 2.923   -10.336 7.988   1.00 14.24 ? 50  GLY A N     1 
ATOM   288  C  CA    . GLY A 1 37  ? 4.240   -9.700  7.875   1.00 11.34 ? 50  GLY A CA    1 
ATOM   289  C  C     . GLY A 1 37  ? 5.140   -10.098 6.728   1.00 13.31 ? 50  GLY A C     1 
ATOM   290  O  O     . GLY A 1 37  ? 6.318   -9.779  6.744   1.00 13.91 ? 50  GLY A O     1 
ATOM   291  N  N     . GLY A 1 38  ? 4.608   -10.804 5.726   1.00 12.78 ? 51  GLY A N     1 
ATOM   292  C  CA    . GLY A 1 38  ? 5.416   -11.157 4.549   1.00 12.63 ? 51  GLY A CA    1 
ATOM   293  C  C     . GLY A 1 38  ? 5.969   -9.964  3.778   1.00 13.36 ? 51  GLY A C     1 
ATOM   294  O  O     . GLY A 1 38  ? 7.175   -9.875  3.528   1.00 13.73 ? 51  GLY A O     1 
ATOM   295  N  N     . TRP A 1 39  ? 5.085   -9.046  3.386   1.00 11.89 ? 52  TRP A N     1 
ATOM   296  C  CA    . TRP A 1 39  ? 5.583   -7.825  2.753   1.00 11.79 ? 52  TRP A CA    1 
ATOM   297  C  C     . TRP A 1 39  ? 6.499   -7.063  3.689   1.00 11.80 ? 52  TRP A C     1 
ATOM   298  O  O     . TRP A 1 39  ? 7.508   -6.518  3.262   1.00 13.79 ? 52  TRP A O     1 
ATOM   299  C  CB    . TRP A 1 39  ? 4.448   -6.904  2.320   1.00 12.99 ? 52  TRP A CB    1 
ATOM   300  C  CG    . TRP A 1 39  ? 3.760   -7.294  1.047   1.00 13.11 ? 52  TRP A CG    1 
ATOM   301  C  CD1   . TRP A 1 39  ? 3.682   -8.546  0.482   1.00 11.58 ? 52  TRP A CD1   1 
ATOM   302  C  CD2   . TRP A 1 39  ? 3.041   -6.419  0.182   1.00 12.99 ? 52  TRP A CD2   1 
ATOM   303  N  NE1   . TRP A 1 39  ? 2.957   -8.496  -0.678  1.00 13.19 ? 52  TRP A NE1   1 
ATOM   304  C  CE2   . TRP A 1 39  ? 2.548   -7.200  -0.887  1.00 13.10 ? 52  TRP A CE2   1 
ATOM   305  C  CE3   . TRP A 1 39  ? 2.761   -5.040  0.207   1.00 13.89 ? 52  TRP A CE3   1 
ATOM   306  C  CZ2   . TRP A 1 39  ? 1.800   -6.643  -1.937  1.00 12.31 ? 52  TRP A CZ2   1 
ATOM   307  C  CZ3   . TRP A 1 39  ? 2.011   -4.492  -0.819  1.00 14.51 ? 52  TRP A CZ3   1 
ATOM   308  C  CH2   . TRP A 1 39  ? 1.537   -5.295  -1.875  1.00 12.23 ? 52  TRP A CH2   1 
ATOM   309  N  N     . THR A 1 40  ? 6.138   -7.008  4.974   1.00 11.88 ? 53  THR A N     1 
ATOM   310  C  CA    . THR A 1 40  ? 6.943   -6.228  5.928   1.00 13.53 ? 53  THR A CA    1 
ATOM   311  C  C     . THR A 1 40  ? 8.374   -6.740  6.006   1.00 11.78 ? 53  THR A C     1 
ATOM   312  O  O     . THR A 1 40  ? 9.323   -5.950  5.997   1.00 15.17 ? 53  THR A O     1 
ATOM   313  C  CB    . THR A 1 40  ? 6.328   -6.249  7.354   1.00 13.39 ? 53  THR A CB    1 
ATOM   314  O  OG1   . THR A 1 40  ? 4.913   -6.066  7.284   1.00 15.73 ? 53  THR A OG1   1 
ATOM   315  C  CG2   . THR A 1 40  ? 6.941   -5.160  8.226   1.00 15.16 ? 53  THR A CG2   1 
ATOM   316  N  N     . GLN A 1 41  ? 8.524   -8.062  6.033   1.00 13.11 ? 54  GLN A N     1 
ATOM   317  C  CA    . GLN A 1 41  ? 9.847   -8.664  6.088   1.00 14.80 ? 54  GLN A CA    1 
ATOM   318  C  C     . GLN A 1 41  ? 10.630  -8.414  4.790   1.00 14.98 ? 54  GLN A C     1 
ATOM   319  O  O     . GLN A 1 41  ? 11.842  -8.193  4.839   1.00 17.30 ? 54  GLN A O     1 
ATOM   320  C  CB    . GLN A 1 41  ? 9.735   -10.159 6.408   1.00 15.90 ? 54  GLN A CB    1 
ATOM   321  C  CG    . GLN A 1 41  ? 9.361   -10.411 7.854   1.00 17.43 ? 54  GLN A CG    1 
ATOM   322  C  CD    . GLN A 1 41  ? 9.339   -11.878 8.250   1.00 23.10 ? 54  GLN A CD    1 
ATOM   323  O  OE1   . GLN A 1 41  ? 9.811   -12.746 7.524   1.00 27.50 ? 54  GLN A OE1   1 
ATOM   324  N  NE2   . GLN A 1 41  ? 8.791   -12.152 9.427   1.00 36.12 ? 54  GLN A NE2   1 
ATOM   325  N  N     . VAL A 1 42  ? 9.954   -8.421  3.642   1.00 13.38 ? 55  VAL A N     1 
ATOM   326  C  CA    . VAL A 1 42  ? 10.616  -8.103  2.382   1.00 13.23 ? 55  VAL A CA    1 
ATOM   327  C  C     . VAL A 1 42  ? 11.034  -6.628  2.392   1.00 16.58 ? 55  VAL A C     1 
ATOM   328  O  O     . VAL A 1 42  ? 12.170  -6.304  2.041   1.00 19.21 ? 55  VAL A O     1 
ATOM   329  C  CB    . VAL A 1 42  ? 9.709   -8.408  1.153   1.00 14.91 ? 55  VAL A CB    1 
ATOM   330  C  CG1   . VAL A 1 42  ? 10.267  -7.791  -0.155  1.00 15.77 ? 55  VAL A CG1   1 
ATOM   331  C  CG2   . VAL A 1 42  ? 9.538   -9.928  0.990   1.00 18.22 ? 55  VAL A CG2   1 
ATOM   332  N  N     . LEU A 1 43  ? 10.110  -5.756  2.802   1.00 13.47 ? 56  LEU A N     1 
ATOM   333  C  CA    . LEU A 1 43  ? 10.390  -4.313  2.845   1.00 16.57 ? 56  LEU A CA    1 
ATOM   334  C  C     . LEU A 1 43  ? 11.485  -3.957  3.845   1.00 14.44 ? 56  LEU A C     1 
ATOM   335  O  O     . LEU A 1 43  ? 12.230  -3.023  3.617   1.00 13.36 ? 56  LEU A O     1 
ATOM   336  C  CB    . LEU A 1 43  ? 9.131   -3.506  3.156   1.00 14.57 ? 56  LEU A CB    1 
ATOM   337  C  CG    . LEU A 1 43  ? 7.961   -3.472  2.164   1.00 16.91 ? 56  LEU A CG    1 
ATOM   338  C  CD1   . LEU A 1 43  ? 6.718   -2.897  2.848   1.00 18.51 ? 56  LEU A CD1   1 
ATOM   339  C  CD2   . LEU A 1 43  ? 8.326   -2.692  0.896   1.00 24.21 ? 56  LEU A CD2   1 
ATOM   340  N  N     . ASN A 1 44  ? 11.593  -4.708  4.939   1.00 16.18 ? 57  ASN A N     1 
ATOM   341  C  CA    . ASN A 1 44  ? 12.554  -4.419  6.006   1.00 15.31 ? 57  ASN A CA    1 
ATOM   342  C  C     . ASN A 1 44  ? 13.995  -4.587  5.550   1.00 21.90 ? 57  ASN A C     1 
ATOM   343  O  O     . ASN A 1 44  ? 14.909  -4.087  6.194   1.00 25.60 ? 57  ASN A O     1 
ATOM   344  C  CB    . ASN A 1 44  ? 12.248  -5.318  7.201   1.00 17.13 ? 57  ASN A CB    1 
ATOM   345  C  CG    . ASN A 1 44  ? 12.900  -4.855  8.489   1.00 20.72 ? 57  ASN A CG    1 
ATOM   346  O  OD1   . ASN A 1 44  ? 13.325  -5.681  9.303   1.00 24.28 ? 57  ASN A OD1   1 
ATOM   347  N  ND2   . ASN A 1 44  ? 12.977  -3.549  8.691   1.00 17.68 ? 57  ASN A ND2   1 
ATOM   348  N  N     . SER A 1 45  ? 14.156  -5.259  4.412   1.00 20.84 ? 58  SER A N     1 
ATOM   349  C  CA    A SER A 1 45  ? 15.466  -5.529  3.822   0.50 22.94 ? 58  SER A CA    1 
ATOM   350  C  CA    B SER A 1 45  ? 15.467  -5.527  3.831   0.50 23.87 ? 58  SER A CA    1 
ATOM   351  C  C     . SER A 1 45  ? 15.945  -4.344  2.992   1.00 23.93 ? 58  SER A C     1 
ATOM   352  O  O     . SER A 1 45  ? 17.109  -4.302  2.572   1.00 27.24 ? 58  SER A O     1 
ATOM   353  C  CB    A SER A 1 45  ? 15.420  -6.804  2.956   0.50 25.02 ? 58  SER A CB    1 
ATOM   354  C  CB    B SER A 1 45  ? 15.410  -6.797  2.970   0.50 26.41 ? 58  SER A CB    1 
ATOM   355  O  OG    A SER A 1 45  ? 14.638  -6.627  1.780   0.50 21.84 ? 58  SER A OG    1 
ATOM   356  O  OG    B SER A 1 45  ? 14.623  -7.799  3.593   0.50 27.47 ? 58  SER A OG    1 
ATOM   357  N  N     . LEU A 1 46  ? 15.053  -3.371  2.778   1.00 15.23 ? 59  LEU A N     1 
ATOM   358  C  CA    . LEU A 1 46  ? 15.253  -2.313  1.786   1.00 14.65 ? 59  LEU A CA    1 
ATOM   359  C  C     . LEU A 1 46  ? 14.925  -0.912  2.351   1.00 14.87 ? 59  LEU A C     1 
ATOM   360  O  O     . LEU A 1 46  ? 15.660  0.065   2.142   1.00 15.65 ? 59  LEU A O     1 
ATOM   361  C  CB    . LEU A 1 46  ? 14.290  -2.636  0.628   1.00 25.84 ? 59  LEU A CB    1 
ATOM   362  C  CG    . LEU A 1 46  ? 14.232  -1.929  -0.718  1.00 25.18 ? 59  LEU A CG    1 
ATOM   363  C  CD1   . LEU A 1 46  ? 15.422  -2.339  -1.563  1.00 29.94 ? 59  LEU A CD1   1 
ATOM   364  C  CD2   . LEU A 1 46  ? 12.940  -2.270  -1.460  1.00 26.06 ? 59  LEU A CD2   1 
ATOM   365  N  N     . ALA A 1 47  ? 13.795  -0.815  3.051   1.00 13.09 ? 60  ALA A N     1 
ATOM   366  C  CA    . ALA A 1 47  ? 13.328  0.468   3.571   1.00 13.19 ? 60  ALA A CA    1 
ATOM   367  C  C     . ALA A 1 47  ? 14.159  0.925   4.769   1.00 12.67 ? 60  ALA A C     1 
ATOM   368  O  O     . ALA A 1 47  ? 14.664  0.096   5.548   1.00 12.83 ? 60  ALA A O     1 
ATOM   369  C  CB    . ALA A 1 47  ? 11.872  0.348   3.977   1.00 11.38 ? 60  ALA A CB    1 
ATOM   370  N  N     . ARG A 1 48  ? 14.280  2.251   4.952   1.00 12.32 ? 61  ARG A N     1 
ATOM   371  C  CA    . ARG A 1 48  ? 14.896  2.755   6.193   1.00 11.46 ? 61  ARG A CA    1 
ATOM   372  C  C     . ARG A 1 48  ? 13.930  2.739   7.381   1.00 10.52 ? 61  ARG A C     1 
ATOM   373  O  O     . ARG A 1 48  ? 14.351  2.665   8.535   1.00 13.25 ? 61  ARG A O     1 
ATOM   374  C  CB    . ARG A 1 48  ? 15.489  4.167   6.007   1.00 10.24 ? 61  ARG A CB    1 
ATOM   375  C  CG    . ARG A 1 48  ? 14.503  5.325   6.017   1.00 13.10 ? 61  ARG A CG    1 
ATOM   376  C  CD    . ARG A 1 48  ? 15.232  6.673   5.837   1.00 13.71 ? 61  ARG A CD    1 
ATOM   377  N  NE    . ARG A 1 48  ? 14.306  7.776   6.070   1.00 12.52 ? 61  ARG A NE    1 
ATOM   378  C  CZ    . ARG A 1 48  ? 13.429  8.226   5.176   1.00 10.75 ? 61  ARG A CZ    1 
ATOM   379  N  NH1   . ARG A 1 48  ? 13.373  7.718   3.940   1.00 11.33 ? 61  ARG A NH1   1 
ATOM   380  N  NH2   . ARG A 1 48  ? 12.606  9.233   5.494   1.00 12.41 ? 61  ARG A NH2   1 
ATOM   381  N  N     . LYS A 1 49  ? 12.627  2.814   7.095   1.00 10.76 ? 62  LYS A N     1 
ATOM   382  C  CA    . LYS A 1 49  ? 11.612  2.844   8.128   1.00 10.80 ? 62  LYS A CA    1 
ATOM   383  C  C     . LYS A 1 49  ? 10.284  2.425   7.517   1.00 10.46 ? 62  LYS A C     1 
ATOM   384  O  O     . LYS A 1 49  ? 9.955   2.828   6.411   1.00 11.00 ? 62  LYS A O     1 
ATOM   385  C  CB    . LYS A 1 49  ? 11.475  4.250   8.713   1.00 11.68 ? 62  LYS A CB    1 
ATOM   386  C  CG    . LYS A 1 49  ? 10.561  4.350   9.961   1.00 14.08 ? 62  LYS A CG    1 
ATOM   387  C  CD    . LYS A 1 49  ? 10.880  3.351   11.078  1.00 15.23 ? 62  LYS A CD    1 
ATOM   388  C  CE    . LYS A 1 49  ? 12.332  3.402   11.567  1.00 16.71 ? 62  LYS A CE    1 
ATOM   389  N  NZ    . LYS A 1 49  ? 12.529  2.614   12.835  1.00 19.21 ? 62  LYS A NZ    1 
ATOM   390  N  N     . ILE A 1 50  ? 9.572   1.560   8.240   1.00 10.53 ? 63  ILE A N     1 
ATOM   391  C  CA    . ILE A 1 50  ? 8.240   1.123   7.828   1.00 10.94 ? 63  ILE A CA    1 
ATOM   392  C  C     . ILE A 1 50  ? 7.273   1.435   8.958   1.00 10.88 ? 63  ILE A C     1 
ATOM   393  O  O     . ILE A 1 50  ? 7.525   1.119   10.118  1.00 11.23 ? 63  ILE A O     1 
ATOM   394  C  CB    . ILE A 1 50  ? 8.197   -0.401  7.551   1.00 11.95 ? 63  ILE A CB    1 
ATOM   395  C  CG1   . ILE A 1 50  ? 9.237   -0.773  6.500   1.00 12.48 ? 63  ILE A CG1   1 
ATOM   396  C  CG2   . ILE A 1 50  ? 6.780   -0.811  7.078   1.00 11.36 ? 63  ILE A CG2   1 
ATOM   397  C  CD1   . ILE A 1 50  ? 9.590   -2.249  6.475   1.00 14.22 ? 63  ILE A CD1   1 
ATOM   398  N  N     . ILE A 1 51  ? 6.153   2.044   8.604   1.00 10.48 ? 64  ILE A N     1 
ATOM   399  C  CA    . ILE A 1 51  ? 5.028   2.176   9.514   1.00 10.88 ? 64  ILE A CA    1 
ATOM   400  C  C     . ILE A 1 51  ? 3.980   1.241   8.955   1.00 10.93 ? 64  ILE A C     1 
ATOM   401  O  O     . ILE A 1 51  ? 3.432   1.500   7.866   1.00 11.03 ? 64  ILE A O     1 
ATOM   402  C  CB    . ILE A 1 51  ? 4.507   3.629   9.529   1.00 11.86 ? 64  ILE A CB    1 
ATOM   403  C  CG1   . ILE A 1 51  ? 5.592   4.544   10.105  1.00 15.49 ? 64  ILE A CG1   1 
ATOM   404  C  CG2   . ILE A 1 51  ? 3.223   3.733   10.353  1.00 16.09 ? 64  ILE A CG2   1 
ATOM   405  C  CD1   . ILE A 1 51  ? 5.296   6.005   9.929   1.00 19.46 ? 64  ILE A CD1   1 
ATOM   406  N  N     . SER A 1 52  ? 3.713   0.162   9.683   1.00 10.83 ? 65  SER A N     1 
ATOM   407  C  CA    . SER A 1 52  ? 2.816   -0.909  9.243   1.00 10.05 ? 65  SER A CA    1 
ATOM   408  C  C     . SER A 1 52  ? 1.483   -0.830  9.984   1.00 10.66 ? 65  SER A C     1 
ATOM   409  O  O     . SER A 1 52  ? 1.483   -0.592  11.199  1.00 12.61 ? 65  SER A O     1 
ATOM   410  C  CB    . SER A 1 52  ? 3.462   -2.266  9.544   1.00 10.73 ? 65  SER A CB    1 
ATOM   411  O  OG    . SER A 1 52  ? 4.544   -2.547  8.659   1.00 13.77 ? 65  SER A OG    1 
ATOM   412  N  N     . ILE A 1 53  ? 0.373   -1.023  9.270   1.00 9.40  ? 66  ILE A N     1 
ATOM   413  C  CA    . ILE A 1 53  ? -0.962  -0.832  9.833   1.00 10.04 ? 66  ILE A CA    1 
ATOM   414  C  C     . ILE A 1 53  ? -1.829  -2.056  9.529   1.00 11.20 ? 66  ILE A C     1 
ATOM   415  O  O     . ILE A 1 53  ? -1.890  -2.492  8.370   1.00 11.03 ? 66  ILE A O     1 
ATOM   416  C  CB    . ILE A 1 53  ? -1.653  0.412   9.217   1.00 10.72 ? 66  ILE A CB    1 
ATOM   417  C  CG1   . ILE A 1 53  ? -0.801  1.670   9.504   1.00 13.63 ? 66  ILE A CG1   1 
ATOM   418  C  CG2   . ILE A 1 53  ? -3.058  0.576   9.820   1.00 15.71 ? 66  ILE A CG2   1 
ATOM   419  C  CD1   . ILE A 1 53  ? -1.130  2.904   8.681   1.00 16.82 ? 66  ILE A CD1   1 
ATOM   420  N  N     . ASP A 1 54  ? -2.522  -2.587  10.533  1.00 11.18 ? 67  ASP A N     1 
ATOM   421  C  CA    . ASP A 1 54  ? -3.456  -3.674  10.271  1.00 11.30 ? 67  ASP A CA    1 
ATOM   422  C  C     . ASP A 1 54  ? -4.515  -3.729  11.352  1.00 11.71 ? 67  ASP A C     1 
ATOM   423  O  O     . ASP A 1 54  ? -4.302  -3.244  12.455  1.00 12.81 ? 67  ASP A O     1 
ATOM   424  C  CB    . ASP A 1 54  ? -2.709  -5.019  10.231  1.00 13.14 ? 67  ASP A CB    1 
ATOM   425  C  CG    . ASP A 1 54  ? -3.461  -6.093  9.465   1.00 12.63 ? 67  ASP A CG    1 
ATOM   426  O  OD1   . ASP A 1 54  ? -4.447  -6.667  9.966   1.00 14.91 ? 67  ASP A OD1   1 
ATOM   427  O  OD2   . ASP A 1 54  ? -3.071  -6.374  8.329   1.00 12.57 ? 67  ASP A OD2   1 
ATOM   428  N  N     . LEU A 1 55  ? -5.655  -4.333  11.018  1.00 11.57 ? 68  LEU A N     1 
ATOM   429  C  CA    . LEU A 1 55  ? -6.680  -4.631  12.031  1.00 12.52 ? 68  LEU A CA    1 
ATOM   430  C  C     . LEU A 1 55  ? -6.215  -5.667  13.049  1.00 15.17 ? 68  LEU A C     1 
ATOM   431  O  O     . LEU A 1 55  ? -6.649  -5.630  14.215  1.00 16.52 ? 68  LEU A O     1 
ATOM   432  C  CB    . LEU A 1 55  ? -7.939  -5.190  11.364  1.00 12.94 ? 68  LEU A CB    1 
ATOM   433  C  CG    . LEU A 1 55  ? -8.753  -4.279  10.465  1.00 13.40 ? 68  LEU A CG    1 
ATOM   434  C  CD1   . LEU A 1 55  ? -9.727  -5.107  9.627   1.00 16.72 ? 68  LEU A CD1   1 
ATOM   435  C  CD2   . LEU A 1 55  ? -9.504  -3.295  11.303  1.00 16.24 ? 68  LEU A CD2   1 
ATOM   436  N  N     . GLN A 1 56  ? -5.379  -6.592  12.597  1.00 14.15 ? 69  GLN A N     1 
ATOM   437  C  CA    A GLN A 1 56  ? -4.966  -7.759  13.370  0.50 15.08 ? 69  GLN A CA    1 
ATOM   438  C  CA    B GLN A 1 56  ? -4.990  -7.719  13.426  0.50 14.35 ? 69  GLN A CA    1 
ATOM   439  C  C     . GLN A 1 56  ? -3.556  -7.590  13.893  1.00 16.76 ? 69  GLN A C     1 
ATOM   440  O  O     . GLN A 1 56  ? -2.736  -6.961  13.246  1.00 16.67 ? 69  GLN A O     1 
ATOM   441  C  CB    A GLN A 1 56  ? -5.000  -9.005  12.476  0.50 14.48 ? 69  GLN A CB    1 
ATOM   442  C  CB    B GLN A 1 56  ? -5.193  -9.043  12.673  0.50 17.92 ? 69  GLN A CB    1 
ATOM   443  C  CG    A GLN A 1 56  ? -6.338  -9.250  11.793  0.50 17.02 ? 69  GLN A CG    1 
ATOM   444  C  CG    B GLN A 1 56  ? -6.596  -9.240  12.087  0.50 22.73 ? 69  GLN A CG    1 
ATOM   445  C  CD    A GLN A 1 56  ? -6.336  -10.463 10.872  0.50 21.02 ? 69  GLN A CD    1 
ATOM   446  C  CD    B GLN A 1 56  ? -7.698  -9.371  13.137  0.50 27.27 ? 69  GLN A CD    1 
ATOM   447  O  OE1   A GLN A 1 56  ? -7.071  -11.422 11.104  0.50 26.25 ? 69  GLN A OE1   1 
ATOM   448  O  OE1   B GLN A 1 56  ? -7.482  -9.898  14.232  0.50 35.10 ? 69  GLN A OE1   1 
ATOM   449  N  NE2   A GLN A 1 56  ? -5.512  -10.425 9.823   0.50 23.75 ? 69  GLN A NE2   1 
ATOM   450  N  NE2   B GLN A 1 56  ? -8.895  -8.899  12.794  0.50 29.33 ? 69  GLN A NE2   1 
ATOM   451  N  N     . GLU A 1 57  ? -3.264  -8.178  15.052  1.00 18.94 ? 70  GLU A N     1 
ATOM   452  C  CA    . GLU A 1 57  ? -1.907  -8.205  15.545  1.00 22.18 ? 70  GLU A CA    1 
ATOM   453  C  C     . GLU A 1 57  ? -1.007  -8.964  14.579  1.00 20.61 ? 70  GLU A C     1 
ATOM   454  O  O     . GLU A 1 57  ? -1.458  -9.828  13.815  1.00 22.85 ? 70  GLU A O     1 
ATOM   455  C  CB    . GLU A 1 57  ? -1.855  -8.875  16.927  1.00 28.88 ? 70  GLU A CB    1 
ATOM   456  C  CG    . GLU A 1 57  ? -1.939  -7.903  18.105  1.00 41.08 ? 70  GLU A CG    1 
ATOM   457  C  CD    . GLU A 1 57  ? -0.800  -6.883  18.132  1.00 47.85 ? 70  GLU A CD    1 
ATOM   458  O  OE1   . GLU A 1 57  ? -1.064  -5.709  18.469  1.00 44.50 ? 70  GLU A OE1   1 
ATOM   459  O  OE2   . GLU A 1 57  ? 0.358   -7.247  17.818  1.00 53.10 ? 70  GLU A OE2   1 
HETATM 460  N  N     . MSE A 1 58  ? 0.265   -8.596  14.581  1.00 22.46 ? 71  MSE A N     1 
HETATM 461  C  CA    . MSE A 1 58  ? 1.274   -9.422  13.956  1.00 25.42 ? 71  MSE A CA    1 
HETATM 462  C  C     . MSE A 1 58  ? 2.518   -9.383  14.825  1.00 23.59 ? 71  MSE A C     1 
HETATM 463  O  O     . MSE A 1 58  ? 2.648   -8.513  15.702  1.00 26.19 ? 71  MSE A O     1 
HETATM 464  C  CB    . MSE A 1 58  ? 1.571   -8.952  12.534  1.00 23.96 ? 71  MSE A CB    1 
HETATM 465  C  CG    . MSE A 1 58  ? 2.139   -7.587  12.454  1.00 17.30 ? 71  MSE A CG    1 
HETATM 466  SE SE    . MSE A 1 58  ? 2.794   -7.160  10.658  0.70 26.40 ? 71  MSE A SE    1 
HETATM 467  C  CE    . MSE A 1 58  ? 3.358   -5.630  11.348  1.00 10.60 ? 71  MSE A CE    1 
ATOM   468  N  N     . GLU A 1 59  ? 3.420   -10.325 14.584  1.00 26.79 ? 72  GLU A N     1 
ATOM   469  C  CA    . GLU A 1 59  ? 4.658   -10.401 15.343  1.00 33.65 ? 72  GLU A CA    1 
ATOM   470  C  C     . GLU A 1 59  ? 5.527   -9.174  15.097  1.00 30.46 ? 72  GLU A C     1 
ATOM   471  O  O     . GLU A 1 59  ? 5.553   -8.630  13.981  1.00 25.47 ? 72  GLU A O     1 
ATOM   472  C  CB    . GLU A 1 59  ? 5.425   -11.685 15.024  1.00 37.99 ? 72  GLU A CB    1 
ATOM   473  C  CG    . GLU A 1 59  ? 5.084   -12.838 15.957  1.00 50.28 ? 72  GLU A CG    1 
ATOM   474  C  CD    . GLU A 1 59  ? 6.152   -13.913 15.967  1.00 59.79 ? 72  GLU A CD    1 
ATOM   475  O  OE1   . GLU A 1 59  ? 6.999   -13.900 16.888  1.00 58.00 ? 72  GLU A OE1   1 
ATOM   476  O  OE2   . GLU A 1 59  ? 6.151   -14.762 15.048  1.00 64.90 ? 72  GLU A OE2   1 
ATOM   477  N  N     . GLU A 1 60  ? 6.194   -8.737  16.165  1.00 31.06 ? 73  GLU A N     1 
ATOM   478  C  CA    . GLU A 1 60  ? 7.124   -7.610  16.122  1.00 33.36 ? 73  GLU A CA    1 
ATOM   479  C  C     . GLU A 1 60  ? 8.316   -7.890  15.212  1.00 28.63 ? 73  GLU A C     1 
ATOM   480  O  O     . GLU A 1 60  ? 8.788   -9.016  15.084  1.00 23.68 ? 73  GLU A O     1 
ATOM   481  C  CB    . GLU A 1 60  ? 7.584   -7.209  17.538  1.00 36.66 ? 73  GLU A CB    1 
ATOM   482  C  CG    . GLU A 1 60  ? 8.420   -8.255  18.304  1.00 54.51 ? 73  GLU A CG    1 
ATOM   483  C  CD    . GLU A 1 60  ? 7.590   -9.296  19.072  1.00 65.94 ? 73  GLU A CD    1 
ATOM   484  O  OE1   . GLU A 1 60  ? 6.343   -9.315  18.947  1.00 68.44 ? 73  GLU A OE1   1 
ATOM   485  O  OE2   . GLU A 1 60  ? 8.202   -10.106 19.806  1.00 69.26 ? 73  GLU A OE2   1 
ATOM   486  N  N     . ILE A 1 61  ? 8.754   -6.853  14.516  1.00 22.88 ? 74  ILE A N     1 
ATOM   487  C  CA    . ILE A 1 61  ? 9.921   -6.936  13.656  1.00 19.83 ? 74  ILE A CA    1 
ATOM   488  C  C     . ILE A 1 61  ? 10.742  -5.747  14.108  1.00 21.56 ? 74  ILE A C     1 
ATOM   489  O  O     . ILE A 1 61  ? 10.199  -4.654  14.298  1.00 20.26 ? 74  ILE A O     1 
ATOM   490  C  CB    . ILE A 1 61  ? 9.548   -6.894  12.142  1.00 18.50 ? 74  ILE A CB    1 
ATOM   491  C  CG1   . ILE A 1 61  ? 8.711   -8.122  11.774  1.00 19.31 ? 74  ILE A CG1   1 
ATOM   492  C  CG2   . ILE A 1 61  ? 10.804  -6.875  11.272  1.00 19.70 ? 74  ILE A CG2   1 
ATOM   493  C  CD1   . ILE A 1 61  ? 7.987   -8.012  10.434  1.00 16.30 ? 74  ILE A CD1   1 
ATOM   494  N  N     . ALA A 1 62  ? 12.034  -5.974  14.345  1.00 20.90 ? 75  ALA A N     1 
ATOM   495  C  CA    . ALA A 1 62  ? 12.875  -4.921  14.898  1.00 24.22 ? 75  ALA A CA    1 
ATOM   496  C  C     . ALA A 1 62  ? 12.833  -3.685  14.009  1.00 16.89 ? 75  ALA A C     1 
ATOM   497  O  O     . ALA A 1 62  ? 13.022  -3.770  12.803  1.00 19.33 ? 75  ALA A O     1 
ATOM   498  C  CB    . ALA A 1 62  ? 14.310  -5.417  15.065  1.00 24.81 ? 75  ALA A CB    1 
ATOM   499  N  N     . GLY A 1 63  ? 12.545  -2.542  14.630  1.00 19.08 ? 76  GLY A N     1 
ATOM   500  C  CA    . GLY A 1 63  ? 12.582  -1.269  13.929  1.00 17.20 ? 76  GLY A CA    1 
ATOM   501  C  C     . GLY A 1 63  ? 11.349  -0.901  13.122  1.00 15.30 ? 76  GLY A C     1 
ATOM   502  O  O     . GLY A 1 63  ? 11.286  0.200   12.580  1.00 15.69 ? 76  GLY A O     1 
ATOM   503  N  N     . VAL A 1 64  ? 10.382  -1.813  13.040  1.00 14.31 ? 77  VAL A N     1 
ATOM   504  C  CA    . VAL A 1 64  ? 9.134   -1.551  12.308  1.00 13.17 ? 77  VAL A CA    1 
ATOM   505  C  C     . VAL A 1 64  ? 8.140   -0.969  13.299  1.00 13.37 ? 77  VAL A C     1 
ATOM   506  O  O     . VAL A 1 64  ? 8.001   -1.491  14.436  1.00 15.18 ? 77  VAL A O     1 
ATOM   507  C  CB    . VAL A 1 64  ? 8.538   -2.832  11.674  1.00 12.43 ? 77  VAL A CB    1 
ATOM   508  C  CG1   . VAL A 1 64  ? 7.124   -2.578  11.149  1.00 12.61 ? 77  VAL A CG1   1 
ATOM   509  C  CG2   . VAL A 1 64  ? 9.447   -3.380  10.561  1.00 14.75 ? 77  VAL A CG2   1 
ATOM   510  N  N     . ARG A 1 65  ? 7.475   0.120   12.904  1.00 11.93 ? 78  ARG A N     1 
ATOM   511  C  CA    . ARG A 1 65  ? 6.511   0.731   13.778  1.00 12.60 ? 78  ARG A CA    1 
ATOM   512  C  C     . ARG A 1 65  ? 5.145   0.200   13.395  1.00 14.57 ? 78  ARG A C     1 
ATOM   513  O  O     . ARG A 1 65  ? 4.624   0.527   12.341  1.00 15.17 ? 78  ARG A O     1 
ATOM   514  C  CB    . ARG A 1 65  ? 6.568   2.241   13.596  1.00 13.99 ? 78  ARG A CB    1 
ATOM   515  C  CG    . ARG A 1 65  ? 5.605   2.996   14.462  1.00 22.12 ? 78  ARG A CG    1 
ATOM   516  C  CD    . ARG A 1 65  ? 5.887   4.470   14.364  1.00 33.92 ? 78  ARG A CD    1 
ATOM   517  N  NE    . ARG A 1 65  ? 7.082   4.895   15.090  1.00 36.42 ? 78  ARG A NE    1 
ATOM   518  C  CZ    . ARG A 1 65  ? 7.073   5.469   16.289  1.00 40.20 ? 78  ARG A CZ    1 
ATOM   519  N  NH1   . ARG A 1 65  ? 5.925   5.693   16.926  1.00 33.04 ? 78  ARG A NH1   1 
ATOM   520  N  NH2   . ARG A 1 65  ? 8.223   5.821   16.852  1.00 34.30 ? 78  ARG A NH2   1 
ATOM   521  N  N     . PHE A 1 66  ? 4.577   -0.640  14.236  1.00 12.80 ? 79  PHE A N     1 
ATOM   522  C  CA    . PHE A 1 66  ? 3.301   -1.250  13.934  1.00 12.11 ? 79  PHE A CA    1 
ATOM   523  C  C     . PHE A 1 66  ? 2.177   -0.500  14.641  1.00 15.59 ? 79  PHE A C     1 
ATOM   524  O  O     . PHE A 1 66  ? 2.284   -0.172  15.821  1.00 18.23 ? 79  PHE A O     1 
ATOM   525  C  CB    . PHE A 1 66  ? 3.313   -2.735  14.318  1.00 13.66 ? 79  PHE A CB    1 
ATOM   526  C  CG    . PHE A 1 66  ? 1.988   -3.425  14.109  1.00 13.92 ? 79  PHE A CG    1 
ATOM   527  C  CD1   . PHE A 1 66  ? 1.416   -3.492  12.853  1.00 14.07 ? 79  PHE A CD1   1 
ATOM   528  C  CD2   . PHE A 1 66  ? 1.302   -3.985  15.186  1.00 16.12 ? 79  PHE A CD2   1 
ATOM   529  C  CE1   . PHE A 1 66  ? 0.177   -4.117  12.660  1.00 14.81 ? 79  PHE A CE1   1 
ATOM   530  C  CE2   . PHE A 1 66  ? 0.062   -4.589  15.007  1.00 19.04 ? 79  PHE A CE2   1 
ATOM   531  C  CZ    . PHE A 1 66  ? -0.503  -4.656  13.743  1.00 18.26 ? 79  PHE A CZ    1 
ATOM   532  N  N     . ILE A 1 67  ? 1.090   -0.247  13.915  1.00 13.67 ? 80  ILE A N     1 
ATOM   533  C  CA    . ILE A 1 67  ? -0.088  0.412   14.462  1.00 14.45 ? 80  ILE A CA    1 
ATOM   534  C  C     . ILE A 1 67  ? -1.279  -0.499  14.184  1.00 14.03 ? 80  ILE A C     1 
ATOM   535  O  O     . ILE A 1 67  ? -1.592  -0.788  13.031  1.00 13.61 ? 80  ILE A O     1 
ATOM   536  C  CB    . ILE A 1 67  ? -0.362  1.757   13.781  1.00 13.42 ? 80  ILE A CB    1 
ATOM   537  C  CG1   . ILE A 1 67  ? 0.869   2.688   13.859  1.00 16.58 ? 80  ILE A CG1   1 
ATOM   538  C  CG2   . ILE A 1 67  ? -1.597  2.423   14.413  1.00 18.22 ? 80  ILE A CG2   1 
ATOM   539  C  CD1   . ILE A 1 67  ? 0.727   3.977   13.080  1.00 19.95 ? 80  ILE A CD1   1 
ATOM   540  N  N     . ARG A 1 68  ? -1.967  -0.934  15.233  1.00 13.88 ? 81  ARG A N     1 
ATOM   541  C  CA    . ARG A 1 68  ? -3.234  -1.635  15.066  1.00 13.30 ? 81  ARG A CA    1 
ATOM   542  C  C     . ARG A 1 68  ? -4.316  -0.577  14.880  1.00 15.06 ? 81  ARG A C     1 
ATOM   543  O  O     . ARG A 1 68  ? -4.530  0.268   15.753  1.00 13.56 ? 81  ARG A O     1 
ATOM   544  C  CB    . ARG A 1 68  ? -3.552  -2.508  16.289  1.00 16.75 ? 81  ARG A CB    1 
ATOM   545  C  CG    . ARG A 1 68  ? -3.390  -3.993  16.024  1.00 33.80 ? 81  ARG A CG    1 
ATOM   546  C  CD    . ARG A 1 68  ? -4.010  -4.816  17.124  1.00 32.17 ? 81  ARG A CD    1 
ATOM   547  N  NE    . ARG A 1 68  ? -5.237  -5.496  16.729  1.00 23.99 ? 81  ARG A NE    1 
ATOM   548  C  CZ    . ARG A 1 68  ? -5.887  -6.344  17.518  1.00 24.73 ? 81  ARG A CZ    1 
ATOM   549  N  NH1   . ARG A 1 68  ? -5.413  -6.606  18.729  1.00 32.42 ? 81  ARG A NH1   1 
ATOM   550  N  NH2   . ARG A 1 68  ? -6.996  -6.939  17.106  1.00 33.32 ? 81  ARG A NH2   1 
ATOM   551  N  N     . CYS A 1 69  ? -5.005  -0.614  13.745  1.00 12.53 ? 82  CYS A N     1 
ATOM   552  C  CA    . CYS A 1 69  ? -5.922  0.447   13.398  1.00 13.00 ? 82  CYS A CA    1 
ATOM   553  C  C     . CYS A 1 69  ? -6.818  0.005   12.251  1.00 13.41 ? 82  CYS A C     1 
ATOM   554  O  O     . CYS A 1 69  ? -6.351  -0.722  11.360  1.00 14.05 ? 82  CYS A O     1 
ATOM   555  C  CB    . CYS A 1 69  ? -5.139  1.682   12.969  1.00 14.25 ? 82  CYS A CB    1 
ATOM   556  S  SG    . CYS A 1 69  ? -6.237  3.085   12.657  1.00 19.53 ? 82  CYS A SG    1 
ATOM   557  N  N     . ASP A 1 70  ? -8.086  0.436   12.267  1.00 11.70 ? 83  ASP A N     1 
ATOM   558  C  CA    . ASP A 1 70  ? -8.947  0.257   11.106  1.00 13.14 ? 83  ASP A CA    1 
ATOM   559  C  C     . ASP A 1 70  ? -8.799  1.532   10.294  1.00 12.87 ? 83  ASP A C     1 
ATOM   560  O  O     . ASP A 1 70  ? -9.161  2.615   10.762  1.00 13.51 ? 83  ASP A O     1 
ATOM   561  C  CB    . ASP A 1 70  ? -10.408 0.080   11.561  1.00 11.45 ? 83  ASP A CB    1 
ATOM   562  C  CG    . ASP A 1 70  ? -11.387 -0.120  10.405  1.00 15.18 ? 83  ASP A CG    1 
ATOM   563  O  OD1   . ASP A 1 70  ? -11.104 0.265   9.255   1.00 14.62 ? 83  ASP A OD1   1 
ATOM   564  O  OD2   . ASP A 1 70  ? -12.477 -0.675  10.665  1.00 18.70 ? 83  ASP A OD2   1 
ATOM   565  N  N     . ILE A 1 71  ? -8.300  1.429   9.062   1.00 12.08 ? 84  ILE A N     1 
ATOM   566  C  CA    . ILE A 1 71  ? -8.074  2.644   8.269   1.00 10.97 ? 84  ILE A CA    1 
ATOM   567  C  C     . ILE A 1 71  ? -9.339  3.462   7.990   1.00 13.47 ? 84  ILE A C     1 
ATOM   568  O  O     . ILE A 1 71  ? -9.234  4.626   7.658   1.00 13.31 ? 84  ILE A O     1 
ATOM   569  C  CB    . ILE A 1 71  ? -7.336  2.348   6.929   1.00 13.38 ? 84  ILE A CB    1 
ATOM   570  C  CG1   . ILE A 1 71  ? -8.198  1.475   5.976   1.00 12.86 ? 84  ILE A CG1   1 
ATOM   571  C  CG2   . ILE A 1 71  ? -5.956  1.715   7.204   1.00 13.54 ? 84  ILE A CG2   1 
ATOM   572  C  CD1   . ILE A 1 71  ? -7.658  1.374   4.528   1.00 14.69 ? 84  ILE A CD1   1 
ATOM   573  N  N     . PHE A 1 72  ? -10.507 2.846   8.103   1.00 13.02 ? 85  PHE A N     1 
ATOM   574  C  CA    . PHE A 1 72  ? -11.765 3.556   7.812   1.00 12.85 ? 85  PHE A CA    1 
ATOM   575  C  C     . PHE A 1 72  ? -12.264 4.367   9.009   1.00 15.25 ? 85  PHE A C     1 
ATOM   576  O  O     . PHE A 1 72  ? -13.175 5.195   8.866   1.00 17.25 ? 85  PHE A O     1 
ATOM   577  C  CB    . PHE A 1 72  ? -12.855 2.561   7.415   1.00 12.29 ? 85  PHE A CB    1 
ATOM   578  C  CG    . PHE A 1 72  ? -12.631 1.918   6.077   1.00 11.32 ? 85  PHE A CG    1 
ATOM   579  C  CD1   . PHE A 1 72  ? -12.664 2.679   4.916   1.00 12.76 ? 85  PHE A CD1   1 
ATOM   580  C  CD2   . PHE A 1 72  ? -12.404 0.557   5.988   1.00 11.72 ? 85  PHE A CD2   1 
ATOM   581  C  CE1   . PHE A 1 72  ? -12.457 2.076   3.681   1.00 15.78 ? 85  PHE A CE1   1 
ATOM   582  C  CE2   . PHE A 1 72  ? -12.197 -0.048  4.750   1.00 14.28 ? 85  PHE A CE2   1 
ATOM   583  C  CZ    . PHE A 1 72  ? -12.240 0.724   3.599   1.00 16.43 ? 85  PHE A CZ    1 
ATOM   584  N  N     . LYS A 1 73  ? -11.685 4.138   10.187  1.00 15.12 ? 86  LYS A N     1 
ATOM   585  C  CA    . LYS A 1 73  ? -12.213 4.753   11.396  1.00 15.16 ? 86  LYS A CA    1 
ATOM   586  C  C     . LYS A 1 73  ? -11.531 6.100   11.672  1.00 15.80 ? 86  LYS A C     1 
ATOM   587  O  O     . LYS A 1 73  ? -10.880 6.663   10.791  1.00 17.52 ? 86  LYS A O     1 
ATOM   588  C  CB    . LYS A 1 73  ? -12.136 3.781   12.586  1.00 15.21 ? 86  LYS A CB    1 
ATOM   589  C  CG    . LYS A 1 73  ? -13.005 2.524   12.447  1.00 18.74 ? 86  LYS A CG    1 
ATOM   590  C  CD    . LYS A 1 73  ? -14.494 2.819   12.255  1.00 25.60 ? 86  LYS A CD    1 
ATOM   591  C  CE    . LYS A 1 73  ? -15.250 1.510   12.000  1.00 30.31 ? 86  LYS A CE    1 
ATOM   592  N  NZ    . LYS A 1 73  ? -16.628 1.743   11.487  1.00 39.14 ? 86  LYS A NZ    1 
ATOM   593  N  N     . GLU A 1 74  ? -11.704 6.631   12.885  1.00 14.35 ? 87  GLU A N     1 
ATOM   594  C  CA    . GLU A 1 74  ? -11.411 8.039   13.155  1.00 18.83 ? 87  GLU A CA    1 
ATOM   595  C  C     . GLU A 1 74  ? -10.000 8.367   13.585  1.00 16.10 ? 87  GLU A C     1 
ATOM   596  O  O     . GLU A 1 74  ? -9.630  9.552   13.580  1.00 18.86 ? 87  GLU A O     1 
ATOM   597  C  CB    . GLU A 1 74  ? -12.375 8.619   14.210  1.00 16.40 ? 87  GLU A CB    1 
ATOM   598  C  CG    . GLU A 1 74  ? -13.866 8.353   13.908  1.00 24.26 ? 87  GLU A CG    1 
ATOM   599  C  CD    . GLU A 1 74  ? -14.819 8.807   15.030  1.00 32.24 ? 87  GLU A CD    1 
ATOM   600  O  OE1   . GLU A 1 74  ? -14.600 8.489   16.225  1.00 22.27 ? 87  GLU A OE1   1 
ATOM   601  O  OE2   . GLU A 1 74  ? -15.815 9.483   14.703  1.00 38.54 ? 87  GLU A OE2   1 
ATOM   602  N  N     . THR A 1 75  ? -9.223  7.369   13.993  1.00 14.31 ? 88  THR A N     1 
ATOM   603  C  CA    . THR A 1 75  ? -7.889  7.662   14.537  1.00 12.35 ? 88  THR A CA    1 
ATOM   604  C  C     . THR A 1 75  ? -6.754  7.606   13.499  1.00 14.22 ? 88  THR A C     1 
ATOM   605  O  O     . THR A 1 75  ? -5.646  7.964   13.813  1.00 14.68 ? 88  THR A O     1 
ATOM   606  C  CB    . THR A 1 75  ? -7.489  6.699   15.682  1.00 13.50 ? 88  THR A CB    1 
ATOM   607  O  OG1   . THR A 1 75  ? -7.430  5.361   15.182  1.00 14.98 ? 88  THR A OG1   1 
ATOM   608  C  CG2   . THR A 1 75  ? -8.472  6.780   16.857  1.00 16.24 ? 88  THR A CG2   1 
ATOM   609  N  N     . ILE A 1 76  ? -7.038  7.126   12.291  1.00 12.41 ? 89  ILE A N     1 
ATOM   610  C  CA    . ILE A 1 76  ? -5.979  6.757   11.339  1.00 11.93 ? 89  ILE A CA    1 
ATOM   611  C  C     . ILE A 1 76  ? -4.984  7.882   11.064  1.00 13.83 ? 89  ILE A C     1 
ATOM   612  O  O     . ILE A 1 76  ? -3.765  7.655   11.075  1.00 13.99 ? 89  ILE A O     1 
ATOM   613  C  CB    . ILE A 1 76  ? -6.584  6.163   10.032  1.00 14.69 ? 89  ILE A CB    1 
ATOM   614  C  CG1   . ILE A 1 76  ? -5.480  5.695   9.061   1.00 12.66 ? 89  ILE A CG1   1 
ATOM   615  C  CG2   . ILE A 1 76  ? -7.571  7.124   9.348   1.00 15.13 ? 89  ILE A CG2   1 
ATOM   616  C  CD1   . ILE A 1 76  ? -4.513  4.709   9.666   1.00 14.32 ? 89  ILE A CD1   1 
ATOM   617  N  N     . PHE A 1 77  ? -5.499  9.096   10.888  1.00 14.71 ? 90  PHE A N     1 
ATOM   618  C  CA    . PHE A 1 77  ? -4.607  10.213  10.563  1.00 14.60 ? 90  PHE A CA    1 
ATOM   619  C  C     . PHE A 1 77  ? -3.825  10.671  11.761  1.00 16.51 ? 90  PHE A C     1 
ATOM   620  O  O     . PHE A 1 77  ? -2.647  10.966  11.642  1.00 16.36 ? 90  PHE A O     1 
ATOM   621  C  CB    . PHE A 1 77  ? -5.361  11.361  9.914   1.00 14.85 ? 90  PHE A CB    1 
ATOM   622  C  CG    . PHE A 1 77  ? -6.116  10.956  8.692   1.00 15.88 ? 90  PHE A CG    1 
ATOM   623  C  CD1   . PHE A 1 77  ? -5.451  10.563  7.528   1.00 17.54 ? 90  PHE A CD1   1 
ATOM   624  C  CD2   . PHE A 1 77  ? -7.507  10.924  8.707   1.00 19.99 ? 90  PHE A CD2   1 
ATOM   625  C  CE1   . PHE A 1 77  ? -6.183  10.173  6.389   1.00 20.12 ? 90  PHE A CE1   1 
ATOM   626  C  CE2   . PHE A 1 77  ? -8.233  10.541  7.585   1.00 24.98 ? 90  PHE A CE2   1 
ATOM   627  C  CZ    . PHE A 1 77  ? -7.578  10.165  6.426   1.00 18.82 ? 90  PHE A CZ    1 
ATOM   628  N  N     . ASP A 1 78  ? -4.466  10.693  12.926  1.00 13.68 ? 91  ASP A N     1 
ATOM   629  C  CA    . ASP A 1 78  ? -3.747  11.022  14.151  1.00 13.68 ? 91  ASP A CA    1 
ATOM   630  C  C     . ASP A 1 78  ? -2.641  10.010  14.464  1.00 14.80 ? 91  ASP A C     1 
ATOM   631  O  O     . ASP A 1 78  ? -1.560  10.369  14.971  1.00 16.34 ? 91  ASP A O     1 
ATOM   632  C  CB    . ASP A 1 78  ? -4.714  11.081  15.342  1.00 17.52 ? 91  ASP A CB    1 
ATOM   633  C  CG    . ASP A 1 78  ? -5.675  12.263  15.270  1.00 24.50 ? 91  ASP A CG    1 
ATOM   634  O  OD1   . ASP A 1 78  ? -5.379  13.254  14.572  1.00 21.30 ? 91  ASP A OD1   1 
ATOM   635  O  OD2   . ASP A 1 78  ? -6.740  12.200  15.923  1.00 25.94 ? 91  ASP A OD2   1 
ATOM   636  N  N     . ASP A 1 79  ? -2.929  8.735   14.175  1.00 13.74 ? 92  ASP A N     1 
ATOM   637  C  CA    . ASP A 1 79  ? -2.011  7.646   14.420  1.00 12.72 ? 92  ASP A CA    1 
ATOM   638  C  C     . ASP A 1 79  ? -0.801  7.758   13.510  1.00 13.13 ? 92  ASP A C     1 
ATOM   639  O  O     . ASP A 1 79  ? 0.338   7.600   13.959  1.00 14.01 ? 92  ASP A O     1 
ATOM   640  C  CB    . ASP A 1 79  ? -2.700  6.302   14.146  1.00 13.56 ? 92  ASP A CB    1 
ATOM   641  C  CG    . ASP A 1 79  ? -3.728  5.915   15.193  1.00 17.23 ? 92  ASP A CG    1 
ATOM   642  O  OD1   . ASP A 1 79  ? -3.687  6.445   16.329  1.00 16.56 ? 92  ASP A OD1   1 
ATOM   643  O  OD2   . ASP A 1 79  ? -4.577  5.055   14.854  1.00 16.08 ? 92  ASP A OD2   1 
ATOM   644  N  N     . ILE A 1 80  ? -1.057  8.021   12.229  1.00 12.18 ? 93  ILE A N     1 
ATOM   645  C  CA    . ILE A 1 80  ? 0.071   8.139   11.294  1.00 14.15 ? 93  ILE A CA    1 
ATOM   646  C  C     . ILE A 1 80  ? 0.849   9.425   11.577  1.00 17.32 ? 93  ILE A C     1 
ATOM   647  O  O     . ILE A 1 80  ? 2.096   9.392   11.613  1.00 15.16 ? 93  ILE A O     1 
ATOM   648  C  CB    . ILE A 1 80  ? -0.384  8.085   9.830   1.00 13.03 ? 93  ILE A CB    1 
ATOM   649  C  CG1   . ILE A 1 80  ? -0.915  6.683   9.483   1.00 12.61 ? 93  ILE A CG1   1 
ATOM   650  C  CG2   . ILE A 1 80  ? 0.802   8.406   8.911   1.00 14.05 ? 93  ILE A CG2   1 
ATOM   651  C  CD1   . ILE A 1 80  ? -1.670  6.610   8.143   1.00 12.35 ? 93  ILE A CD1   1 
ATOM   652  N  N     . ASP A 1 81  ? 0.129   10.534  11.801  1.00 14.05 ? 94  ASP A N     1 
ATOM   653  C  CA    . ASP A 1 81  ? 0.800   11.795  12.190  1.00 16.18 ? 94  ASP A CA    1 
ATOM   654  C  C     . ASP A 1 81  ? 1.780   11.580  13.340  1.00 15.42 ? 94  ASP A C     1 
ATOM   655  O  O     . ASP A 1 81  ? 2.931   12.022  13.266  1.00 17.28 ? 94  ASP A O     1 
ATOM   656  C  CB    . ASP A 1 81  ? -0.193  12.854  12.678  1.00 17.07 ? 94  ASP A CB    1 
ATOM   657  C  CG    . ASP A 1 81  ? -1.011  13.494  11.570  1.00 17.35 ? 94  ASP A CG    1 
ATOM   658  O  OD1   . ASP A 1 81  ? -0.798  13.202  10.371  1.00 18.27 ? 94  ASP A OD1   1 
ATOM   659  O  OD2   . ASP A 1 81  ? -1.920  14.299  11.910  1.00 21.85 ? 94  ASP A OD2   1 
ATOM   660  N  N     . ARG A 1 82  ? 1.329   10.918  14.412  1.00 15.58 ? 95  ARG A N     1 
ATOM   661  C  CA    . ARG A 1 82  ? 2.159   10.695  15.590  1.00 16.07 ? 95  ARG A CA    1 
ATOM   662  C  C     . ARG A 1 82  ? 3.383   9.854   15.256  1.00 19.11 ? 95  ARG A C     1 
ATOM   663  O  O     . ARG A 1 82  ? 4.490   10.170  15.671  1.00 18.91 ? 95  ARG A O     1 
ATOM   664  C  CB    . ARG A 1 82  ? 1.365   10.037  16.726  1.00 20.99 ? 95  ARG A CB    1 
ATOM   665  C  CG    . ARG A 1 82  ? 2.097   10.026  18.064  1.00 29.41 ? 95  ARG A CG    1 
ATOM   666  C  CD    . ARG A 1 82  ? 1.329   9.298   19.171  1.00 35.92 ? 95  ARG A CD    1 
ATOM   667  N  NE    . ARG A 1 82  ? 1.862   7.959   19.435  1.00 53.69 ? 95  ARG A NE    1 
ATOM   668  C  CZ    . ARG A 1 82  ? 1.745   7.306   20.594  1.00 57.40 ? 95  ARG A CZ    1 
ATOM   669  N  NH1   . ARG A 1 82  ? 1.114   7.865   21.629  1.00 50.29 ? 95  ARG A NH1   1 
ATOM   670  N  NH2   . ARG A 1 82  ? 2.267   6.088   20.723  1.00 50.88 ? 95  ARG A NH2   1 
ATOM   671  N  N     . ALA A 1 83  ? 3.182   8.790   14.472  1.00 15.34 ? 96  ALA A N     1 
ATOM   672  C  CA    . ALA A 1 83  ? 4.281   7.914   14.104  1.00 15.93 ? 96  ALA A CA    1 
ATOM   673  C  C     . ALA A 1 83  ? 5.331   8.662   13.283  1.00 16.84 ? 96  ALA A C     1 
ATOM   674  O  O     . ALA A 1 83  ? 6.521   8.536   13.537  1.00 17.65 ? 96  ALA A O     1 
ATOM   675  C  CB    . ALA A 1 83  ? 3.727   6.744   13.308  1.00 16.45 ? 96  ALA A CB    1 
ATOM   676  N  N     . LEU A 1 84  ? 4.884   9.434   12.297  1.00 15.40 ? 97  LEU A N     1 
ATOM   677  C  CA    . LEU A 1 84  ? 5.821   10.230  11.465  1.00 13.08 ? 97  LEU A CA    1 
ATOM   678  C  C     . LEU A 1 84  ? 6.600   11.255  12.286  1.00 16.91 ? 97  LEU A C     1 
ATOM   679  O  O     . LEU A 1 84  ? 7.817   11.403  12.122  1.00 16.10 ? 97  LEU A O     1 
ATOM   680  C  CB    . LEU A 1 84  ? 5.084   10.917  10.328  1.00 13.95 ? 97  LEU A CB    1 
ATOM   681  C  CG    . LEU A 1 84  ? 4.522   9.960   9.268   1.00 15.23 ? 97  LEU A CG    1 
ATOM   682  C  CD1   . LEU A 1 84  ? 3.751   10.744  8.246   1.00 17.81 ? 97  LEU A CD1   1 
ATOM   683  C  CD2   . LEU A 1 84  ? 5.625   9.181   8.609   1.00 16.90 ? 97  LEU A CD2   1 
ATOM   684  N  N     . ARG A 1 85  ? 5.888   11.932  13.179  1.00 19.05 ? 98  ARG A N     1 
ATOM   685  C  CA    . ARG A 1 85  ? 6.496   12.939  14.067  1.00 20.68 ? 98  ARG A CA    1 
ATOM   686  C  C     . ARG A 1 85  ? 7.608   12.304  14.898  1.00 20.56 ? 98  ARG A C     1 
ATOM   687  O  O     . ARG A 1 85  ? 8.728   12.819  14.951  1.00 20.37 ? 98  ARG A O     1 
ATOM   688  C  CB    . ARG A 1 85  ? 5.415   13.551  14.967  1.00 19.15 ? 98  ARG A CB    1 
ATOM   689  C  CG    . ARG A 1 85  ? 5.878   14.681  15.873  1.00 36.63 ? 98  ARG A CG    1 
ATOM   690  C  CD    . ARG A 1 85  ? 4.686   15.459  16.481  1.00 35.92 ? 98  ARG A CD    1 
ATOM   691  N  NE    . ARG A 1 85  ? 3.603   14.614  17.009  1.00 42.00 ? 98  ARG A NE    1 
ATOM   692  C  CZ    . ARG A 1 85  ? 2.354   14.587  16.535  1.00 49.87 ? 98  ARG A CZ    1 
ATOM   693  N  NH1   . ARG A 1 85  ? 1.996   15.358  15.512  1.00 49.31 ? 98  ARG A NH1   1 
ATOM   694  N  NH2   . ARG A 1 85  ? 1.450   13.786  17.090  1.00 44.13 ? 98  ARG A NH2   1 
ATOM   695  N  N     . GLU A 1 86  ? 7.322   11.142  15.466  1.00 16.76 ? 99  GLU A N     1 
ATOM   696  C  CA    . GLU A 1 86  ? 8.303   10.438  16.274  1.00 18.98 ? 99  GLU A CA    1 
ATOM   697  C  C     . GLU A 1 86  ? 9.501   9.934   15.469  1.00 21.82 ? 99  GLU A C     1 
ATOM   698  O  O     . GLU A 1 86  ? 10.608  9.818   16.009  1.00 22.66 ? 99  GLU A O     1 
ATOM   699  C  CB    . GLU A 1 86  ? 7.630   9.317   17.053  1.00 20.90 ? 99  GLU A CB    1 
ATOM   700  C  CG    . GLU A 1 86  ? 6.688   9.900   18.124  1.00 26.92 ? 99  GLU A CG    1 
ATOM   701  C  CD    . GLU A 1 86  ? 5.960   8.860   18.947  1.00 37.81 ? 99  GLU A CD    1 
ATOM   702  O  OE1   . GLU A 1 86  ? 6.315   7.674   18.854  1.00 37.69 ? 99  GLU A OE1   1 
ATOM   703  O  OE2   . GLU A 1 86  ? 5.031   9.237   19.696  1.00 39.69 ? 99  GLU A OE2   1 
ATOM   704  N  N     . GLU A 1 87  ? 9.291   9.673   14.178  1.00 17.11 ? 100 GLU A N     1 
ATOM   705  C  CA    . GLU A 1 87  ? 10.386  9.265   13.314  1.00 17.75 ? 100 GLU A CA    1 
ATOM   706  C  C     . GLU A 1 87  ? 11.140  10.416  12.675  1.00 16.86 ? 100 GLU A C     1 
ATOM   707  O  O     . GLU A 1 87  ? 12.166  10.182  12.029  1.00 20.47 ? 100 GLU A O     1 
ATOM   708  C  CB    . GLU A 1 87  ? 9.869   8.310   12.231  1.00 18.83 ? 100 GLU A CB    1 
ATOM   709  C  CG    . GLU A 1 87  ? 9.277   7.004   12.760  1.00 18.10 ? 100 GLU A CG    1 
ATOM   710  C  CD    . GLU A 1 87  ? 10.289  6.139   13.514  1.00 31.26 ? 100 GLU A CD    1 
ATOM   711  O  OE1   . GLU A 1 87  ? 11.506  6.224   13.208  1.00 24.65 ? 100 GLU A OE1   1 
ATOM   712  O  OE2   . GLU A 1 87  ? 9.862   5.375   14.411  1.00 30.33 ? 100 GLU A OE2   1 
ATOM   713  N  N     . GLY A 1 88  ? 10.651  11.644  12.853  1.00 15.44 ? 101 GLY A N     1 
ATOM   714  C  CA    . GLY A 1 88  ? 11.275  12.804  12.218  1.00 15.63 ? 101 GLY A CA    1 
ATOM   715  C  C     . GLY A 1 88  ? 11.044  12.842  10.720  1.00 15.58 ? 101 GLY A C     1 
ATOM   716  O  O     . GLY A 1 88  ? 11.858  13.375  9.966   1.00 18.18 ? 101 GLY A O     1 
ATOM   717  N  N     . ILE A 1 89  ? 9.917   12.297  10.274  1.00 14.55 ? 102 ILE A N     1 
ATOM   718  C  CA    . ILE A 1 89  ? 9.592   12.252  8.862   1.00 12.71 ? 102 ILE A CA    1 
ATOM   719  C  C     . ILE A 1 89  ? 8.433   13.209  8.603   1.00 15.93 ? 102 ILE A C     1 
ATOM   720  O  O     . ILE A 1 89  ? 7.447   13.158  9.349   1.00 16.82 ? 102 ILE A O     1 
ATOM   721  C  CB    . ILE A 1 89  ? 9.155   10.830  8.448   1.00 13.71 ? 102 ILE A CB    1 
ATOM   722  C  CG1   . ILE A 1 89  ? 10.302  9.830   8.657   1.00 15.46 ? 102 ILE A CG1   1 
ATOM   723  C  CG2   . ILE A 1 89  ? 8.641   10.817  6.995   1.00 13.97 ? 102 ILE A CG2   1 
ATOM   724  C  CD1   . ILE A 1 89  ? 9.893   8.345   8.497   1.00 13.84 ? 102 ILE A CD1   1 
ATOM   725  N  N     . GLU A 1 90  ? 8.552   14.084  7.595   1.00 14.80 ? 103 GLU A N     1 
ATOM   726  C  CA    . GLU A 1 90  ? 7.451   14.965  7.190   1.00 14.37 ? 103 GLU A CA    1 
ATOM   727  C  C     . GLU A 1 90  ? 6.559   14.279  6.155   1.00 16.25 ? 103 GLU A C     1 
ATOM   728  O  O     . GLU A 1 90  ? 5.324   14.289  6.287   1.00 16.50 ? 103 GLU A O     1 
ATOM   729  C  CB    . GLU A 1 90  ? 7.985   16.296  6.659   1.00 14.59 ? 103 GLU A CB    1 
ATOM   730  C  CG    . GLU A 1 90  ? 6.894   17.317  6.274   1.00 23.31 ? 103 GLU A CG    1 
ATOM   731  C  CD    . GLU A 1 90  ? 6.218   17.991  7.459   1.00 38.88 ? 103 GLU A CD    1 
ATOM   732  O  OE1   . GLU A 1 90  ? 6.690   17.857  8.616   1.00 40.58 ? 103 GLU A OE1   1 
ATOM   733  O  OE2   . GLU A 1 90  ? 5.194   18.668  7.220   1.00 44.02 ? 103 GLU A OE2   1 
ATOM   734  N  N     . LYS A 1 91  ? 7.196   13.696  5.138   1.00 11.97 ? 104 LYS A N     1 
ATOM   735  C  CA    . LYS A 1 91  ? 6.511   13.032  4.019   1.00 12.65 ? 104 LYS A CA    1 
ATOM   736  C  C     . LYS A 1 91  ? 7.222   11.736  3.716   1.00 12.46 ? 104 LYS A C     1 
ATOM   737  O  O     . LYS A 1 91  ? 8.444   11.690  3.699   1.00 12.40 ? 104 LYS A O     1 
ATOM   738  C  CB    . LYS A 1 91  ? 6.483   13.885  2.750   1.00 14.66 ? 104 LYS A CB    1 
ATOM   739  C  CG    . LYS A 1 91  ? 5.732   15.228  2.861   1.00 15.66 ? 104 LYS A CG    1 
ATOM   740  C  CD    . LYS A 1 91  ? 4.230   15.032  2.999   1.00 17.92 ? 104 LYS A CD    1 
ATOM   741  C  CE    . LYS A 1 91  ? 3.521   16.389  2.897   1.00 18.93 ? 104 LYS A CE    1 
ATOM   742  N  NZ    . LYS A 1 91  ? 2.077   16.204  3.104   1.00 22.15 ? 104 LYS A NZ    1 
ATOM   743  N  N     . VAL A 1 92  ? 6.450   10.664  3.515   1.00 12.16 ? 105 VAL A N     1 
ATOM   744  C  CA    . VAL A 1 92  ? 7.034   9.350   3.266   1.00 10.51 ? 105 VAL A CA    1 
ATOM   745  C  C     . VAL A 1 92  ? 7.323   9.205   1.788   1.00 9.96  ? 105 VAL A C     1 
ATOM   746  O  O     . VAL A 1 92  ? 6.797   9.949   0.954   1.00 12.50 ? 105 VAL A O     1 
ATOM   747  C  CB    . VAL A 1 92  ? 6.089   8.196   3.717   1.00 11.01 ? 105 VAL A CB    1 
ATOM   748  C  CG1   . VAL A 1 92  ? 5.945   8.205   5.234   1.00 13.10 ? 105 VAL A CG1   1 
ATOM   749  C  CG2   . VAL A 1 92  ? 4.746   8.290   2.986   1.00 12.29 ? 105 VAL A CG2   1 
ATOM   750  N  N     . ASP A 1 93  ? 8.137   8.205   1.462   1.00 11.09 ? 106 ASP A N     1 
ATOM   751  C  CA    . ASP A 1 93  ? 8.522   7.993   0.075   1.00 9.99  ? 106 ASP A CA    1 
ATOM   752  C  C     . ASP A 1 93  ? 7.507   7.135   -0.657  1.00 12.17 ? 106 ASP A C     1 
ATOM   753  O  O     . ASP A 1 93  ? 7.288   7.333   -1.842  1.00 12.24 ? 106 ASP A O     1 
ATOM   754  C  CB    . ASP A 1 93  ? 9.894   7.329   0.003   1.00 11.76 ? 106 ASP A CB    1 
ATOM   755  C  CG    . ASP A 1 93  ? 10.961  8.152   0.698   1.00 10.29 ? 106 ASP A CG    1 
ATOM   756  O  OD1   . ASP A 1 93  ? 11.562  9.020   0.017   1.00 14.19 ? 106 ASP A OD1   1 
ATOM   757  O  OD2   . ASP A 1 93  ? 11.234  7.941   1.890   1.00 10.87 ? 106 ASP A OD2   1 
ATOM   758  N  N     . ASP A 1 94  ? 6.902   6.153   0.031   1.00 10.50 ? 107 ASP A N     1 
ATOM   759  C  CA    . ASP A 1 94  ? 5.902   5.265   -0.606  1.00 11.36 ? 107 ASP A CA    1 
ATOM   760  C  C     . ASP A 1 94  ? 4.777   4.932   0.345   1.00 9.58  ? 107 ASP A C     1 
ATOM   761  O  O     . ASP A 1 94  ? 4.976   4.882   1.553   1.00 10.07 ? 107 ASP A O     1 
ATOM   762  C  CB    . ASP A 1 94  ? 6.525   3.940   -1.027  1.00 11.91 ? 107 ASP A CB    1 
ATOM   763  C  CG    . ASP A 1 94  ? 7.847   4.118   -1.707  1.00 11.98 ? 107 ASP A CG    1 
ATOM   764  O  OD1   . ASP A 1 94  ? 7.892   4.667   -2.824  1.00 15.21 ? 107 ASP A OD1   1 
ATOM   765  O  OD2   . ASP A 1 94  ? 8.851   3.736   -1.087  1.00 13.81 ? 107 ASP A OD2   1 
ATOM   766  N  N     . VAL A 1 95  ? 3.597   4.675   -0.223  1.00 9.74  ? 108 VAL A N     1 
ATOM   767  C  CA    . VAL A 1 95  ? 2.511   4.056   0.515   1.00 8.61  ? 108 VAL A CA    1 
ATOM   768  C  C     . VAL A 1 95  ? 2.196   2.767   -0.244  1.00 11.05 ? 108 VAL A C     1 
ATOM   769  O  O     . VAL A 1 95  ? 1.992   2.783   -1.476  1.00 11.94 ? 108 VAL A O     1 
ATOM   770  C  CB    . VAL A 1 95  ? 1.276   4.991   0.578   1.00 11.46 ? 108 VAL A CB    1 
ATOM   771  C  CG1   . VAL A 1 95  ? 0.075   4.267   1.219   1.00 14.09 ? 108 VAL A CG1   1 
ATOM   772  C  CG2   . VAL A 1 95  ? 1.571   6.295   1.359   1.00 14.03 ? 108 VAL A CG2   1 
ATOM   773  N  N     . VAL A 1 96  ? 2.228   1.631   0.451   1.00 9.92  ? 109 VAL A N     1 
ATOM   774  C  CA    . VAL A 1 96  ? 1.904   0.360   -0.192  1.00 11.54 ? 109 VAL A CA    1 
ATOM   775  C  C     . VAL A 1 96  ? 0.773   -0.296  0.559   1.00 10.98 ? 109 VAL A C     1 
ATOM   776  O  O     . VAL A 1 96  ? 0.673   -0.146  1.772   1.00 12.56 ? 109 VAL A O     1 
ATOM   777  C  CB    . VAL A 1 96  ? 3.114   -0.587  -0.296  1.00 11.55 ? 109 VAL A CB    1 
ATOM   778  C  CG1   . VAL A 1 96  ? 4.308   0.114   -0.948  1.00 14.62 ? 109 VAL A CG1   1 
ATOM   779  C  CG2   . VAL A 1 96  ? 3.518   -1.114  1.068   1.00 13.66 ? 109 VAL A CG2   1 
ATOM   780  N  N     . SER A 1 97  ? -0.099  -1.010  -0.160  1.00 9.10  ? 110 SER A N     1 
ATOM   781  C  CA    . SER A 1 97  ? -1.205  -1.689  0.481   1.00 9.63  ? 110 SER A CA    1 
ATOM   782  C  C     . SER A 1 97  ? -1.447  -3.056  -0.138  1.00 9.21  ? 110 SER A C     1 
ATOM   783  O  O     . SER A 1 97  ? -1.580  -3.175  -1.365  1.00 10.64 ? 110 SER A O     1 
ATOM   784  C  CB    . SER A 1 97  ? -2.469  -0.864  0.312   1.00 11.38 ? 110 SER A CB    1 
ATOM   785  O  OG    . SER A 1 97  ? -3.626  -1.563  0.800   1.00 12.49 ? 110 SER A OG    1 
ATOM   786  N  N     . ASP A 1 98  ? -1.531  -4.069  0.731   1.00 9.78  ? 111 ASP A N     1 
ATOM   787  C  CA    . ASP A 1 98  ? -2.013  -5.400  0.371   1.00 10.30 ? 111 ASP A CA    1 
ATOM   788  C  C     . ASP A 1 98  ? -3.307  -5.664  1.136   1.00 12.59 ? 111 ASP A C     1 
ATOM   789  O  O     . ASP A 1 98  ? -3.715  -6.821  1.274   1.00 14.21 ? 111 ASP A O     1 
ATOM   790  C  CB    . ASP A 1 98  ? -0.957  -6.434  0.737   1.00 12.34 ? 111 ASP A CB    1 
ATOM   791  C  CG    . ASP A 1 98  ? -1.137  -7.750  0.012   1.00 17.14 ? 111 ASP A CG    1 
ATOM   792  O  OD1   . ASP A 1 98  ? -1.670  -7.759  -1.121  1.00 16.72 ? 111 ASP A OD1   1 
ATOM   793  O  OD2   . ASP A 1 98  ? -0.708  -8.781  0.577   1.00 19.06 ? 111 ASP A OD2   1 
ATOM   794  N  N     . ALA A 1 99  ? -3.954  -4.607  1.624   1.00 11.25 ? 112 ALA A N     1 
ATOM   795  C  CA    . ALA A 1 99  ? -5.166  -4.765  2.452   1.00 11.10 ? 112 ALA A CA    1 
ATOM   796  C  C     . ALA A 1 99  ? -6.328  -5.308  1.635   1.00 13.86 ? 112 ALA A C     1 
ATOM   797  O  O     . ALA A 1 99  ? -6.566  -4.893  0.499   1.00 13.37 ? 112 ALA A O     1 
ATOM   798  C  CB    . ALA A 1 99  ? -5.562  -3.441  3.066   1.00 11.26 ? 112 ALA A CB    1 
HETATM 799  N  N     . MSE A 1 100 ? -7.057  -6.209  2.279   1.00 13.40 ? 113 MSE A N     1 
HETATM 800  C  CA    . MSE A 1 100 ? -8.260  -6.809  1.732   1.00 13.40 ? 113 MSE A CA    1 
HETATM 801  C  C     . MSE A 1 100 ? -9.073  -7.388  2.884   1.00 13.11 ? 113 MSE A C     1 
HETATM 802  O  O     . MSE A 1 100 ? -8.508  -7.883  3.867   1.00 13.85 ? 113 MSE A O     1 
HETATM 803  C  CB    . MSE A 1 100 ? -7.931  -7.880  0.695   1.00 14.46 ? 113 MSE A CB    1 
HETATM 804  C  CG    . MSE A 1 100 ? -9.165  -8.539  0.043   1.00 13.23 ? 113 MSE A CG    1 
HETATM 805  SE SE    . MSE A 1 100 ? -10.407 -7.203  -0.743  0.70 15.43 ? 113 MSE A SE    1 
HETATM 806  C  CE    . MSE A 1 100 ? -11.769 -8.509  -1.315  1.00 17.59 ? 113 MSE A CE    1 
ATOM   807  N  N     . ALA A 1 101 ? -10.398 -7.321  2.755   1.00 13.67 ? 114 ALA A N     1 
ATOM   808  C  CA    . ALA A 1 101 ? -11.254 -7.926  3.766   1.00 16.40 ? 114 ALA A CA    1 
ATOM   809  C  C     . ALA A 1 101 ? -11.511 -9.373  3.395   1.00 15.41 ? 114 ALA A C     1 
ATOM   810  O  O     . ALA A 1 101 ? -10.849 -9.909  2.531   1.00 14.70 ? 114 ALA A O     1 
ATOM   811  C  CB    . ALA A 1 101 ? -12.546 -7.156  3.895   1.00 21.46 ? 114 ALA A CB    1 
ATOM   812  N  N     . LYS A 1 102 ? -12.460 -10.021 4.058   1.00 15.14 ? 115 LYS A N     1 
ATOM   813  C  CA    . LYS A 1 102 ? -12.784 -11.393 3.676   1.00 15.78 ? 115 LYS A CA    1 
ATOM   814  C  C     . LYS A 1 102 ? -13.270 -11.484 2.215   1.00 13.07 ? 115 LYS A C     1 
ATOM   815  O  O     . LYS A 1 102 ? -14.029 -10.629 1.738   1.00 14.83 ? 115 LYS A O     1 
ATOM   816  C  CB    . LYS A 1 102 ? -13.844 -11.978 4.605   1.00 17.66 ? 115 LYS A CB    1 
ATOM   817  C  CG    . LYS A 1 102 ? -13.341 -12.217 6.016   1.00 20.06 ? 115 LYS A CG    1 
ATOM   818  C  CD    . LYS A 1 102 ? -14.468 -12.740 6.892   1.00 19.58 ? 115 LYS A CD    1 
ATOM   819  C  CE    . LYS A 1 102 ? -13.992 -13.073 8.289   1.00 29.22 ? 115 LYS A CE    1 
ATOM   820  N  NZ    . LYS A 1 102 ? -15.140 -13.514 9.136   1.00 33.84 ? 115 LYS A NZ    1 
ATOM   821  N  N     . VAL A 1 103 ? -12.780 -12.518 1.532   1.00 13.59 ? 116 VAL A N     1 
ATOM   822  C  CA    A VAL A 1 103 ? -13.022 -12.786 0.114   0.50 13.96 ? 116 VAL A CA    1 
ATOM   823  C  CA    B VAL A 1 103 ? -13.099 -12.716 0.120   0.50 15.25 ? 116 VAL A CA    1 
ATOM   824  C  C     . VAL A 1 103 ? -14.307 -13.623 -0.032  1.00 15.19 ? 116 VAL A C     1 
ATOM   825  O  O     . VAL A 1 103 ? -14.476 -14.623 0.681   1.00 14.70 ? 116 VAL A O     1 
ATOM   826  C  CB    A VAL A 1 103 ? -11.796 -13.540 -0.480  0.50 14.92 ? 116 VAL A CB    1 
ATOM   827  C  CB    B VAL A 1 103 ? -11.907 -13.219 -0.740  0.50 18.07 ? 116 VAL A CB    1 
ATOM   828  C  CG1   A VAL A 1 103 ? -12.027 -13.974 -1.912  0.50 15.69 ? 116 VAL A CG1   1 
ATOM   829  C  CG1   B VAL A 1 103 ? -10.782 -12.178 -0.769  0.50 18.33 ? 116 VAL A CG1   1 
ATOM   830  C  CG2   A VAL A 1 103 ? -10.510 -12.671 -0.391  0.50 17.33 ? 116 VAL A CG2   1 
ATOM   831  C  CG2   B VAL A 1 103 ? -11.385 -14.571 -0.271  0.50 21.37 ? 116 VAL A CG2   1 
ATOM   832  N  N     . SER A 1 104 ? -15.184 -13.220 -0.944  1.00 13.54 ? 117 SER A N     1 
ATOM   833  C  CA    . SER A 1 104 ? -16.435 -13.937 -1.186  1.00 11.53 ? 117 SER A CA    1 
ATOM   834  C  C     . SER A 1 104 ? -16.327 -14.924 -2.343  1.00 13.31 ? 117 SER A C     1 
ATOM   835  O  O     . SER A 1 104 ? -17.179 -15.806 -2.470  1.00 15.65 ? 117 SER A O     1 
ATOM   836  C  CB    . SER A 1 104 ? -17.535 -12.938 -1.515  1.00 13.27 ? 117 SER A CB    1 
ATOM   837  O  OG    . SER A 1 104 ? -17.294 -12.340 -2.792  1.00 13.68 ? 117 SER A OG    1 
ATOM   838  N  N     . GLY A 1 105 ? -15.311 -14.761 -3.193  1.00 13.72 ? 118 GLY A N     1 
ATOM   839  C  CA    . GLY A 1 105 ? -15.170 -15.572 -4.389  1.00 17.52 ? 118 GLY A CA    1 
ATOM   840  C  C     . GLY A 1 105 ? -16.017 -15.079 -5.551  1.00 15.20 ? 118 GLY A C     1 
ATOM   841  O  O     . GLY A 1 105 ? -16.110 -15.771 -6.585  1.00 18.36 ? 118 GLY A O     1 
ATOM   842  N  N     . ILE A 1 106 ? -16.618 -13.894 -5.401  1.00 13.99 ? 119 ILE A N     1 
ATOM   843  C  CA    . ILE A 1 106 ? -17.487 -13.318 -6.429  1.00 14.12 ? 119 ILE A CA    1 
ATOM   844  C  C     . ILE A 1 106 ? -16.777 -12.047 -6.911  1.00 13.80 ? 119 ILE A C     1 
ATOM   845  O  O     . ILE A 1 106 ? -16.595 -11.119 -6.143  1.00 13.42 ? 119 ILE A O     1 
ATOM   846  C  CB    . ILE A 1 106 ? -18.867 -12.912 -5.850  1.00 11.69 ? 119 ILE A CB    1 
ATOM   847  C  CG1   . ILE A 1 106 ? -19.600 -14.081 -5.170  1.00 14.24 ? 119 ILE A CG1   1 
ATOM   848  C  CG2   . ILE A 1 106 ? -19.739 -12.261 -6.919  1.00 13.99 ? 119 ILE A CG2   1 
ATOM   849  C  CD1   . ILE A 1 106 ? -19.791 -15.320 -6.052  1.00 16.18 ? 119 ILE A CD1   1 
ATOM   850  N  N     . PRO A 1 107 ? -16.325 -12.031 -8.173  1.00 14.28 ? 120 PRO A N     1 
ATOM   851  C  CA    . PRO A 1 107 ? -15.555 -10.879 -8.656  1.00 14.71 ? 120 PRO A CA    1 
ATOM   852  C  C     . PRO A 1 107 ? -16.188 -9.516  -8.376  1.00 13.91 ? 120 PRO A C     1 
ATOM   853  O  O     . PRO A 1 107 ? -15.487 -8.623  -7.928  1.00 13.07 ? 120 PRO A O     1 
ATOM   854  C  CB    . PRO A 1 107 ? -15.446 -11.150 -10.164 1.00 16.54 ? 120 PRO A CB    1 
ATOM   855  C  CG    . PRO A 1 107 ? -15.382 -12.667 -10.229 1.00 20.48 ? 120 PRO A CG    1 
ATOM   856  C  CD    . PRO A 1 107 ? -16.396 -13.107 -9.187  1.00 16.71 ? 120 PRO A CD    1 
ATOM   857  N  N     . SER A 1 108 ? -17.493 -9.340  -8.583  1.00 12.41 ? 121 SER A N     1 
ATOM   858  C  CA    . SER A 1 108 ? -18.114 -8.046  -8.356  1.00 13.18 ? 121 SER A CA    1 
ATOM   859  C  C     . SER A 1 108 ? -18.051 -7.631  -6.896  1.00 13.95 ? 121 SER A C     1 
ATOM   860  O  O     . SER A 1 108 ? -17.768 -6.471  -6.618  1.00 13.03 ? 121 SER A O     1 
ATOM   861  C  CB    . SER A 1 108 ? -19.580 -8.013  -8.829  1.00 18.33 ? 121 SER A CB    1 
ATOM   862  O  OG    . SER A 1 108 ? -20.355 -9.006  -8.179  1.00 19.51 ? 121 SER A OG    1 
ATOM   863  N  N     . ARG A 1 109 ? -18.338 -8.571  -5.983  1.00 12.92 ? 122 ARG A N     1 
ATOM   864  C  CA    . ARG A 1 109 ? -18.317 -8.243  -4.554  1.00 13.33 ? 122 ARG A CA    1 
ATOM   865  C  C     . ARG A 1 109 ? -16.910 -7.959  -4.104  1.00 12.54 ? 122 ARG A C     1 
ATOM   866  O  O     . ARG A 1 109 ? -16.676 -7.021  -3.341  1.00 13.01 ? 122 ARG A O     1 
ATOM   867  C  CB    . ARG A 1 109 ? -18.858 -9.395  -3.714  1.00 15.70 ? 122 ARG A CB    1 
ATOM   868  C  CG    . ARG A 1 109 ? -20.344 -9.590  -3.825  1.00 15.72 ? 122 ARG A CG    1 
ATOM   869  C  CD    . ARG A 1 109 ? -20.825 -10.720 -2.912  1.00 14.92 ? 122 ARG A CD    1 
ATOM   870  N  NE    . ARG A 1 109 ? -20.642 -10.347 -1.512  1.00 17.78 ? 122 ARG A NE    1 
ATOM   871  C  CZ    . ARG A 1 109 ? -20.839 -11.157 -0.473  1.00 17.08 ? 122 ARG A CZ    1 
ATOM   872  N  NH1   . ARG A 1 109 ? -21.239 -12.411 -0.660  1.00 14.73 ? 122 ARG A NH1   1 
ATOM   873  N  NH2   . ARG A 1 109 ? -20.621 -10.710 0.764   1.00 17.62 ? 122 ARG A NH2   1 
ATOM   874  N  N     . ASP A 1 110 ? -15.971 -8.788  -4.542  1.00 10.85 ? 123 ASP A N     1 
ATOM   875  C  CA    . ASP A 1 110 ? -14.604 -8.604  -4.074  1.00 10.72 ? 123 ASP A CA    1 
ATOM   876  C  C     . ASP A 1 110 ? -14.009 -7.315  -4.643  1.00 12.40 ? 123 ASP A C     1 
ATOM   877  O  O     . ASP A 1 110 ? -13.273 -6.592  -3.942  1.00 11.60 ? 123 ASP A O     1 
ATOM   878  C  CB    . ASP A 1 110 ? -13.755 -9.826  -4.376  1.00 12.96 ? 123 ASP A CB    1 
ATOM   879  C  CG    . ASP A 1 110 ? -14.217 -11.062 -3.590  1.00 13.68 ? 123 ASP A CG    1 
ATOM   880  O  OD1   . ASP A 1 110 ? -14.905 -10.882 -2.553  1.00 13.31 ? 123 ASP A OD1   1 
ATOM   881  O  OD2   . ASP A 1 110 ? -13.892 -12.177 -4.039  1.00 15.24 ? 123 ASP A OD2   1 
ATOM   882  N  N     . HIS A 1 111 ? -14.405 -6.960  -5.867  1.00 12.54 ? 124 HIS A N     1 
ATOM   883  C  CA    . HIS A 1 111 ? -14.051 -5.657  -6.425  1.00 11.00 ? 124 HIS A CA    1 
ATOM   884  C  C     . HIS A 1 111 ? -14.581 -4.529  -5.545  1.00 10.83 ? 124 HIS A C     1 
ATOM   885  O  O     . HIS A 1 111 ? -13.875 -3.568  -5.221  1.00 11.93 ? 124 HIS A O     1 
ATOM   886  C  CB    . HIS A 1 111 ? -14.638 -5.495  -7.826  1.00 11.21 ? 124 HIS A CB    1 
ATOM   887  C  CG    . HIS A 1 111 ? -14.481 -4.117  -8.381  1.00 10.23 ? 124 HIS A CG    1 
ATOM   888  N  ND1   . HIS A 1 111 ? -13.243 -3.549  -8.602  1.00 11.30 ? 124 HIS A ND1   1 
ATOM   889  C  CD2   . HIS A 1 111 ? -15.395 -3.193  -8.758  1.00 11.04 ? 124 HIS A CD2   1 
ATOM   890  C  CE1   . HIS A 1 111 ? -13.404 -2.329  -9.087  1.00 9.49  ? 124 HIS A CE1   1 
ATOM   891  N  NE2   . HIS A 1 111 ? -14.699 -2.081  -9.166  1.00 10.84 ? 124 HIS A NE2   1 
ATOM   892  N  N     . ALA A 1 112 ? -15.855 -4.624  -5.157  1.00 11.36 ? 125 ALA A N     1 
ATOM   893  C  CA    . ALA A 1 112 ? -16.481 -3.523  -4.451  1.00 12.11 ? 125 ALA A CA    1 
ATOM   894  C  C     . ALA A 1 112 ? -15.775 -3.205  -3.124  1.00 11.47 ? 125 ALA A C     1 
ATOM   895  O  O     . ALA A 1 112 ? -15.492 -2.034  -2.812  1.00 13.45 ? 125 ALA A O     1 
ATOM   896  C  CB    . ALA A 1 112 ? -17.975 -3.820  -4.224  1.00 13.21 ? 125 ALA A CB    1 
ATOM   897  N  N     . VAL A 1 113 ? -15.476 -4.264  -2.374  1.00 11.41 ? 126 VAL A N     1 
ATOM   898  C  CA    A VAL A 1 113 ? -14.792 -4.159  -1.080  0.50 11.13 ? 126 VAL A CA    1 
ATOM   899  C  CA    B VAL A 1 113 ? -14.836 -4.054  -1.086  0.50 13.29 ? 126 VAL A CA    1 
ATOM   900  C  C     . VAL A 1 113 ? -13.389 -3.602  -1.295  1.00 13.15 ? 126 VAL A C     1 
ATOM   901  O  O     . VAL A 1 113 ? -12.945 -2.703  -0.599  1.00 13.62 ? 126 VAL A O     1 
ATOM   902  C  CB    A VAL A 1 113 ? -14.722 -5.548  -0.388  0.50 10.09 ? 126 VAL A CB    1 
ATOM   903  C  CB    B VAL A 1 113 ? -14.967 -5.264  -0.133  0.50 18.42 ? 126 VAL A CB    1 
ATOM   904  C  CG1   A VAL A 1 113 ? -13.827 -5.522  0.861   0.50 11.60 ? 126 VAL A CG1   1 
ATOM   905  C  CG1   B VAL A 1 113 ? -16.397 -5.386  0.373   0.50 24.06 ? 126 VAL A CG1   1 
ATOM   906  C  CG2   A VAL A 1 113 ? -16.127 -6.003  -0.017  0.50 10.13 ? 126 VAL A CG2   1 
ATOM   907  C  CG2   B VAL A 1 113 ? -14.563 -6.526  -0.819  0.50 16.67 ? 126 VAL A CG2   1 
ATOM   908  N  N     . SER A 1 114 ? -12.705 -4.159  -2.296  1.00 11.21 ? 127 SER A N     1 
ATOM   909  C  CA    A SER A 1 114 ? -11.344 -3.747  -2.626  0.50 10.89 ? 127 SER A CA    1 
ATOM   910  C  CA    B SER A 1 114 ? -11.331 -3.735  -2.602  0.50 11.26 ? 127 SER A CA    1 
ATOM   911  C  C     . SER A 1 114 ? -11.265 -2.282  -3.066  1.00 11.26 ? 127 SER A C     1 
ATOM   912  O  O     . SER A 1 114 ? -10.314 -1.577  -2.729  1.00 11.71 ? 127 SER A O     1 
ATOM   913  C  CB    A SER A 1 114 ? -10.792 -4.655  -3.715  0.50 13.85 ? 127 SER A CB    1 
ATOM   914  C  CB    B SER A 1 114 ? -10.664 -4.649  -3.634  0.50 14.05 ? 127 SER A CB    1 
ATOM   915  O  OG    A SER A 1 114 ? -9.442  -4.380  -3.958  0.50 12.04 ? 127 SER A OG    1 
ATOM   916  O  OG    B SER A 1 114 ? -11.102 -4.365  -4.950  0.50 15.07 ? 127 SER A OG    1 
ATOM   917  N  N     . TYR A 1 115 ? -12.257 -1.842  -3.850  1.00 10.99 ? 128 TYR A N     1 
ATOM   918  C  CA    . TYR A 1 115 ? -12.313 -0.454  -4.308  1.00 10.36 ? 128 TYR A CA    1 
ATOM   919  C  C     . TYR A 1 115 ? -12.413 0.509   -3.133  1.00 12.02 ? 128 TYR A C     1 
ATOM   920  O  O     . TYR A 1 115 ? -11.694 1.527   -3.102  1.00 12.45 ? 128 TYR A O     1 
ATOM   921  C  CB    . TYR A 1 115 ? -13.501 -0.270  -5.249  1.00 9.90  ? 128 TYR A CB    1 
ATOM   922  C  CG    . TYR A 1 115 ? -13.799 1.163   -5.562  1.00 10.64 ? 128 TYR A CG    1 
ATOM   923  C  CD1   . TYR A 1 115 ? -13.039 1.848   -6.511  1.00 12.75 ? 128 TYR A CD1   1 
ATOM   924  C  CD2   . TYR A 1 115 ? -14.856 1.816   -4.951  1.00 10.69 ? 128 TYR A CD2   1 
ATOM   925  C  CE1   . TYR A 1 115 ? -13.322 3.175   -6.827  1.00 12.99 ? 128 TYR A CE1   1 
ATOM   926  C  CE2   . TYR A 1 115 ? -15.134 3.156   -5.226  1.00 14.34 ? 128 TYR A CE2   1 
ATOM   927  C  CZ    . TYR A 1 115 ? -14.364 3.826   -6.179  1.00 14.74 ? 128 TYR A CZ    1 
ATOM   928  O  OH    . TYR A 1 115 ? -14.650 5.156   -6.487  1.00 19.35 ? 128 TYR A OH    1 
ATOM   929  N  N     . GLN A 1 116 ? -13.286 0.189   -2.162  1.00 12.30 ? 129 GLN A N     1 
ATOM   930  C  CA    A GLN A 1 116 ? -13.459 1.053   -1.000  0.50 11.89 ? 129 GLN A CA    1 
ATOM   931  C  CA    B GLN A 1 116 ? -13.477 1.017   -0.975  0.50 12.07 ? 129 GLN A CA    1 
ATOM   932  C  C     . GLN A 1 116 ? -12.163 1.165   -0.200  1.00 11.90 ? 129 GLN A C     1 
ATOM   933  O  O     . GLN A 1 116 ? -11.800 2.248   0.243   1.00 13.97 ? 129 GLN A O     1 
ATOM   934  C  CB    A GLN A 1 116 ? -14.629 0.580   -0.132  0.50 17.43 ? 129 GLN A CB    1 
ATOM   935  C  CB    B GLN A 1 116 ? -14.572 0.403   -0.100  0.50 13.58 ? 129 GLN A CB    1 
ATOM   936  C  CG    A GLN A 1 116 ? -16.008 0.802   -0.772  0.50 21.28 ? 129 GLN A CG    1 
ATOM   937  C  CG    B GLN A 1 116 ? -15.975 0.492   -0.705  0.50 13.69 ? 129 GLN A CG    1 
ATOM   938  C  CD    A GLN A 1 116 ? -16.340 2.272   -1.031  0.50 27.50 ? 129 GLN A CD    1 
ATOM   939  C  CD    B GLN A 1 116 ? -16.966 -0.500  -0.111  0.50 20.57 ? 129 GLN A CD    1 
ATOM   940  O  OE1   A GLN A 1 116 ? -16.858 2.620   -2.093  0.50 37.10 ? 129 GLN A OE1   1 
ATOM   941  O  OE1   B GLN A 1 116 ? -16.620 -1.338  0.731   0.50 20.58 ? 129 GLN A OE1   1 
ATOM   942  N  NE2   A GLN A 1 116 ? -16.049 3.134   -0.063  0.50 39.43 ? 129 GLN A NE2   1 
ATOM   943  N  NE2   B GLN A 1 116 ? -18.210 -0.414  -0.562  0.50 26.86 ? 129 GLN A NE2   1 
ATOM   944  N  N     . ILE A 1 117 ? -11.458 0.053   -0.056  1.00 10.99 ? 130 ILE A N     1 
ATOM   945  C  CA    . ILE A 1 117 ? -10.146 0.075   0.580   1.00 11.28 ? 130 ILE A CA    1 
ATOM   946  C  C     . ILE A 1 117 ? -9.185  0.963   -0.233  1.00 10.32 ? 130 ILE A C     1 
ATOM   947  O  O     . ILE A 1 117 ? -8.455  1.785   0.332   1.00 11.94 ? 130 ILE A O     1 
ATOM   948  C  CB    . ILE A 1 117 ? -9.586  -1.359  0.742   1.00 10.79 ? 130 ILE A CB    1 
ATOM   949  C  CG1   . ILE A 1 117 ? -10.424 -2.120  1.798   1.00 12.69 ? 130 ILE A CG1   1 
ATOM   950  C  CG2   . ILE A 1 117 ? -8.058  -1.337  1.048   1.00 11.24 ? 130 ILE A CG2   1 
ATOM   951  C  CD1   . ILE A 1 117 ? -10.145 -3.616  1.892   1.00 13.94 ? 130 ILE A CD1   1 
ATOM   952  N  N     . GLY A 1 118 ? -9.194  0.788   -1.555  1.00 10.56 ? 131 GLY A N     1 
ATOM   953  C  CA    . GLY A 1 118 ? -8.286  1.533   -2.436  1.00 10.56 ? 131 GLY A CA    1 
ATOM   954  C  C     . GLY A 1 118 ? -8.514  3.032   -2.311  1.00 12.07 ? 131 GLY A C     1 
ATOM   955  O  O     . GLY A 1 118 ? -7.549  3.809   -2.240  1.00 12.17 ? 131 GLY A O     1 
ATOM   956  N  N     . GLN A 1 119 ? -9.777  3.456   -2.277  1.00 12.52 ? 132 GLN A N     1 
ATOM   957  C  CA    . GLN A 1 119 ? -10.100 4.867   -2.086  1.00 13.85 ? 132 GLN A CA    1 
ATOM   958  C  C     . GLN A 1 119 ? -9.478  5.445   -0.822  1.00 11.58 ? 132 GLN A C     1 
ATOM   959  O  O     . GLN A 1 119 ? -8.898  6.545   -0.848  1.00 13.19 ? 132 GLN A O     1 
ATOM   960  C  CB    . GLN A 1 119 ? -11.621 5.066   -2.063  1.00 13.17 ? 132 GLN A CB    1 
ATOM   961  C  CG    . GLN A 1 119 ? -12.267 4.914   -3.416  1.00 16.82 ? 132 GLN A CG    1 
ATOM   962  C  CD    . GLN A 1 119 ? -11.871 6.044   -4.345  1.00 20.54 ? 132 GLN A CD    1 
ATOM   963  O  OE1   . GLN A 1 119 ? -11.004 5.875   -5.199  1.00 22.06 ? 132 GLN A OE1   1 
ATOM   964  N  NE2   . GLN A 1 119 ? -12.477 7.219   -4.158  1.00 24.13 ? 132 GLN A NE2   1 
ATOM   965  N  N     . ARG A 1 120 ? -9.581  4.707   0.285   1.00 11.88 ? 133 ARG A N     1 
ATOM   966  C  CA    . ARG A 1 120 ? -9.048  5.192   1.551   1.00 11.18 ? 133 ARG A CA    1 
ATOM   967  C  C     . ARG A 1 120 ? -7.508  5.172   1.545   1.00 10.84 ? 133 ARG A C     1 
ATOM   968  O  O     . ARG A 1 120 ? -6.868  6.070   2.078   1.00 12.01 ? 133 ARG A O     1 
ATOM   969  C  CB    . ARG A 1 120 ? -9.661  4.405   2.711   1.00 12.43 ? 133 ARG A CB    1 
ATOM   970  C  CG    . ARG A 1 120 ? -9.273  4.894   4.105   1.00 13.14 ? 133 ARG A CG    1 
ATOM   971  C  CD    . ARG A 1 120 ? -9.800  6.307   4.384   1.00 14.39 ? 133 ARG A CD    1 
ATOM   972  N  NE    . ARG A 1 120 ? -9.952  6.482   5.823   1.00 18.04 ? 133 ARG A NE    1 
ATOM   973  C  CZ    . ARG A 1 120 ? -10.524 7.522   6.403   1.00 15.95 ? 133 ARG A CZ    1 
ATOM   974  N  NH1   . ARG A 1 120 ? -10.988 8.525   5.662   1.00 18.22 ? 133 ARG A NH1   1 
ATOM   975  N  NH2   . ARG A 1 120 ? -10.612 7.568   7.728   1.00 17.71 ? 133 ARG A NH2   1 
ATOM   976  N  N     . VAL A 1 121 ? -6.915  4.154   0.925   1.00 11.86 ? 134 VAL A N     1 
ATOM   977  C  CA    . VAL A 1 121 ? -5.459  4.111   0.760   1.00 11.94 ? 134 VAL A CA    1 
ATOM   978  C  C     . VAL A 1 121 ? -4.979  5.339   -0.004  1.00 10.69 ? 134 VAL A C     1 
ATOM   979  O  O     . VAL A 1 121 ? -3.984  5.974   0.371   1.00 12.44 ? 134 VAL A O     1 
ATOM   980  C  CB    . VAL A 1 121 ? -4.998  2.809   0.061   1.00 11.36 ? 134 VAL A CB    1 
ATOM   981  C  CG1   . VAL A 1 121 ? -3.520  2.886   -0.320  1.00 11.92 ? 134 VAL A CG1   1 
ATOM   982  C  CG2   . VAL A 1 121 ? -5.256  1.620   0.983   1.00 13.37 ? 134 VAL A CG2   1 
HETATM 983  N  N     . MSE A 1 122 ? -5.694  5.702   -1.064  1.00 11.80 ? 135 MSE A N     1 
HETATM 984  C  CA    . MSE A 1 122 ? -5.273  6.883   -1.832  1.00 12.72 ? 135 MSE A CA    1 
HETATM 985  C  C     . MSE A 1 122 ? -5.445  8.168   -1.044  1.00 12.07 ? 135 MSE A C     1 
HETATM 986  O  O     . MSE A 1 122 ? -4.611  9.076   -1.173  1.00 12.57 ? 135 MSE A O     1 
HETATM 987  C  CB    . MSE A 1 122 ? -6.012  6.973   -3.158  1.00 13.33 ? 135 MSE A CB    1 
HETATM 988  C  CG    . MSE A 1 122 ? -5.789  5.804   -4.101  1.00 14.97 ? 135 MSE A CG    1 
HETATM 989  SE SE    . MSE A 1 122 ? -3.886  5.429   -4.401  0.70 14.74 ? 135 MSE A SE    1 
HETATM 990  C  CE    . MSE A 1 122 ? -3.348  7.166   -5.121  1.00 17.71 ? 135 MSE A CE    1 
ATOM   991  N  N     . GLU A 1 123 ? -6.500  8.255   -0.232  1.00 13.34 ? 136 GLU A N     1 
ATOM   992  C  CA    . GLU A 1 123 ? -6.669  9.439   0.608   1.00 14.66 ? 136 GLU A CA    1 
ATOM   993  C  C     . GLU A 1 123 ? -5.489  9.575   1.574   1.00 13.86 ? 136 GLU A C     1 
ATOM   994  O  O     . GLU A 1 123 ? -4.952  10.672  1.782   1.00 14.68 ? 136 GLU A O     1 
ATOM   995  C  CB    . GLU A 1 123 ? -8.001  9.389   1.361   1.00 14.11 ? 136 GLU A CB    1 
ATOM   996  C  CG    . GLU A 1 123 ? -8.269  10.586  2.246   1.00 19.12 ? 136 GLU A CG    1 
ATOM   997  C  CD    . GLU A 1 123 ? -9.530  10.464  3.099   1.00 25.99 ? 136 GLU A CD    1 
ATOM   998  O  OE1   . GLU A 1 123 ? -10.204 9.401   3.084   1.00 22.32 ? 136 GLU A OE1   1 
ATOM   999  O  OE2   . GLU A 1 123 ? -9.828  11.462  3.794   1.00 26.05 ? 136 GLU A OE2   1 
ATOM   1000 N  N     . ILE A 1 124 ? -5.030  8.444   2.102   1.00 11.87 ? 137 ILE A N     1 
ATOM   1001 C  CA    . ILE A 1 124 ? -3.847  8.431   2.986   1.00 12.27 ? 137 ILE A CA    1 
ATOM   1002 C  C     . ILE A 1 124 ? -2.595  8.817   2.189   1.00 14.18 ? 137 ILE A C     1 
ATOM   1003 O  O     . ILE A 1 124 ? -1.758  9.627   2.638   1.00 14.08 ? 137 ILE A O     1 
ATOM   1004 C  CB    . ILE A 1 124 ? -3.678  7.019   3.631   1.00 14.79 ? 137 ILE A CB    1 
ATOM   1005 C  CG1   . ILE A 1 124 ? -4.828  6.773   4.615   1.00 14.66 ? 137 ILE A CG1   1 
ATOM   1006 C  CG2   . ILE A 1 124 ? -2.308  6.814   4.283   1.00 17.41 ? 137 ILE A CG2   1 
ATOM   1007 C  CD1   . ILE A 1 124 ? -5.004  5.324   5.038   1.00 14.56 ? 137 ILE A CD1   1 
ATOM   1008 N  N     . ALA A 1 125 ? -2.459  8.248   0.996   1.00 13.36 ? 138 ALA A N     1 
ATOM   1009 C  CA    . ALA A 1 125 ? -1.280  8.531   0.184   1.00 15.50 ? 138 ALA A CA    1 
ATOM   1010 C  C     . ALA A 1 125 ? -1.149  10.012  -0.131  1.00 17.10 ? 138 ALA A C     1 
ATOM   1011 O  O     . ALA A 1 125 ? -0.075  10.590  0.051   1.00 17.07 ? 138 ALA A O     1 
ATOM   1012 C  CB    . ALA A 1 125 ? -1.304  7.726   -1.087  1.00 14.77 ? 138 ALA A CB    1 
ATOM   1013 N  N     . VAL A 1 126 ? -2.217  10.651  -0.586  1.00 14.22 ? 139 VAL A N     1 
ATOM   1014 C  CA    . VAL A 1 126 ? -2.054  12.051  -0.984  1.00 17.81 ? 139 VAL A CA    1 
ATOM   1015 C  C     . VAL A 1 126 ? -1.782  12.962  0.229   1.00 16.57 ? 139 VAL A C     1 
ATOM   1016 O  O     . VAL A 1 126 ? -1.179  14.030  0.079   1.00 18.88 ? 139 VAL A O     1 
ATOM   1017 C  CB    . VAL A 1 126 ? -3.200  12.563  -1.904  1.00 25.03 ? 139 VAL A CB    1 
ATOM   1018 C  CG1   . VAL A 1 126 ? -3.295  11.704  -3.168  1.00 23.47 ? 139 VAL A CG1   1 
ATOM   1019 C  CG2   . VAL A 1 126 ? -4.491  12.581  -1.174  1.00 23.85 ? 139 VAL A CG2   1 
ATOM   1020 N  N     . ARG A 1 127 ? -2.190  12.533  1.420   1.00 14.60 ? 140 ARG A N     1 
ATOM   1021 C  CA    . ARG A 1 127 ? -1.924  13.256  2.650   1.00 14.63 ? 140 ARG A CA    1 
ATOM   1022 C  C     . ARG A 1 127 ? -0.445  13.186  3.069   1.00 14.50 ? 140 ARG A C     1 
ATOM   1023 O  O     . ARG A 1 127 ? 0.094   14.142  3.657   1.00 16.94 ? 140 ARG A O     1 
ATOM   1024 C  CB    . ARG A 1 127 ? -2.773  12.664  3.764   1.00 17.48 ? 140 ARG A CB    1 
ATOM   1025 C  CG    . ARG A 1 127 ? -2.804  13.430  5.036   1.00 23.55 ? 140 ARG A CG    1 
ATOM   1026 C  CD    . ARG A 1 127 ? -4.196  13.353  5.575   1.00 28.61 ? 140 ARG A CD    1 
ATOM   1027 N  NE    . ARG A 1 127 ? -4.301  13.957  6.891   1.00 35.75 ? 140 ARG A NE    1 
ATOM   1028 C  CZ    . ARG A 1 127 ? -5.456  14.294  7.445   1.00 23.47 ? 140 ARG A CZ    1 
ATOM   1029 N  NH1   . ARG A 1 127 ? -6.595  14.105  6.772   1.00 25.25 ? 140 ARG A NH1   1 
ATOM   1030 N  NH2   . ARG A 1 127 ? -5.469  14.835  8.652   1.00 33.07 ? 140 ARG A NH2   1 
ATOM   1031 N  N     . TYR A 1 128 ? 0.221   12.052  2.796   1.00 12.86 ? 141 TYR A N     1 
ATOM   1032 C  CA    . TYR A 1 128 ? 1.521   11.811  3.417   1.00 12.52 ? 141 TYR A CA    1 
ATOM   1033 C  C     . TYR A 1 128 ? 2.682   11.642  2.448   1.00 10.49 ? 141 TYR A C     1 
ATOM   1034 O  O     . TYR A 1 128 ? 3.823   11.630  2.885   1.00 11.91 ? 141 TYR A O     1 
ATOM   1035 C  CB    . TYR A 1 128 ? 1.469   10.593  4.335   1.00 11.72 ? 141 TYR A CB    1 
ATOM   1036 C  CG    . TYR A 1 128 ? 0.559   10.780  5.513   1.00 15.03 ? 141 TYR A CG    1 
ATOM   1037 C  CD1   . TYR A 1 128 ? 0.872   11.701  6.513   1.00 15.39 ? 141 TYR A CD1   1 
ATOM   1038 C  CD2   . TYR A 1 128 ? -0.622  10.058  5.617   1.00 15.09 ? 141 TYR A CD2   1 
ATOM   1039 C  CE1   . TYR A 1 128 ? 0.030   11.885  7.595   1.00 16.45 ? 141 TYR A CE1   1 
ATOM   1040 C  CE2   . TYR A 1 128 ? -1.467  10.225  6.683   1.00 17.80 ? 141 TYR A CE2   1 
ATOM   1041 C  CZ    . TYR A 1 128 ? -1.153  11.138  7.666   1.00 17.33 ? 141 TYR A CZ    1 
ATOM   1042 O  OH    . TYR A 1 128 ? -2.048  11.250  8.706   1.00 18.29 ? 141 TYR A OH    1 
ATOM   1043 N  N     . LEU A 1 129 ? 2.403   11.494  1.152   1.00 10.86 ? 142 LEU A N     1 
ATOM   1044 C  CA    A LEU A 1 129 ? 3.475   11.246  0.179   0.50 11.36 ? 142 LEU A CA    1 
ATOM   1045 C  CA    B LEU A 1 129 ? 3.449   11.234  0.163   0.50 11.65 ? 142 LEU A CA    1 
ATOM   1046 C  C     . LEU A 1 129 ? 4.299   12.466  -0.147  1.00 13.48 ? 142 LEU A C     1 
ATOM   1047 O  O     . LEU A 1 129 ? 3.756   13.559  -0.333  1.00 14.78 ? 142 LEU A O     1 
ATOM   1048 C  CB    A LEU A 1 129 ? 2.936   10.732  -1.145  0.50 11.66 ? 142 LEU A CB    1 
ATOM   1049 C  CB    B LEU A 1 129 ? 2.820   10.726  -1.138  0.50 14.76 ? 142 LEU A CB    1 
ATOM   1050 C  CG    A LEU A 1 129 ? 2.708   9.241   -1.292  0.50 9.60  ? 142 LEU A CG    1 
ATOM   1051 C  CG    B LEU A 1 129 ? 3.482   9.605   -1.934  0.50 14.78 ? 142 LEU A CG    1 
ATOM   1052 C  CD1   A LEU A 1 129 ? 1.870   9.086   -2.535  0.50 14.73 ? 142 LEU A CD1   1 
ATOM   1053 C  CD1   B LEU A 1 129 ? 3.918   8.445   -1.043  0.50 12.50 ? 142 LEU A CD1   1 
ATOM   1054 C  CD2   A LEU A 1 129 ? 4.033   8.464   -1.412  0.50 11.81 ? 142 LEU A CD2   1 
ATOM   1055 C  CD2   B LEU A 1 129 ? 2.522   9.096   -2.977  0.50 8.80  ? 142 LEU A CD2   1 
ATOM   1056 N  N     . ARG A 1 130 ? 5.610   12.266  -0.263  1.00 12.69 ? 143 ARG A N     1 
ATOM   1057 C  CA    . ARG A 1 130 ? 6.485   13.337  -0.741  1.00 13.33 ? 143 ARG A CA    1 
ATOM   1058 C  C     . ARG A 1 130 ? 6.269   13.483  -2.230  1.00 14.30 ? 143 ARG A C     1 
ATOM   1059 O  O     . ARG A 1 130 ? 5.864   12.526  -2.921  1.00 14.62 ? 143 ARG A O     1 
ATOM   1060 C  CB    . ARG A 1 130 ? 7.968   13.045  -0.450  1.00 15.19 ? 143 ARG A CB    1 
ATOM   1061 C  CG    . ARG A 1 130 ? 8.613   11.915  -1.236  1.00 13.79 ? 143 ARG A CG    1 
ATOM   1062 C  CD    . ARG A 1 130 ? 10.138  11.943  -1.025  1.00 16.54 ? 143 ARG A CD    1 
ATOM   1063 N  NE    . ARG A 1 130 ? 10.819  10.875  -1.731  1.00 18.51 ? 143 ARG A NE    1 
ATOM   1064 C  CZ    . ARG A 1 130 ? 11.234  10.946  -2.993  1.00 20.32 ? 143 ARG A CZ    1 
ATOM   1065 N  NH1   . ARG A 1 130 ? 11.032  12.051  -3.713  1.00 23.94 ? 143 ARG A NH1   1 
ATOM   1066 N  NH2   . ARG A 1 130 ? 11.865  9.917   -3.537  1.00 24.25 ? 143 ARG A NH2   1 
ATOM   1067 N  N     . ASN A 1 131 ? 6.562   14.679  -2.738  1.00 15.98 ? 144 ASN A N     1 
ATOM   1068 C  CA    A ASN A 1 131 ? 6.670   14.877  -4.174  0.50 16.67 ? 144 ASN A CA    1 
ATOM   1069 C  CA    B ASN A 1 131 ? 6.621   14.839  -4.171  0.50 16.87 ? 144 ASN A CA    1 
ATOM   1070 C  C     . ASN A 1 131 ? 7.684   13.900  -4.710  1.00 14.32 ? 144 ASN A C     1 
ATOM   1071 O  O     . ASN A 1 131 ? 8.795   13.827  -4.174  1.00 16.71 ? 144 ASN A O     1 
ATOM   1072 C  CB    A ASN A 1 131 ? 7.152   16.289  -4.485  0.50 15.10 ? 144 ASN A CB    1 
ATOM   1073 C  CB    B ASN A 1 131 ? 6.874   16.291  -4.574  0.50 19.80 ? 144 ASN A CB    1 
ATOM   1074 C  CG    A ASN A 1 131 ? 6.097   17.317  -4.242  0.50 27.23 ? 144 ASN A CG    1 
ATOM   1075 C  CG    B ASN A 1 131 ? 5.588   17.031  -4.857  0.50 25.16 ? 144 ASN A CG    1 
ATOM   1076 O  OD1   A ASN A 1 131 ? 4.926   17.073  -4.499  0.50 29.27 ? 144 ASN A OD1   1 
ATOM   1077 O  OD1   B ASN A 1 131 ? 4.679   17.055  -4.025  0.50 32.94 ? 144 ASN A OD1   1 
ATOM   1078 N  ND2   A ASN A 1 131 ? 6.500   18.486  -3.746  0.50 20.43 ? 144 ASN A ND2   1 
ATOM   1079 N  ND2   B ASN A 1 131 ? 5.493   17.623  -6.035  0.50 27.48 ? 144 ASN A ND2   1 
ATOM   1080 N  N     . GLY A 1 132 ? 7.301   13.157  -5.742  1.00 13.95 ? 145 GLY A N     1 
ATOM   1081 C  CA    . GLY A 1 132 ? 8.130   12.102  -6.296  1.00 13.60 ? 145 GLY A CA    1 
ATOM   1082 C  C     . GLY A 1 132 ? 7.877   10.702  -5.709  1.00 15.52 ? 145 GLY A C     1 
ATOM   1083 O  O     . GLY A 1 132 ? 8.487   9.728   -6.149  1.00 19.43 ? 145 GLY A O     1 
ATOM   1084 N  N     . GLY A 1 133 ? 6.991   10.611  -4.715  1.00 14.32 ? 146 GLY A N     1 
ATOM   1085 C  CA    . GLY A 1 133 ? 6.710   9.333   -4.045  1.00 14.96 ? 146 GLY A CA    1 
ATOM   1086 C  C     . GLY A 1 133 ? 5.828   8.397   -4.862  1.00 12.11 ? 146 GLY A C     1 
ATOM   1087 O  O     . GLY A 1 133 ? 5.196   8.828   -5.829  1.00 12.15 ? 146 GLY A O     1 
ATOM   1088 N  N     . ASN A 1 134 ? 5.797   7.132   -4.457  1.00 12.02 ? 147 ASN A N     1 
ATOM   1089 C  CA    . ASN A 1 134 ? 5.063   6.102   -5.176  1.00 10.79 ? 147 ASN A CA    1 
ATOM   1090 C  C     . ASN A 1 134 ? 3.978   5.443   -4.341  1.00 11.00 ? 147 ASN A C     1 
ATOM   1091 O  O     . ASN A 1 134 ? 4.055   5.434   -3.103  1.00 10.12 ? 147 ASN A O     1 
ATOM   1092 C  CB    . ASN A 1 134 ? 6.011   4.971   -5.613  1.00 13.03 ? 147 ASN A CB    1 
ATOM   1093 C  CG    . ASN A 1 134 ? 7.078   5.427   -6.591  1.00 14.49 ? 147 ASN A CG    1 
ATOM   1094 O  OD1   . ASN A 1 134 ? 6.945   6.462   -7.254  1.00 14.43 ? 147 ASN A OD1   1 
ATOM   1095 N  ND2   . ASN A 1 134 ? 8.144   4.648   -6.683  1.00 15.04 ? 147 ASN A ND2   1 
ATOM   1096 N  N     . VAL A 1 135 ? 2.994   4.862   -5.027  1.00 10.08 ? 148 VAL A N     1 
ATOM   1097 C  CA    . VAL A 1 135 ? 1.978   4.011   -4.394  1.00 10.32 ? 148 VAL A CA    1 
ATOM   1098 C  C     . VAL A 1 135 ? 1.935   2.638   -5.054  1.00 10.96 ? 148 VAL A C     1 
ATOM   1099 O  O     . VAL A 1 135 ? 2.029   2.531   -6.281  1.00 12.33 ? 148 VAL A O     1 
ATOM   1100 C  CB    . VAL A 1 135 ? 0.566   4.642   -4.456  1.00 11.82 ? 148 VAL A CB    1 
ATOM   1101 C  CG1   . VAL A 1 135 ? -0.486  3.725   -3.823  1.00 13.57 ? 148 VAL A CG1   1 
ATOM   1102 C  CG2   . VAL A 1 135 ? 0.559   5.937   -3.751  1.00 13.33 ? 148 VAL A CG2   1 
ATOM   1103 N  N     . LEU A 1 136 ? 1.788   1.599   -4.233  1.00 9.54  ? 149 LEU A N     1 
ATOM   1104 C  CA    . LEU A 1 136 ? 1.504   0.249   -4.726  1.00 10.13 ? 149 LEU A CA    1 
ATOM   1105 C  C     . LEU A 1 136 ? 0.256   -0.208  -4.004  1.00 9.76  ? 149 LEU A C     1 
ATOM   1106 O  O     . LEU A 1 136 ? 0.198   -0.131  -2.793  1.00 10.76 ? 149 LEU A O     1 
ATOM   1107 C  CB    . LEU A 1 136 ? 2.648   -0.718  -4.388  1.00 12.13 ? 149 LEU A CB    1 
ATOM   1108 C  CG    . LEU A 1 136 ? 2.360   -2.231  -4.450  1.00 11.89 ? 149 LEU A CG    1 
ATOM   1109 C  CD1   . LEU A 1 136 ? 2.015   -2.628  -5.868  1.00 13.01 ? 149 LEU A CD1   1 
ATOM   1110 C  CD2   . LEU A 1 136 ? 3.571   -3.012  -3.943  1.00 14.70 ? 149 LEU A CD2   1 
ATOM   1111 N  N     . LEU A 1 137 ? -0.761  -0.672  -4.736  1.00 8.99  ? 150 LEU A N     1 
ATOM   1112 C  CA    A LEU A 1 137 ? -1.963  -1.147  -4.062  0.50 11.44 ? 150 LEU A CA    1 
ATOM   1113 C  CA    B LEU A 1 137 ? -2.047  -1.021  -4.155  0.50 11.93 ? 150 LEU A CA    1 
ATOM   1114 C  C     . LEU A 1 137 ? -2.606  -2.319  -4.762  1.00 12.24 ? 150 LEU A C     1 
ATOM   1115 O  O     . LEU A 1 137 ? -2.707  -2.387  -6.003  1.00 12.49 ? 150 LEU A O     1 
ATOM   1116 C  CB    A LEU A 1 137 ? -2.994  -0.025  -3.826  0.50 20.07 ? 150 LEU A CB    1 
ATOM   1117 C  CB    B LEU A 1 137 ? -2.987  0.161   -4.458  0.50 14.19 ? 150 LEU A CB    1 
ATOM   1118 C  CG    A LEU A 1 137 ? -3.821  0.476   -5.015  0.50 21.76 ? 150 LEU A CG    1 
ATOM   1119 C  CG    B LEU A 1 137 ? -4.493  0.148   -4.239  0.50 11.87 ? 150 LEU A CG    1 
ATOM   1120 C  CD1   A LEU A 1 137 ? -5.267  0.761   -4.624  0.50 23.31 ? 150 LEU A CD1   1 
ATOM   1121 C  CD1   B LEU A 1 137 ? -4.831  -0.023  -2.768  0.50 12.21 ? 150 LEU A CD1   1 
ATOM   1122 C  CD2   A LEU A 1 137 ? -3.198  1.700   -5.654  0.50 26.23 ? 150 LEU A CD2   1 
ATOM   1123 C  CD2   B LEU A 1 137 ? -5.064  1.458   -4.716  0.50 11.56 ? 150 LEU A CD2   1 
ATOM   1124 N  N     . LYS A 1 138 ? -3.005  -3.284  -3.928  1.00 11.05 ? 151 LYS A N     1 
ATOM   1125 C  CA    . LYS A 1 138 ? -3.748  -4.436  -4.417  1.00 12.47 ? 151 LYS A CA    1 
ATOM   1126 C  C     . LYS A 1 138 ? -5.194  -4.006  -4.690  1.00 12.07 ? 151 LYS A C     1 
ATOM   1127 O  O     . LYS A 1 138 ? -5.820  -3.301  -3.874  1.00 11.40 ? 151 LYS A O     1 
ATOM   1128 C  CB    . LYS A 1 138 ? -3.752  -5.565  -3.378  1.00 15.74 ? 151 LYS A CB    1 
ATOM   1129 C  CG    . LYS A 1 138 ? -4.469  -6.808  -3.912  1.00 15.82 ? 151 LYS A CG    1 
ATOM   1130 C  CD    . LYS A 1 138 ? -4.200  -8.051  -3.128  1.00 23.41 ? 151 LYS A CD    1 
ATOM   1131 C  CE    . LYS A 1 138 ? -4.891  -7.994  -1.800  1.00 23.56 ? 151 LYS A CE    1 
ATOM   1132 N  NZ    . LYS A 1 138 ? -4.266  -9.042  -0.933  1.00 28.21 ? 151 LYS A NZ    1 
ATOM   1133 N  N     . GLN A 1 139 ? -5.736  -4.465  -5.818  1.00 11.33 ? 152 GLN A N     1 
ATOM   1134 C  CA    . GLN A 1 139 ? -7.153  -4.285  -6.122  1.00 9.32  ? 152 GLN A CA    1 
ATOM   1135 C  C     . GLN A 1 139 ? -7.686  -5.529  -6.826  1.00 13.53 ? 152 GLN A C     1 
ATOM   1136 O  O     . GLN A 1 139 ? -6.981  -6.171  -7.589  1.00 16.85 ? 152 GLN A O     1 
ATOM   1137 C  CB    . GLN A 1 139 ? -7.380  -3.046  -7.002  1.00 11.40 ? 152 GLN A CB    1 
ATOM   1138 C  CG    . GLN A 1 139 ? -8.868  -2.688  -7.226  1.00 12.88 ? 152 GLN A CG    1 
ATOM   1139 C  CD    . GLN A 1 139 ? -9.098  -1.281  -7.772  1.00 15.18 ? 152 GLN A CD    1 
ATOM   1140 O  OE1   . GLN A 1 139 ? -9.597  -1.112  -8.894  1.00 16.33 ? 152 GLN A OE1   1 
ATOM   1141 N  NE2   . GLN A 1 139 ? -8.761  -0.269  -6.976  1.00 13.42 ? 152 GLN A NE2   1 
ATOM   1142 N  N     . PHE A 1 140 ? -8.934  -5.868  -6.554  1.00 11.92 ? 153 PHE A N     1 
ATOM   1143 C  CA    . PHE A 1 140 ? -9.609  -6.881  -7.328  1.00 13.28 ? 153 PHE A CA    1 
ATOM   1144 C  C     . PHE A 1 140 ? -10.303 -6.132  -8.465  1.00 12.52 ? 153 PHE A C     1 
ATOM   1145 O  O     . PHE A 1 140 ? -11.088 -5.212  -8.204  1.00 14.65 ? 153 PHE A O     1 
ATOM   1146 C  CB    . PHE A 1 140 ? -10.584 -7.637  -6.420  1.00 16.75 ? 153 PHE A CB    1 
ATOM   1147 C  CG    . PHE A 1 140 ? -9.904  -8.644  -5.520  1.00 15.41 ? 153 PHE A CG    1 
ATOM   1148 C  CD1   . PHE A 1 140 ? -9.893  -9.990  -5.874  1.00 23.92 ? 153 PHE A CD1   1 
ATOM   1149 C  CD2   . PHE A 1 140 ? -9.237  -8.264  -4.362  1.00 18.53 ? 153 PHE A CD2   1 
ATOM   1150 C  CE1   . PHE A 1 140 ? -9.259  -10.948 -5.069  1.00 25.02 ? 153 PHE A CE1   1 
ATOM   1151 C  CE2   . PHE A 1 140 ? -8.577  -9.235  -3.557  1.00 18.44 ? 153 PHE A CE2   1 
ATOM   1152 C  CZ    . PHE A 1 140 ? -8.615  -10.564 -3.911  1.00 23.62 ? 153 PHE A CZ    1 
ATOM   1153 N  N     . GLN A 1 141 ? -10.002 -6.508  -9.708  1.00 12.75 ? 154 GLN A N     1 
ATOM   1154 C  CA    . GLN A 1 141 ? -10.429 -5.735  -10.872 1.00 14.37 ? 154 GLN A CA    1 
ATOM   1155 C  C     . GLN A 1 141 ? -11.947 -5.777  -11.051 1.00 14.38 ? 154 GLN A C     1 
ATOM   1156 O  O     . GLN A 1 141 ? -12.593 -6.800  -10.826 1.00 13.34 ? 154 GLN A O     1 
ATOM   1157 C  CB    . GLN A 1 141 ? -9.748  -6.272  -12.138 1.00 18.17 ? 154 GLN A CB    1 
ATOM   1158 C  CG    . GLN A 1 141 ? -9.948  -5.366  -13.370 1.00 23.89 ? 154 GLN A CG    1 
ATOM   1159 C  CD    . GLN A 1 141 ? -8.804  -5.449  -14.355 1.00 37.14 ? 154 GLN A CD    1 
ATOM   1160 O  OE1   . GLN A 1 141 ? -8.232  -6.519  -14.574 1.00 41.97 ? 154 GLN A OE1   1 
ATOM   1161 N  NE2   . GLN A 1 141 ? -8.460  -4.313  -14.960 1.00 46.60 ? 154 GLN A NE2   1 
ATOM   1162 N  N     . GLY A 1 142 ? -12.503 -4.650  -11.475 1.00 11.64 ? 155 GLY A N     1 
ATOM   1163 C  CA    . GLY A 1 142 ? -13.929 -4.613  -11.812 1.00 11.82 ? 155 GLY A CA    1 
ATOM   1164 C  C     . GLY A 1 142 ? -14.300 -3.291  -12.434 1.00 11.40 ? 155 GLY A C     1 
ATOM   1165 O  O     . GLY A 1 142 ? -13.440 -2.563  -12.940 1.00 12.08 ? 155 GLY A O     1 
ATOM   1166 N  N     . ASP A 1 143 ? -15.590 -2.971  -12.401 1.00 11.38 ? 156 ASP A N     1 
ATOM   1167 C  CA    . ASP A 1 143 ? -16.113 -1.825  -13.135 1.00 12.44 ? 156 ASP A CA    1 
ATOM   1168 C  C     . ASP A 1 143 ? -15.334 -0.556  -12.805 1.00 13.47 ? 156 ASP A C     1 
ATOM   1169 O  O     . ASP A 1 143 ? -15.079 0.272   -13.680 1.00 14.62 ? 156 ASP A O     1 
ATOM   1170 C  CB    . ASP A 1 143 ? -17.598 -1.625  -12.827 1.00 11.62 ? 156 ASP A CB    1 
ATOM   1171 C  CG    . ASP A 1 143 ? -18.477 -2.658  -13.504 1.00 14.84 ? 156 ASP A CG    1 
ATOM   1172 O  OD1   . ASP A 1 143 ? -17.999 -3.320  -14.449 1.00 13.69 ? 156 ASP A OD1   1 
ATOM   1173 O  OD2   . ASP A 1 143 ? -19.647 -2.808  -13.092 1.00 14.10 ? 156 ASP A OD2   1 
HETATM 1174 N  N     . MSE A 1 144 ? -14.960 -0.409  -11.538 1.00 11.53 ? 157 MSE A N     1 
HETATM 1175 C  CA    . MSE A 1 144 ? -14.522 0.878   -11.013 1.00 12.40 ? 157 MSE A CA    1 
HETATM 1176 C  C     . MSE A 1 144 ? -13.042 1.113   -11.295 1.00 10.48 ? 157 MSE A C     1 
HETATM 1177 O  O     . MSE A 1 144 ? -12.513 2.193   -11.032 1.00 12.88 ? 157 MSE A O     1 
HETATM 1178 C  CB    . MSE A 1 144 ? -14.790 0.963   -9.509  1.00 13.36 ? 157 MSE A CB    1 
HETATM 1179 C  CG    . MSE A 1 144 ? -16.265 0.955   -9.142  1.00 11.62 ? 157 MSE A CG    1 
HETATM 1180 SE SE    . MSE A 1 144 ? -17.277 2.348   -10.058 0.70 16.42 ? 157 MSE A SE    1 
HETATM 1181 C  CE    . MSE A 1 144 ? -16.274 3.903   -9.444  1.00 16.01 ? 157 MSE A CE    1 
ATOM   1182 N  N     . THR A 1 145 ? -12.377 0.094   -11.830 1.00 11.91 ? 158 THR A N     1 
ATOM   1183 C  CA    . THR A 1 145 ? -10.912 0.089   -11.915 1.00 11.22 ? 158 THR A CA    1 
ATOM   1184 C  C     . THR A 1 145 ? -10.371 1.131   -12.881 1.00 13.90 ? 158 THR A C     1 
ATOM   1185 O  O     . THR A 1 145 ? -9.498  1.928   -12.513 1.00 11.92 ? 158 THR A O     1 
ATOM   1186 C  CB    . THR A 1 145 ? -10.355 -1.299  -12.250 1.00 12.96 ? 158 THR A CB    1 
ATOM   1187 O  OG1   . THR A 1 145 ? -10.731 -2.208  -11.198 1.00 12.46 ? 158 THR A OG1   1 
ATOM   1188 C  CG2   . THR A 1 145 ? -8.808  -1.242  -12.358 1.00 15.05 ? 158 THR A CG2   1 
ATOM   1189 N  N     . ASN A 1 146 ? -10.923 1.161   -14.091 1.00 13.35 ? 159 ASN A N     1 
ATOM   1190 C  CA    . ASN A 1 146 ? -10.424 2.138   -15.061 1.00 14.30 ? 159 ASN A CA    1 
ATOM   1191 C  C     . ASN A 1 146 ? -10.686 3.564   -14.648 1.00 12.35 ? 159 ASN A C     1 
ATOM   1192 O  O     . ASN A 1 146 ? -9.816  4.431   -14.812 1.00 15.82 ? 159 ASN A O     1 
ATOM   1193 C  CB    . ASN A 1 146 ? -10.998 1.883   -16.450 1.00 16.47 ? 159 ASN A CB    1 
ATOM   1194 C  CG    . ASN A 1 146 ? -10.366 0.698   -17.112 1.00 21.05 ? 159 ASN A CG    1 
ATOM   1195 O  OD1   . ASN A 1 146 ? -9.407  0.129   -16.591 1.00 22.39 ? 159 ASN A OD1   1 
ATOM   1196 N  ND2   . ASN A 1 146 ? -10.896 0.309   -18.268 1.00 24.55 ? 159 ASN A ND2   1 
ATOM   1197 N  N     . ASP A 1 147 ? -11.858 3.812   -14.057 1.00 13.38 ? 160 ASP A N     1 
ATOM   1198 C  CA    A ASP A 1 147 ? -12.172 5.144   -13.570 0.50 12.59 ? 160 ASP A CA    1 
ATOM   1199 C  CA    B ASP A 1 147 ? -12.180 5.145   -13.544 0.50 16.55 ? 160 ASP A CA    1 
ATOM   1200 C  C     . ASP A 1 147 ? -11.299 5.562   -12.368 1.00 14.86 ? 160 ASP A C     1 
ATOM   1201 O  O     . ASP A 1 147 ? -10.880 6.724   -12.274 1.00 17.44 ? 160 ASP A O     1 
ATOM   1202 C  CB    A ASP A 1 147 ? -13.678 5.264   -13.268 0.50 16.57 ? 160 ASP A CB    1 
ATOM   1203 C  CB    B ASP A 1 147 ? -13.663 5.253   -13.159 0.50 23.30 ? 160 ASP A CB    1 
ATOM   1204 C  CG    A ASP A 1 147 ? -14.530 5.456   -14.539 0.50 22.87 ? 160 ASP A CG    1 
ATOM   1205 C  CG    B ASP A 1 147 ? -14.500 5.940   -14.234 0.50 38.63 ? 160 ASP A CG    1 
ATOM   1206 O  OD1   A ASP A 1 147 ? -14.537 4.581   -15.436 0.50 15.88 ? 160 ASP A OD1   1 
ATOM   1207 O  OD1   B ASP A 1 147 ? -15.146 6.969   -13.923 0.50 40.73 ? 160 ASP A OD1   1 
ATOM   1208 O  OD2   A ASP A 1 147 ? -15.241 6.483   -14.628 0.50 19.25 ? 160 ASP A OD2   1 
ATOM   1209 O  OD2   B ASP A 1 147 ? -14.503 5.457   -15.388 0.50 42.64 ? 160 ASP A OD2   1 
ATOM   1210 N  N     . PHE A 1 148 ? -11.008 4.607   -11.474 1.00 14.31 ? 161 PHE A N     1 
ATOM   1211 C  CA    . PHE A 1 148 ? -10.119 4.789   -10.320 1.00 14.03 ? 161 PHE A CA    1 
ATOM   1212 C  C     . PHE A 1 148 ? -8.727  5.229   -10.815 1.00 11.91 ? 161 PHE A C     1 
ATOM   1213 O  O     . PHE A 1 148 ? -8.170  6.226   -10.319 1.00 14.86 ? 161 PHE A O     1 
ATOM   1214 C  CB    . PHE A 1 148 ? -10.064 3.457   -9.530  1.00 12.85 ? 161 PHE A CB    1 
ATOM   1215 C  CG    . PHE A 1 148 ? -9.103  3.447   -8.367  1.00 12.52 ? 161 PHE A CG    1 
ATOM   1216 C  CD1   . PHE A 1 148 ? -9.549  3.820   -7.110  1.00 15.17 ? 161 PHE A CD1   1 
ATOM   1217 C  CD2   . PHE A 1 148 ? -7.764  3.016   -8.510  1.00 12.26 ? 161 PHE A CD2   1 
ATOM   1218 C  CE1   . PHE A 1 148 ? -8.697  3.801   -6.022  1.00 15.39 ? 161 PHE A CE1   1 
ATOM   1219 C  CE2   . PHE A 1 148 ? -6.906  3.006   -7.416  1.00 14.73 ? 161 PHE A CE2   1 
ATOM   1220 C  CZ    . PHE A 1 148 ? -7.381  3.387   -6.181  1.00 14.16 ? 161 PHE A CZ    1 
ATOM   1221 N  N     . ILE A 1 149 ? -8.199  4.495   -11.795 1.00 12.59 ? 162 ILE A N     1 
ATOM   1222 C  CA    . ILE A 1 149 ? -6.901  4.799   -12.355 1.00 13.26 ? 162 ILE A CA    1 
ATOM   1223 C  C     . ILE A 1 149 ? -6.917  6.151   -13.040 1.00 14.67 ? 162 ILE A C     1 
ATOM   1224 O  O     . ILE A 1 149 ? -6.000  6.938   -12.813 1.00 17.12 ? 162 ILE A O     1 
ATOM   1225 C  CB    . ILE A 1 149 ? -6.433  3.678   -13.290 1.00 13.98 ? 162 ILE A CB    1 
ATOM   1226 C  CG1   . ILE A 1 149 ? -6.146  2.429   -12.457 1.00 15.65 ? 162 ILE A CG1   1 
ATOM   1227 C  CG2   . ILE A 1 149 ? -5.171  4.088   -14.104 1.00 16.81 ? 162 ILE A CG2   1 
ATOM   1228 C  CD1   . ILE A 1 149 ? -5.867  1.239   -13.279 1.00 16.81 ? 162 ILE A CD1   1 
ATOM   1229 N  N     . ALA A 1 150 ? -7.973  6.430   -13.816 1.00 13.67 ? 163 ALA A N     1 
ATOM   1230 C  CA    . ALA A 1 150 ? -8.064  7.705   -14.551 1.00 15.76 ? 163 ALA A CA    1 
ATOM   1231 C  C     . ALA A 1 150 ? -8.056  8.893   -13.596 1.00 17.54 ? 163 ALA A C     1 
ATOM   1232 O  O     . ALA A 1 150 ? -7.436  9.926   -13.887 1.00 20.78 ? 163 ALA A O     1 
ATOM   1233 C  CB    . ALA A 1 150 ? -9.294  7.734   -15.433 1.00 17.98 ? 163 ALA A CB    1 
ATOM   1234 N  N     . ILE A 1 151 ? -8.744  8.760   -12.458 1.00 15.90 ? 164 ILE A N     1 
ATOM   1235 C  CA    . ILE A 1 151 ? -8.846  9.848   -11.486 1.00 16.22 ? 164 ILE A CA    1 
ATOM   1236 C  C     . ILE A 1 151 ? -7.525  10.021  -10.738 1.00 19.24 ? 164 ILE A C     1 
ATOM   1237 O  O     . ILE A 1 151 ? -6.955  11.120  -10.696 1.00 20.94 ? 164 ILE A O     1 
ATOM   1238 C  CB    . ILE A 1 151 ? -10.040 9.646   -10.504 1.00 19.88 ? 164 ILE A CB    1 
ATOM   1239 C  CG1   . ILE A 1 151 ? -11.380 9.842   -11.235 1.00 22.44 ? 164 ILE A CG1   1 
ATOM   1240 C  CG2   . ILE A 1 151 ? -9.939  10.584  -9.300  1.00 22.35 ? 164 ILE A CG2   1 
ATOM   1241 C  CD1   . ILE A 1 151 ? -12.577 9.225   -10.536 1.00 28.45 ? 164 ILE A CD1   1 
ATOM   1242 N  N     . TRP A 1 152 ? -7.012  8.933   -10.173 1.00 15.75 ? 165 TRP A N     1 
ATOM   1243 C  CA    . TRP A 1 152 ? -5.848  9.052   -9.292  1.00 19.10 ? 165 TRP A CA    1 
ATOM   1244 C  C     . TRP A 1 152 ? -4.547  9.339   -10.024 1.00 15.64 ? 165 TRP A C     1 
ATOM   1245 O  O     . TRP A 1 152 ? -3.643  9.962   -9.451  1.00 18.93 ? 165 TRP A O     1 
ATOM   1246 C  CB    . TRP A 1 152 ? -5.719  7.835   -8.363  1.00 16.07 ? 165 TRP A CB    1 
ATOM   1247 C  CG    . TRP A 1 152 ? -6.780  7.823   -7.309  1.00 15.98 ? 165 TRP A CG    1 
ATOM   1248 C  CD1   . TRP A 1 152 ? -7.847  6.962   -7.217  1.00 17.48 ? 165 TRP A CD1   1 
ATOM   1249 C  CD2   . TRP A 1 152 ? -6.917  8.740   -6.210  1.00 14.31 ? 165 TRP A CD2   1 
ATOM   1250 N  NE1   . TRP A 1 152 ? -8.617  7.275   -6.126  1.00 16.98 ? 165 TRP A NE1   1 
ATOM   1251 C  CE2   . TRP A 1 152 ? -8.079  8.368   -5.499  1.00 17.19 ? 165 TRP A CE2   1 
ATOM   1252 C  CE3   . TRP A 1 152 ? -6.161  9.828   -5.749  1.00 18.10 ? 165 TRP A CE3   1 
ATOM   1253 C  CZ2   . TRP A 1 152 ? -8.501  9.040   -4.343  1.00 17.54 ? 165 TRP A CZ2   1 
ATOM   1254 C  CZ3   . TRP A 1 152 ? -6.592  10.503  -4.611  1.00 17.05 ? 165 TRP A CZ3   1 
ATOM   1255 C  CH2   . TRP A 1 152 ? -7.743  10.103  -3.919  1.00 19.78 ? 165 TRP A CH2   1 
ATOM   1256 N  N     . ARG A 1 153 ? -4.457  8.918   -11.288 1.00 14.46 ? 166 ARG A N     1 
ATOM   1257 C  CA    . ARG A 1 153 ? -3.210  9.121   -12.048 1.00 17.91 ? 166 ARG A CA    1 
ATOM   1258 C  C     . ARG A 1 153 ? -2.927  10.581  -12.368 1.00 18.87 ? 166 ARG A C     1 
ATOM   1259 O  O     . ARG A 1 153 ? -1.798  10.915  -12.723 1.00 22.29 ? 166 ARG A O     1 
ATOM   1260 C  CB    . ARG A 1 153 ? -3.149  8.281   -13.323 1.00 22.23 ? 166 ARG A CB    1 
ATOM   1261 C  CG    . ARG A 1 153 ? -3.969  8.783   -14.491 1.00 22.75 ? 166 ARG A CG    1 
ATOM   1262 C  CD    . ARG A 1 153 ? -3.919  7.733   -15.570 1.00 33.12 ? 166 ARG A CD    1 
ATOM   1263 N  NE    . ARG A 1 153 ? -4.716  8.069   -16.736 1.00 34.39 ? 166 ARG A NE    1 
ATOM   1264 C  CZ    . ARG A 1 153 ? -4.248  8.717   -17.795 1.00 42.29 ? 166 ARG A CZ    1 
ATOM   1265 N  NH1   . ARG A 1 153 ? -5.062  8.970   -18.809 1.00 44.12 ? 166 ARG A NH1   1 
ATOM   1266 N  NH2   . ARG A 1 153 ? -2.981  9.109   -17.841 1.00 38.24 ? 166 ARG A NH2   1 
ATOM   1267 N  N     . LYS A 1 154 ? -3.940  11.433  -12.201 1.00 20.24 ? 167 LYS A N     1 
ATOM   1268 C  CA    . LYS A 1 154 ? -3.788  12.888  -12.343 1.00 22.36 ? 167 LYS A CA    1 
ATOM   1269 C  C     . LYS A 1 154 ? -2.823  13.487  -11.311 1.00 23.24 ? 167 LYS A C     1 
ATOM   1270 O  O     . LYS A 1 154 ? -2.296  14.580  -11.522 1.00 23.92 ? 167 LYS A O     1 
ATOM   1271 C  CB    . LYS A 1 154 ? -5.152  13.565  -12.232 1.00 21.65 ? 167 LYS A CB    1 
ATOM   1272 C  CG    . LYS A 1 154 ? -6.071  13.297  -13.408 1.00 25.38 ? 167 LYS A CG    1 
ATOM   1273 C  CD    . LYS A 1 154 ? -7.436  13.937  -13.169 1.00 37.24 ? 167 LYS A CD    1 
ATOM   1274 C  CE    . LYS A 1 154 ? -8.357  13.740  -14.362 1.00 47.22 ? 167 LYS A CE    1 
ATOM   1275 N  NZ    . LYS A 1 154 ? -9.741  14.224  -14.086 1.00 57.19 ? 167 LYS A NZ    1 
ATOM   1276 N  N     . ASN A 1 155 ? -2.601  12.781  -10.199 1.00 20.02 ? 168 ASN A N     1 
ATOM   1277 C  CA    . ASN A 1 155 ? -1.662  13.219  -9.147  1.00 21.18 ? 168 ASN A CA    1 
ATOM   1278 C  C     . ASN A 1 155 ? -0.261  12.613  -9.291  1.00 17.20 ? 168 ASN A C     1 
ATOM   1279 O  O     . ASN A 1 155 ? 0.570   12.730  -8.383  1.00 18.97 ? 168 ASN A O     1 
ATOM   1280 C  CB    . ASN A 1 155 ? -2.203  12.876  -7.755  1.00 24.01 ? 168 ASN A CB    1 
ATOM   1281 C  CG    . ASN A 1 155 ? -3.610  13.371  -7.534  1.00 29.97 ? 168 ASN A CG    1 
ATOM   1282 O  OD1   . ASN A 1 155 ? -3.826  14.529  -7.193  1.00 38.36 ? 168 ASN A OD1   1 
ATOM   1283 N  ND2   . ASN A 1 155 ? -4.579  12.488  -7.723  1.00 35.11 ? 168 ASN A ND2   1 
ATOM   1284 N  N     . PHE A 1 156 ? -0.012  11.940  -10.410 1.00 17.50 ? 169 PHE A N     1 
ATOM   1285 C  CA    . PHE A 1 156 ? 1.225   11.191  -10.598 1.00 19.00 ? 169 PHE A CA    1 
ATOM   1286 C  C     . PHE A 1 156 ? 1.805   11.341  -12.005 1.00 19.40 ? 169 PHE A C     1 
ATOM   1287 O  O     . PHE A 1 156 ? 1.092   11.686  -12.954 1.00 22.92 ? 169 PHE A O     1 
ATOM   1288 C  CB    . PHE A 1 156 ? 1.013   9.702   -10.279 1.00 15.77 ? 169 PHE A CB    1 
ATOM   1289 C  CG    . PHE A 1 156 ? 0.708   9.429   -8.818  1.00 13.65 ? 169 PHE A CG    1 
ATOM   1290 C  CD1   . PHE A 1 156 ? 1.727   9.118   -7.918  1.00 12.61 ? 169 PHE A CD1   1 
ATOM   1291 C  CD2   . PHE A 1 156 ? -0.607  9.422   -8.360  1.00 12.39 ? 169 PHE A CD2   1 
ATOM   1292 C  CE1   . PHE A 1 156 ? 1.432   8.844   -6.565  1.00 12.66 ? 169 PHE A CE1   1 
ATOM   1293 C  CE2   . PHE A 1 156 ? -0.902  9.155   -7.028  1.00 12.84 ? 169 PHE A CE2   1 
ATOM   1294 C  CZ    . PHE A 1 156 ? 0.113   8.872   -6.134  1.00 13.03 ? 169 PHE A CZ    1 
ATOM   1295 N  N     . SER A 1 157 ? 3.102   11.075  -12.112 1.00 17.70 ? 170 SER A N     1 
ATOM   1296 C  CA    A SER A 1 157 ? 3.804   11.141  -13.388 0.50 20.33 ? 170 SER A CA    1 
ATOM   1297 C  CA    B SER A 1 157 ? 3.825   11.131  -13.381 0.50 21.62 ? 170 SER A CA    1 
ATOM   1298 C  C     . SER A 1 157 ? 3.401   10.003  -14.323 1.00 23.24 ? 170 SER A C     1 
ATOM   1299 O  O     . SER A 1 157 ? 3.278   10.204  -15.544 1.00 22.67 ? 170 SER A O     1 
ATOM   1300 C  CB    A SER A 1 157 ? 5.316   11.141  -13.150 0.50 21.72 ? 170 SER A CB    1 
ATOM   1301 C  CB    B SER A 1 157 ? 5.338   11.082  -13.118 0.50 23.27 ? 170 SER A CB    1 
ATOM   1302 O  OG    A SER A 1 157 ? 5.680   12.223  -12.314 0.50 23.48 ? 170 SER A OG    1 
ATOM   1303 O  OG    B SER A 1 157 ? 6.066   10.756  -14.291 0.50 32.46 ? 170 SER A OG    1 
ATOM   1304 N  N     . SER A 1 158 ? 3.169   8.816   -13.756 1.00 17.62 ? 171 SER A N     1 
ATOM   1305 C  CA    . SER A 1 158 ? 2.800   7.640   -14.534 1.00 17.90 ? 171 SER A CA    1 
ATOM   1306 C  C     . SER A 1 158 ? 2.122   6.573   -13.672 1.00 17.62 ? 171 SER A C     1 
ATOM   1307 O  O     . SER A 1 158 ? 2.060   6.696   -12.451 1.00 16.20 ? 171 SER A O     1 
ATOM   1308 C  CB    . SER A 1 158 ? 4.037   7.024   -15.201 1.00 18.97 ? 171 SER A CB    1 
ATOM   1309 O  OG    . SER A 1 158 ? 4.963   6.522   -14.236 1.00 20.91 ? 171 SER A OG    1 
ATOM   1310 N  N     . TYR A 1 159 ? 1.614   5.527   -14.310 1.00 15.71 ? 172 TYR A N     1 
ATOM   1311 C  CA    . TYR A 1 159 ? 1.069   4.392   -13.581 1.00 14.60 ? 172 TYR A CA    1 
ATOM   1312 C  C     . TYR A 1 159 ? 1.386   3.107   -14.315 1.00 17.02 ? 172 TYR A C     1 
ATOM   1313 O  O     . TYR A 1 159 ? 1.678   3.132   -15.530 1.00 16.90 ? 172 TYR A O     1 
ATOM   1314 C  CB    . TYR A 1 159 ? -0.462  4.512   -13.392 1.00 15.60 ? 172 TYR A CB    1 
ATOM   1315 C  CG    . TYR A 1 159 ? -1.274  4.136   -14.614 1.00 19.02 ? 172 TYR A CG    1 
ATOM   1316 C  CD1   . TYR A 1 159 ? -1.757  2.835   -14.793 1.00 20.38 ? 172 TYR A CD1   1 
ATOM   1317 C  CD2   . TYR A 1 159 ? -1.554  5.083   -15.591 1.00 25.26 ? 172 TYR A CD2   1 
ATOM   1318 C  CE1   . TYR A 1 159 ? -2.481  2.488   -15.928 1.00 18.75 ? 172 TYR A CE1   1 
ATOM   1319 C  CE2   . TYR A 1 159 ? -2.293  4.752   -16.711 1.00 25.40 ? 172 TYR A CE2   1 
ATOM   1320 C  CZ    . TYR A 1 159 ? -2.743  3.466   -16.878 1.00 23.67 ? 172 TYR A CZ    1 
ATOM   1321 O  OH    . TYR A 1 159 ? -3.481  3.155   -18.003 1.00 26.51 ? 172 TYR A OH    1 
ATOM   1322 N  N     . LYS A 1 160 ? 1.327   1.995   -13.580 1.00 16.10 ? 173 LYS A N     1 
ATOM   1323 C  CA    A LYS A 1 160 ? 1.424   0.652   -14.152 0.50 15.36 ? 173 LYS A CA    1 
ATOM   1324 C  CA    B LYS A 1 160 ? 1.425   0.654   -14.151 0.50 15.02 ? 173 LYS A CA    1 
ATOM   1325 C  C     . LYS A 1 160 ? 0.441   -0.281  -13.461 1.00 16.51 ? 173 LYS A C     1 
ATOM   1326 O  O     . LYS A 1 160 ? 0.095   -0.071  -12.291 1.00 15.47 ? 173 LYS A O     1 
ATOM   1327 C  CB    A LYS A 1 160 ? 2.841   0.085   -14.015 0.50 17.13 ? 173 LYS A CB    1 
ATOM   1328 C  CB    B LYS A 1 160 ? 2.842   0.100   -13.996 0.50 16.33 ? 173 LYS A CB    1 
ATOM   1329 C  CG    A LYS A 1 160 ? 3.896   0.889   -14.752 0.50 21.46 ? 173 LYS A CG    1 
ATOM   1330 C  CG    B LYS A 1 160 ? 3.872   0.788   -14.877 0.50 19.78 ? 173 LYS A CG    1 
ATOM   1331 C  CD    A LYS A 1 160 ? 5.110   0.069   -15.090 0.50 30.27 ? 173 LYS A CD    1 
ATOM   1332 C  CD    B LYS A 1 160 ? 5.261   0.339   -14.519 0.50 21.64 ? 173 LYS A CD    1 
ATOM   1333 C  CE    A LYS A 1 160 ? 6.274   0.941   -15.522 0.50 31.83 ? 173 LYS A CE    1 
ATOM   1334 C  CE    B LYS A 1 160 ? 6.327   0.960   -15.400 0.50 32.02 ? 173 LYS A CE    1 
ATOM   1335 N  NZ    A LYS A 1 160 ? 5.989   1.672   -16.786 0.50 23.82 ? 173 LYS A NZ    1 
ATOM   1336 N  NZ    B LYS A 1 160 ? 6.958   2.138   -14.740 0.50 31.41 ? 173 LYS A NZ    1 
ATOM   1337 N  N     . ILE A 1 161 ? -0.019  -1.296  -14.188 1.00 13.68 ? 174 ILE A N     1 
ATOM   1338 C  CA    . ILE A 1 161 ? -0.826  -2.368  -13.647 1.00 14.31 ? 174 ILE A CA    1 
ATOM   1339 C  C     . ILE A 1 161 ? -0.069  -3.677  -13.870 1.00 15.81 ? 174 ILE A C     1 
ATOM   1340 O  O     . ILE A 1 161 ? 0.520   -3.888  -14.949 1.00 17.33 ? 174 ILE A O     1 
ATOM   1341 C  CB    . ILE A 1 161 ? -2.240  -2.453  -14.306 1.00 18.32 ? 174 ILE A CB    1 
ATOM   1342 C  CG1   . ILE A 1 161 ? -2.992  -1.131  -14.142 1.00 22.53 ? 174 ILE A CG1   1 
ATOM   1343 C  CG2   . ILE A 1 161 ? -3.065  -3.608  -13.726 1.00 22.62 ? 174 ILE A CG2   1 
ATOM   1344 C  CD1   . ILE A 1 161 ? -3.972  -0.895  -15.292 1.00 36.94 ? 174 ILE A CD1   1 
ATOM   1345 N  N     . SER A 1 162 ? -0.069  -4.537  -12.858 1.00 16.05 ? 175 SER A N     1 
ATOM   1346 C  CA    . SER A 1 162 ? 0.516   -5.863  -12.973 1.00 16.42 ? 175 SER A CA    1 
ATOM   1347 C  C     . SER A 1 162 ? -0.335  -6.987  -12.394 1.00 24.16 ? 175 SER A C     1 
ATOM   1348 O  O     . SER A 1 162 ? -1.085  -6.783  -11.438 1.00 19.16 ? 175 SER A O     1 
ATOM   1349 C  CB    . SER A 1 162 ? 1.860   -5.885  -12.242 1.00 19.60 ? 175 SER A CB    1 
ATOM   1350 O  OG    . SER A 1 162 ? 2.497   -7.145  -12.391 1.00 23.47 ? 175 SER A OG    1 
ATOM   1351 N  N     . LYS A 1 163 ? -0.159  -8.184  -12.960 1.00 30.96 ? 176 LYS A N     1 
ATOM   1352 C  CA    A LYS A 1 163 ? -0.740  -9.420  -12.424 0.50 37.46 ? 176 LYS A CA    1 
ATOM   1353 C  CA    B LYS A 1 163 ? -0.734  -9.415  -12.408 0.50 37.94 ? 176 LYS A CA    1 
ATOM   1354 C  C     . LYS A 1 163 ? 0.377   -10.440 -12.123 1.00 40.47 ? 176 LYS A C     1 
ATOM   1355 O  O     . LYS A 1 163 ? 0.879   -11.096 -13.043 1.00 45.07 ? 176 LYS A O     1 
ATOM   1356 C  CB    A LYS A 1 163 ? -1.753  -10.029 -13.412 0.50 38.18 ? 176 LYS A CB    1 
ATOM   1357 C  CB    B LYS A 1 163 ? -1.783  -10.004 -13.361 0.50 38.36 ? 176 LYS A CB    1 
ATOM   1358 C  CG    A LYS A 1 163 ? -2.959  -9.146  -13.761 0.50 39.96 ? 176 LYS A CG    1 
ATOM   1359 C  CG    B LYS A 1 163 ? -2.680  -11.065 -12.728 0.50 39.21 ? 176 LYS A CG    1 
ATOM   1360 C  CD    A LYS A 1 163 ? -2.747  -8.346  -15.046 0.50 42.89 ? 176 LYS A CD    1 
ATOM   1361 C  CD    B LYS A 1 163 ? -3.719  -11.602 -13.712 0.50 40.47 ? 176 LYS A CD    1 
ATOM   1362 C  CE    A LYS A 1 163 ? -3.999  -7.577  -15.439 0.50 42.91 ? 176 LYS A CE    1 
ATOM   1363 C  CE    B LYS A 1 163 ? -4.869  -10.622 -13.940 0.50 40.07 ? 176 LYS A CE    1 
ATOM   1364 N  NZ    A LYS A 1 163 ? -3.801  -6.761  -16.668 0.50 44.53 ? 176 LYS A NZ    1 
ATOM   1365 N  NZ    B LYS A 1 163 ? -5.739  -10.461 -12.734 0.50 36.91 ? 176 LYS A NZ    1 
ATOM   1366 N  N     . PRO A 1 164 ? 0.790   -10.573 -10.836 1.00 44.39 ? 177 PRO A N     1 
ATOM   1367 C  CA    . PRO A 1 164 ? 1.829   -11.568 -10.478 1.00 46.09 ? 177 PRO A CA    1 
ATOM   1368 C  C     . PRO A 1 164 ? 1.395   -13.029 -10.605 1.00 45.73 ? 177 PRO A C     1 
ATOM   1369 O  O     . PRO A 1 164 ? 0.204   -13.311 -10.717 1.00 44.57 ? 177 PRO A O     1 
ATOM   1370 C  CB    . PRO A 1 164 ? 2.138   -11.252 -9.006  1.00 46.13 ? 177 PRO A CB    1 
ATOM   1371 C  CG    . PRO A 1 164 ? 1.605   -9.880  -8.782  1.00 45.78 ? 177 PRO A CG    1 
ATOM   1372 C  CD    . PRO A 1 164 ? 0.389   -9.792  -9.656  1.00 47.03 ? 177 PRO A CD    1 
ATOM   1373 N  N     . SER A 1 171 ? -8.429  -14.808 -9.705  1.00 47.14 ? 184 SER A N     1 
ATOM   1374 C  CA    . SER A 1 171 ? -7.730  -14.414 -10.925 1.00 43.59 ? 184 SER A CA    1 
ATOM   1375 C  C     . SER A 1 171 ? -8.074  -12.982 -11.350 1.00 36.29 ? 184 SER A C     1 
ATOM   1376 O  O     . SER A 1 171 ? -7.643  -12.526 -12.416 1.00 37.97 ? 184 SER A O     1 
ATOM   1377 C  CB    . SER A 1 171 ? -8.012  -15.407 -12.066 1.00 48.80 ? 184 SER A CB    1 
ATOM   1378 O  OG    . SER A 1 171 ? -9.354  -15.320 -12.531 1.00 50.96 ? 184 SER A OG    1 
ATOM   1379 N  N     . SER A 1 172 ? -8.853  -12.281 -10.519 1.00 30.41 ? 185 SER A N     1 
ATOM   1380 C  CA    . SER A 1 172 ? -9.147  -10.863 -10.753 1.00 26.29 ? 185 SER A CA    1 
ATOM   1381 C  C     . SER A 1 172 ? -8.252  -9.909  -9.931  1.00 21.47 ? 185 SER A C     1 
ATOM   1382 O  O     . SER A 1 172 ? -8.370  -8.696  -10.059 1.00 18.11 ? 185 SER A O     1 
ATOM   1383 C  CB    . SER A 1 172 ? -10.634 -10.549 -10.518 1.00 28.47 ? 185 SER A CB    1 
ATOM   1384 O  OG    . SER A 1 172 ? -11.011 -10.719 -9.160  1.00 27.82 ? 185 SER A OG    1 
ATOM   1385 N  N     . GLU A 1 173 ? -7.361  -10.462 -9.109  1.00 18.19 ? 186 GLU A N     1 
ATOM   1386 C  CA    . GLU A 1 173 ? -6.426  -9.643  -8.317  1.00 18.84 ? 186 GLU A CA    1 
ATOM   1387 C  C     . GLU A 1 173 ? -5.381  -8.980  -9.214  1.00 17.96 ? 186 GLU A C     1 
ATOM   1388 O  O     . GLU A 1 173 ? -4.753  -9.634  -10.055 1.00 19.32 ? 186 GLU A O     1 
ATOM   1389 C  CB    . GLU A 1 173 ? -5.751  -10.533 -7.282  1.00 23.73 ? 186 GLU A CB    1 
ATOM   1390 C  CG    . GLU A 1 173 ? -4.697  -9.858  -6.429  1.00 28.26 ? 186 GLU A CG    1 
ATOM   1391 C  CD    . GLU A 1 173 ? -4.051  -10.845 -5.479  1.00 36.25 ? 186 GLU A CD    1 
ATOM   1392 O  OE1   . GLU A 1 173 ? -4.739  -11.290 -4.538  1.00 41.09 ? 186 GLU A OE1   1 
ATOM   1393 O  OE2   . GLU A 1 173 ? -2.865  -11.179 -5.688  1.00 27.26 ? 186 GLU A OE2   1 
ATOM   1394 N  N     . ILE A 1 174 ? -5.215  -7.666  -9.057  1.00 12.61 ? 187 ILE A N     1 
ATOM   1395 C  CA    . ILE A 1 174 ? -4.188  -6.942  -9.771  1.00 14.48 ? 187 ILE A CA    1 
ATOM   1396 C  C     . ILE A 1 174 ? -3.476  -6.013  -8.803  1.00 11.25 ? 187 ILE A C     1 
ATOM   1397 O  O     . ILE A 1 174 ? -3.956  -5.757  -7.693  1.00 12.69 ? 187 ILE A O     1 
ATOM   1398 C  CB    . ILE A 1 174 ? -4.773  -6.075  -10.929 1.00 13.62 ? 187 ILE A CB    1 
ATOM   1399 C  CG1   . ILE A 1 174 ? -5.753  -5.015  -10.408 1.00 16.83 ? 187 ILE A CG1   1 
ATOM   1400 C  CG2   . ILE A 1 174 ? -5.469  -6.967  -11.988 1.00 16.35 ? 187 ILE A CG2   1 
ATOM   1401 C  CD1   . ILE A 1 174 ? -6.194  -4.003  -11.472 1.00 16.25 ? 187 ILE A CD1   1 
ATOM   1402 N  N     . TYR A 1 175 ? -2.339  -5.511  -9.235  1.00 12.52 ? 188 TYR A N     1 
ATOM   1403 C  CA    . TYR A 1 175 ? -1.618  -4.513  -8.463  1.00 11.12 ? 188 TYR A CA    1 
ATOM   1404 C  C     . TYR A 1 175 ? -1.483  -3.254  -9.291  1.00 13.07 ? 188 TYR A C     1 
ATOM   1405 O  O     . TYR A 1 175 ? -1.035  -3.292  -10.431 1.00 15.22 ? 188 TYR A O     1 
ATOM   1406 C  CB    . TYR A 1 175 ? -0.252  -5.056  -8.027  1.00 12.16 ? 188 TYR A CB    1 
ATOM   1407 C  CG    . TYR A 1 175 ? -0.410  -6.069  -6.908  1.00 14.96 ? 188 TYR A CG    1 
ATOM   1408 C  CD1   . TYR A 1 175 ? -0.465  -5.650  -5.590  1.00 14.22 ? 188 TYR A CD1   1 
ATOM   1409 C  CD2   . TYR A 1 175 ? -0.546  -7.441  -7.172  1.00 24.10 ? 188 TYR A CD2   1 
ATOM   1410 C  CE1   . TYR A 1 175 ? -0.633  -6.556  -4.543  1.00 20.23 ? 188 TYR A CE1   1 
ATOM   1411 C  CE2   . TYR A 1 175 ? -0.719  -8.374  -6.109  1.00 17.23 ? 188 TYR A CE2   1 
ATOM   1412 C  CZ    . TYR A 1 175 ? -0.754  -7.905  -4.810  1.00 20.20 ? 188 TYR A CZ    1 
ATOM   1413 O  OH    . TYR A 1 175 ? -0.930  -8.760  -3.735  1.00 22.77 ? 188 TYR A OH    1 
ATOM   1414 N  N     . ILE A 1 176 ? -1.955  -2.149  -8.729  1.00 10.86 ? 189 ILE A N     1 
ATOM   1415 C  CA    . ILE A 1 176 ? -1.893  -0.860  -9.360  1.00 11.58 ? 189 ILE A CA    1 
ATOM   1416 C  C     . ILE A 1 176 ? -0.765  -0.048  -8.731  1.00 12.48 ? 189 ILE A C     1 
ATOM   1417 O  O     . ILE A 1 176 ? -0.669  0.025   -7.512  1.00 10.76 ? 189 ILE A O     1 
ATOM   1418 C  CB    . ILE A 1 176 ? -3.234  -0.094  -9.150  1.00 12.23 ? 189 ILE A CB    1 
ATOM   1419 C  CG1   . ILE A 1 176 ? -4.424  -0.926  -9.694  1.00 13.52 ? 189 ILE A CG1   1 
ATOM   1420 C  CG2   . ILE A 1 176 ? -3.156  1.256   -9.786  1.00 13.92 ? 189 ILE A CG2   1 
ATOM   1421 C  CD1   . ILE A 1 176 ? -5.833  -0.354  -9.420  1.00 13.20 ? 189 ILE A CD1   1 
HETATM 1422 N  N     . MSE A 1 177 ? 0.099   0.545   -9.554  1.00 10.89 ? 190 MSE A N     1 
HETATM 1423 C  CA    . MSE A 1 177 ? 1.189   1.367   -9.070  1.00 10.73 ? 190 MSE A CA    1 
HETATM 1424 C  C     . MSE A 1 177 ? 1.120   2.730   -9.672  1.00 11.66 ? 190 MSE A C     1 
HETATM 1425 O  O     . MSE A 1 177 ? 0.935   2.870   -10.875 1.00 14.15 ? 190 MSE A O     1 
HETATM 1426 C  CB    . MSE A 1 177 ? 2.509   0.709   -9.436  1.00 14.40 ? 190 MSE A CB    1 
HETATM 1427 C  CG    . MSE A 1 177 ? 2.702   -0.612  -8.718  1.00 11.28 ? 190 MSE A CG    1 
HETATM 1428 SE SE    . MSE A 1 177 ? 3.982   -1.797  -9.556  0.70 15.68 ? 190 MSE A SE    1 
HETATM 1429 C  CE    . MSE A 1 177 ? 2.762   -2.595  -10.879 1.00 15.83 ? 190 MSE A CE    1 
ATOM   1430 N  N     . PHE A 1 178 ? 1.264   3.726   -8.821  1.00 10.91 ? 191 PHE A N     1 
ATOM   1431 C  CA    . PHE A 1 178 ? 1.344   5.103   -9.250  1.00 11.71 ? 191 PHE A CA    1 
ATOM   1432 C  C     . PHE A 1 178 ? 2.731   5.646   -8.946  1.00 13.28 ? 191 PHE A C     1 
ATOM   1433 O  O     . PHE A 1 178 ? 3.222   5.499   -7.823  1.00 12.81 ? 191 PHE A O     1 
ATOM   1434 C  CB    . PHE A 1 178 ? 0.288   5.929   -8.530  1.00 13.21 ? 191 PHE A CB    1 
ATOM   1435 C  CG    . PHE A 1 178 ? -1.132  5.545   -8.858  1.00 12.64 ? 191 PHE A CG    1 
ATOM   1436 C  CD1   . PHE A 1 178 ? -1.724  5.869   -10.103 1.00 14.49 ? 191 PHE A CD1   1 
ATOM   1437 C  CD2   . PHE A 1 178 ? -1.896  4.878   -7.928  1.00 14.78 ? 191 PHE A CD2   1 
ATOM   1438 C  CE1   . PHE A 1 178 ? -3.051  5.525   -10.384 1.00 15.89 ? 191 PHE A CE1   1 
ATOM   1439 C  CE2   . PHE A 1 178 ? -3.217  4.538   -8.196  1.00 13.87 ? 191 PHE A CE2   1 
ATOM   1440 C  CZ    . PHE A 1 178 ? -3.800  4.851   -9.432  1.00 14.54 ? 191 PHE A CZ    1 
ATOM   1441 N  N     . PHE A 1 179 ? 3.366   6.287   -9.921  1.00 12.86 ? 192 PHE A N     1 
ATOM   1442 C  CA    . PHE A 1 179 ? 4.759   6.715   -9.769  1.00 14.39 ? 192 PHE A CA    1 
ATOM   1443 C  C     . PHE A 1 179 ? 4.902   8.229   -9.819  1.00 12.55 ? 192 PHE A C     1 
ATOM   1444 O  O     . PHE A 1 179 ? 4.321   8.879   -10.699 1.00 16.09 ? 192 PHE A O     1 
ATOM   1445 C  CB    . PHE A 1 179 ? 5.634   6.103   -10.873 1.00 12.50 ? 192 PHE A CB    1 
ATOM   1446 C  CG    . PHE A 1 179 ? 5.698   4.605   -10.831 1.00 11.60 ? 192 PHE A CG    1 
ATOM   1447 C  CD1   . PHE A 1 179 ? 6.671   3.936   -10.070 1.00 11.91 ? 192 PHE A CD1   1 
ATOM   1448 C  CD2   . PHE A 1 179 ? 4.773   3.848   -11.534 1.00 13.16 ? 192 PHE A CD2   1 
ATOM   1449 C  CE1   . PHE A 1 179 ? 6.712   2.534   -10.020 1.00 13.78 ? 192 PHE A CE1   1 
ATOM   1450 C  CE2   . PHE A 1 179 ? 4.800   2.453   -11.498 1.00 12.61 ? 192 PHE A CE2   1 
ATOM   1451 C  CZ    . PHE A 1 179 ? 5.771   1.789   -10.741 1.00 15.38 ? 192 PHE A CZ    1 
ATOM   1452 N  N     . GLY A 1 180 ? 5.673   8.783   -8.886  1.00 13.98 ? 193 GLY A N     1 
ATOM   1453 C  CA    . GLY A 1 180 ? 6.047   10.195  -8.969  1.00 15.36 ? 193 GLY A CA    1 
ATOM   1454 C  C     . GLY A 1 180 ? 4.936   11.159  -8.612  1.00 13.95 ? 193 GLY A C     1 
ATOM   1455 O  O     . GLY A 1 180 ? 4.418   11.895  -9.465  1.00 16.05 ? 193 GLY A O     1 
ATOM   1456 N  N     . PHE A 1 181 ? 4.551   11.150  -7.341  1.00 13.46 ? 194 PHE A N     1 
ATOM   1457 C  CA    . PHE A 1 181 ? 3.484   11.991  -6.829  1.00 11.69 ? 194 PHE A CA    1 
ATOM   1458 C  C     . PHE A 1 181 ? 3.763   13.462  -7.087  1.00 13.52 ? 194 PHE A C     1 
ATOM   1459 O  O     . PHE A 1 181 ? 4.885   13.900  -6.941  1.00 16.71 ? 194 PHE A O     1 
ATOM   1460 C  CB    . PHE A 1 181 ? 3.351   11.771  -5.319  1.00 13.82 ? 194 PHE A CB    1 
ATOM   1461 C  CG    . PHE A 1 181 ? 2.242   12.549  -4.683  1.00 16.03 ? 194 PHE A CG    1 
ATOM   1462 C  CD1   . PHE A 1 181 ? 0.922   12.354  -5.068  1.00 14.81 ? 194 PHE A CD1   1 
ATOM   1463 C  CD2   . PHE A 1 181 ? 2.528   13.468  -3.686  1.00 16.98 ? 194 PHE A CD2   1 
ATOM   1464 C  CE1   . PHE A 1 181 ? -0.114  13.077  -4.459  1.00 18.56 ? 194 PHE A CE1   1 
ATOM   1465 C  CE2   . PHE A 1 181 ? 1.509   14.205  -3.069  1.00 23.43 ? 194 PHE A CE2   1 
ATOM   1466 C  CZ    . PHE A 1 181 ? 0.177   14.005  -3.461  1.00 18.74 ? 194 PHE A CZ    1 
ATOM   1467 N  N     . LYS A 1 182 ? 2.748   14.193  -7.466  1.00 18.76 ? 195 LYS A N     1 
ATOM   1468 C  CA    . LYS A 1 182 ? 2.796   15.641  -7.588  1.00 24.68 ? 195 LYS A CA    1 
ATOM   1469 C  C     . LYS A 1 182 ? 1.659   16.244  -6.803  1.00 26.91 ? 195 LYS A C     1 
ATOM   1470 O  O     . LYS A 1 182 ? 0.570   16.136  -7.180  1.00 28.15 ? 195 LYS A O     1 
ATOM   1471 C  CB    . LYS A 1 182 ? 2.582   16.096  -9.026  1.00 28.13 ? 195 LYS A CB    1 
ATOM   1472 C  CG    . LYS A 1 182 ? 3.164   15.326  -10.157 1.00 36.83 ? 195 LYS A CG    1 
ATOM   1473 C  CD    . LYS A 1 182 ? 2.795   15.954  -11.526 1.00 38.91 ? 195 LYS A CD    1 
ATOM   1474 C  CE    . LYS A 1 182 ? 1.982   15.061  -12.421 1.00 50.63 ? 195 LYS A CE    1 
ATOM   1475 N  NZ    . LYS A 1 182 ? 1.831   15.459  -13.869 1.00 53.49 ? 195 LYS A NZ    1 
ATOM   1476 N  N     . ALA A 1 183 ? 1.962   16.925  -5.731  1.00 33.64 ? 196 ALA A N     1 
ATOM   1477 C  CA    . ALA A 1 183 ? 0.969   17.709  -4.995  1.00 41.41 ? 196 ALA A CA    1 
ATOM   1478 C  C     . ALA A 1 183 ? 0.330   18.793  -5.877  1.00 43.93 ? 196 ALA A C     1 
ATOM   1479 O  O     . ALA A 1 183 ? -0.806  19.199  -5.634  1.00 48.00 ? 196 ALA A O     1 
ATOM   1480 C  CB    . ALA A 1 183 ? 1.589   18.323  -3.762  1.00 40.11 ? 196 ALA A CB    1 
ATOM   1481 N  N     . GLU A 1 184 ? 1.071   19.241  -6.892  1.00 46.57 ? 197 GLU A N     1 
ATOM   1482 C  CA    . GLU A 1 184 ? 0.549   20.111  -7.951  1.00 50.22 ? 197 GLU A CA    1 
ATOM   1483 C  C     . GLU A 1 184 ? -0.256  19.314  -8.983  1.00 53.82 ? 197 GLU A C     1 
ATOM   1484 O  O     . GLU A 1 184 ? -0.896  19.888  -9.866  1.00 55.58 ? 197 GLU A O     1 
ATOM   1485 C  CB    . GLU A 1 184 ? 1.690   20.886  -8.636  1.00 50.32 ? 197 GLU A CB    1 
ATOM   1486 C  CG    . GLU A 1 184 ? 2.626   20.072  -9.545  1.00 54.22 ? 197 GLU A CG    1 
ATOM   1487 C  CD    . GLU A 1 184 ? 3.804   19.423  -8.813  1.00 57.90 ? 197 GLU A CD    1 
ATOM   1488 O  OE1   . GLU A 1 184 ? 4.743   18.974  -9.503  1.00 59.83 ? 197 GLU A OE1   1 
ATOM   1489 O  OE2   . GLU A 1 184 ? 3.802   19.346  -7.563  1.00 57.35 ? 197 GLU A OE2   1 
HETATM 1490 N  N     . SAM B 2 .   ? 0.837   -8.380  2.836   1.00 17.51 ? 1   SAM A N     1 
HETATM 1491 C  CA    . SAM B 2 .   ? 0.515   -9.228  4.025   1.00 17.71 ? 1   SAM A CA    1 
HETATM 1492 C  C     . SAM B 2 .   ? 1.668   -10.189 4.206   1.00 16.25 ? 1   SAM A C     1 
HETATM 1493 O  O     . SAM B 2 .   ? 1.745   -10.876 5.224   1.00 16.23 ? 1   SAM A O     1 
HETATM 1494 O  OXT   . SAM B 2 .   ? 2.543   -10.282 3.343   1.00 14.28 ? 1   SAM A OXT   1 
HETATM 1495 C  CB    . SAM B 2 .   ? -0.814  -9.979  3.894   1.00 17.64 ? 1   SAM A CB    1 
HETATM 1496 C  CG    . SAM B 2 .   ? -2.069  -9.102  3.942   1.00 20.82 ? 1   SAM A CG    1 
HETATM 1497 S  SD    . SAM B 2 .   ? -3.665  -9.984  4.053   1.00 11.91 ? 1   SAM A SD    1 
HETATM 1498 C  CE    . SAM B 2 .   ? -3.874  -10.351 2.293   1.00 31.85 ? 1   SAM A CE    1 
HETATM 1499 C  "C5'" . SAM B 2 .   ? -4.746  -8.501  4.162   1.00 20.44 ? 1   SAM A "C5'" 1 
HETATM 1500 C  "C4'" . SAM B 2 .   ? -4.714  -7.691  5.460   1.00 14.48 ? 1   SAM A "C4'" 1 
HETATM 1501 O  "O4'" . SAM B 2 .   ? -5.460  -6.500  5.260   1.00 12.12 ? 1   SAM A "O4'" 1 
HETATM 1502 C  "C3'" . SAM B 2 .   ? -5.383  -8.399  6.640   1.00 15.43 ? 1   SAM A "C3'" 1 
HETATM 1503 O  "O3'" . SAM B 2 .   ? -4.419  -8.713  7.636   1.00 15.16 ? 1   SAM A "O3'" 1 
HETATM 1504 C  "C2'" . SAM B 2 .   ? -6.440  -7.412  7.140   1.00 14.69 ? 1   SAM A "C2'" 1 
HETATM 1505 O  "O2'" . SAM B 2 .   ? -6.613  -7.414  8.550   1.00 15.67 ? 1   SAM A "O2'" 1 
HETATM 1506 C  "C1'" . SAM B 2 .   ? -5.964  -6.088  6.524   1.00 13.16 ? 1   SAM A "C1'" 1 
HETATM 1507 N  N9    . SAM B 2 .   ? -7.093  -5.161  6.444   1.00 12.47 ? 1   SAM A N9    1 
HETATM 1508 C  C8    . SAM B 2 .   ? -8.297  -5.324  5.792   1.00 13.20 ? 1   SAM A C8    1 
HETATM 1509 N  N7    . SAM B 2 .   ? -9.085  -4.231  6.008   1.00 13.53 ? 1   SAM A N7    1 
HETATM 1510 C  C5    . SAM B 2 .   ? -8.375  -3.368  6.803   1.00 14.41 ? 1   SAM A C5    1 
HETATM 1511 C  C6    . SAM B 2 .   ? -8.692  -2.117  7.357   1.00 13.64 ? 1   SAM A C6    1 
HETATM 1512 N  N6    . SAM B 2 .   ? -9.872  -1.539  7.131   1.00 14.90 ? 1   SAM A N6    1 
HETATM 1513 N  N1    . SAM B 2 .   ? -7.745  -1.493  8.136   1.00 12.05 ? 1   SAM A N1    1 
HETATM 1514 C  C2    . SAM B 2 .   ? -6.517  -2.078  8.379   1.00 13.34 ? 1   SAM A C2    1 
HETATM 1515 N  N3    . SAM B 2 .   ? -6.200  -3.315  7.849   1.00 14.06 ? 1   SAM A N3    1 
HETATM 1516 C  C4    . SAM B 2 .   ? -7.135  -3.946  7.087   1.00 12.52 ? 1   SAM A C4    1 
HETATM 1517 O  O     . HOH C 3 .   ? 10.427  9.808   3.751   1.00 12.75 ? 205 HOH A O     1 
HETATM 1518 O  O     . HOH C 3 .   ? 11.280  -0.120  9.719   1.00 13.99 ? 206 HOH A O     1 
HETATM 1519 O  O     . HOH C 3 .   ? -7.945  -1.350  -4.228  1.00 12.22 ? 207 HOH A O     1 
HETATM 1520 O  O     . HOH C 3 .   ? 3.200   -7.548  5.254   1.00 15.24 ? 208 HOH A O     1 
HETATM 1521 O  O     . HOH C 3 .   ? -8.903  4.765   12.729  1.00 15.72 ? 209 HOH A O     1 
HETATM 1522 O  O     . HOH C 3 .   ? -5.201  -2.870  -1.019  1.00 15.09 ? 210 HOH A O     1 
HETATM 1523 O  O     . HOH C 3 .   ? 1.423   14.735  0.624   1.00 16.75 ? 211 HOH A O     1 
HETATM 1524 O  O     . HOH C 3 .   ? -12.725 -0.950  -15.031 1.00 16.93 ? 212 HOH A O     1 
HETATM 1525 O  O     . HOH C 3 .   ? 0.725   -1.113  -17.119 1.00 19.45 ? 213 HOH A O     1 
HETATM 1526 O  O     . HOH C 3 .   ? 0.789   6.396   16.324  1.00 21.70 ? 214 HOH A O     1 
HETATM 1527 O  O     . HOH C 3 .   ? 1.062   -5.540  3.265   1.00 18.74 ? 215 HOH A O     1 
HETATM 1528 O  O     . HOH C 3 .   ? -12.835 -8.731  -8.861  1.00 16.29 ? 216 HOH A O     1 
HETATM 1529 O  O     . HOH C 3 .   ? -7.418  10.723  12.550  1.00 21.26 ? 217 HOH A O     1 
HETATM 1530 O  O     . HOH C 3 .   ? -15.365 -18.434 -6.711  1.00 22.01 ? 218 HOH A O     1 
HETATM 1531 O  O     . HOH C 3 .   ? -15.706 -9.651  -0.261  1.00 22.06 ? 219 HOH A O     1 
HETATM 1532 O  O     . HOH C 3 .   ? -4.749  8.495   17.847  1.00 23.89 ? 220 HOH A O     1 
HETATM 1533 O  O     . HOH C 3 .   ? 13.048  -0.922  7.656   1.00 20.02 ? 221 HOH A O     1 
HETATM 1534 O  O     . HOH C 3 .   ? -5.372  -9.951  16.097  1.00 28.45 ? 222 HOH A O     1 
HETATM 1535 O  O     . HOH C 3 .   ? 13.660  10.865  9.599   1.00 18.33 ? 223 HOH A O     1 
HETATM 1536 O  O     . HOH C 3 .   ? -14.174 -2.157  1.926   1.00 19.62 ? 224 HOH A O     1 
HETATM 1537 O  O     . HOH C 3 .   ? -14.086 2.272   -14.884 1.00 26.70 ? 225 HOH A O     1 
HETATM 1538 O  O     . HOH C 3 .   ? 8.570   1.125   -12.699 1.00 25.07 ? 226 HOH A O     1 
HETATM 1539 O  O     . HOH C 3 .   ? 8.883   7.426   -9.049  1.00 22.22 ? 227 HOH A O     1 
HETATM 1540 O  O     . HOH C 3 .   ? -7.025  9.981   17.391  1.00 25.18 ? 228 HOH A O     1 
HETATM 1541 O  O     . HOH C 3 .   ? 14.054  -1.037  -5.685  1.00 23.73 ? 229 HOH A O     1 
HETATM 1542 O  O     . HOH C 3 .   ? 10.511  2.847   -10.673 1.00 28.58 ? 230 HOH A O     1 
HETATM 1543 O  O     . HOH C 3 .   ? 3.042   -4.191  -16.090 1.00 23.00 ? 231 HOH A O     1 
HETATM 1544 O  O     . HOH C 3 .   ? 14.006  -3.480  -6.717  1.00 25.91 ? 232 HOH A O     1 
HETATM 1545 O  O     . HOH C 3 .   ? -6.232  13.124  1.625   1.00 25.45 ? 233 HOH A O     1 
HETATM 1546 O  O     . HOH C 3 .   ? -1.109  -0.180  17.957  1.00 26.21 ? 234 HOH A O     1 
HETATM 1547 O  O     . HOH C 3 .   ? 0.709   -15.262 1.605   1.00 26.02 ? 235 HOH A O     1 
HETATM 1548 O  O     . HOH C 3 .   ? -14.257 5.948   6.444   1.00 34.26 ? 236 HOH A O     1 
HETATM 1549 O  O     . HOH C 3 .   ? 14.513  -5.530  11.769  1.00 29.08 ? 237 HOH A O     1 
HETATM 1550 O  O     . HOH C 3 .   ? 1.365   6.295   -17.284 1.00 25.54 ? 238 HOH A O     1 
HETATM 1551 O  O     . HOH C 3 .   ? 18.231  2.105   4.650   1.00 31.79 ? 239 HOH A O     1 
HETATM 1552 O  O     . HOH C 3 .   ? 0.216   -9.876  -2.008  1.00 29.44 ? 240 HOH A O     1 
HETATM 1553 O  O     . HOH C 3 .   ? -7.670  -5.125  -2.176  1.00 21.24 ? 241 HOH A O     1 
HETATM 1554 O  O     . HOH C 3 .   ? 0.896   1.868   -17.938 1.00 29.54 ? 242 HOH A O     1 
HETATM 1555 O  O     . HOH C 3 .   ? -19.115 -10.876 -10.469 1.00 26.25 ? 243 HOH A O     1 
HETATM 1556 O  O     . HOH C 3 .   ? 7.058   -4.237  15.000  1.00 25.21 ? 244 HOH A O     1 
HETATM 1557 O  O     . HOH C 3 .   ? -13.153 -12.834 -6.672  1.00 34.78 ? 245 HOH A O     1 
HETATM 1558 O  O     . HOH C 3 .   ? -8.539  -11.443 2.322   1.00 35.03 ? 246 HOH A O     1 
HETATM 1559 O  O     . HOH C 3 .   ? 10.974  -12.198 -8.965  1.00 22.60 ? 247 HOH A O     1 
HETATM 1560 O  O     . HOH C 3 .   ? 2.540   2.107   17.245  1.00 32.78 ? 248 HOH A O     1 
HETATM 1561 O  O     . HOH C 3 .   ? 16.414  0.025   -4.550  1.00 24.21 ? 249 HOH A O     1 
HETATM 1562 O  O     . HOH C 3 .   ? 6.198   14.915  11.005  1.00 25.85 ? 250 HOH A O     1 
HETATM 1563 O  O     . HOH C 3 .   ? -13.656 4.308   0.763   1.00 22.99 ? 251 HOH A O     1 
HETATM 1564 O  O     . HOH C 3 .   ? -1.323  5.600   17.606  1.00 36.75 ? 252 HOH A O     1 
HETATM 1565 O  O     . HOH C 3 .   ? 16.556  -2.013  5.423   1.00 24.44 ? 253 HOH A O     1 
HETATM 1566 O  O     . HOH C 3 .   ? 13.213  -8.615  7.197   1.00 26.09 ? 254 HOH A O     1 
HETATM 1567 O  O     . HOH C 3 .   ? -1.663  -11.032 -0.472  1.00 32.67 ? 255 HOH A O     1 
HETATM 1568 O  O     . HOH C 3 .   ? -6.486  6.325   -17.509 1.00 32.39 ? 256 HOH A O     1 
HETATM 1569 O  O     . HOH C 3 .   ? 14.862  -11.765 -8.395  1.00 25.42 ? 257 HOH A O     1 
HETATM 1570 O  O     . HOH C 3 .   ? -3.610  -11.693 7.354   1.00 28.37 ? 258 HOH A O     1 
HETATM 1571 O  O     . HOH C 3 .   ? -18.184 -8.924  0.337   1.00 30.41 ? 259 HOH A O     1 
HETATM 1572 O  O     . HOH C 3 .   ? 14.192  0.694   10.728  1.00 27.72 ? 260 HOH A O     1 
HETATM 1573 O  O     . HOH C 3 .   ? 2.854   -12.140 12.554  1.00 27.28 ? 261 HOH A O     1 
HETATM 1574 O  O     . HOH C 3 .   ? -12.177 9.255   -6.342  1.00 31.16 ? 262 HOH A O     1 
HETATM 1575 O  O     . HOH C 3 .   ? 14.364  -6.096  -6.314  1.00 37.69 ? 263 HOH A O     1 
HETATM 1576 O  O     . HOH C 3 .   ? -7.194  12.951  -8.535  1.00 43.06 ? 264 HOH A O     1 
HETATM 1577 O  O     . HOH C 3 .   ? 3.535   14.205  11.702  1.00 28.09 ? 265 HOH A O     1 
HETATM 1578 O  O     . HOH C 3 .   ? 10.372  4.009   -8.378  1.00 36.00 ? 266 HOH A O     1 
HETATM 1579 O  O     . HOH C 3 .   ? -8.034  4.249   -16.941 1.00 26.52 ? 267 HOH A O     1 
HETATM 1580 O  O     . HOH C 3 .   ? 6.992   8.196   -13.694 1.00 28.60 ? 268 HOH A O     1 
HETATM 1581 O  O     . HOH C 3 .   ? -22.270 -7.490  -6.473  1.00 29.26 ? 269 HOH A O     1 
HETATM 1582 O  O     . HOH C 3 .   ? 1.892   -18.346 1.627   1.00 38.32 ? 270 HOH A O     1 
HETATM 1583 O  O     . HOH C 3 .   ? -10.098 13.661  7.564   1.00 60.67 ? 271 HOH A O     1 
HETATM 1584 O  O     . HOH C 3 .   ? -13.012 2.101   -19.275 1.00 27.57 ? 272 HOH A O     1 
HETATM 1585 O  O     . HOH C 3 .   ? 16.021  4.253   10.090  1.00 32.11 ? 273 HOH A O     1 
HETATM 1586 O  O     . HOH C 3 .   ? -21.034 -4.658  -14.869 1.00 33.08 ? 274 HOH A O     1 
HETATM 1587 O  O     . HOH C 3 .   ? -2.396  14.742  8.696   1.00 32.38 ? 275 HOH A O     1 
HETATM 1588 O  O     . HOH C 3 .   ? -12.692 6.186   2.118   1.00 33.23 ? 276 HOH A O     1 
HETATM 1589 O  O     . HOH C 3 .   ? -13.851 -3.625  4.208   1.00 23.43 ? 277 HOH A O     1 
HETATM 1590 O  O     . HOH C 3 .   ? 9.181   15.324  14.002  1.00 33.33 ? 278 HOH A O     1 
HETATM 1591 O  O     . HOH C 3 .   ? 14.112  -2.101  10.838  1.00 40.68 ? 279 HOH A O     1 
HETATM 1592 O  O     . HOH C 3 .   ? -17.048 -16.881 -9.012  1.00 32.47 ? 280 HOH A O     1 
HETATM 1593 O  O     . HOH C 3 .   ? -17.037 -16.199 9.623   1.00 31.55 ? 281 HOH A O     1 
HETATM 1594 O  O     . HOH C 3 .   ? -11.321 11.759  5.926   1.00 37.35 ? 282 HOH A O     1 
HETATM 1595 O  O     . HOH C 3 .   ? -14.185 -1.431  8.667   1.00 31.19 ? 283 HOH A O     1 
HETATM 1596 O  O     . HOH C 3 .   ? 5.702   -0.733  17.011  1.00 27.16 ? 284 HOH A O     1 
HETATM 1597 O  O     . HOH C 3 .   ? -1.504  12.947  16.117  1.00 33.20 ? 285 HOH A O     1 
HETATM 1598 O  O     . HOH C 3 .   ? 1.336   -8.320  -15.602 1.00 40.88 ? 286 HOH A O     1 
HETATM 1599 O  O     . HOH C 3 .   ? -8.718  -8.775  9.485   1.00 28.84 ? 287 HOH A O     1 
HETATM 1600 O  O     . HOH C 3 .   ? -9.232  -5.899  15.438  1.00 28.59 ? 288 HOH A O     1 
HETATM 1601 O  O     . HOH C 3 .   ? -0.474  8.207   24.627  1.00 37.39 ? 289 HOH A O     1 
HETATM 1602 O  O     . HOH C 3 .   ? 8.972   19.273  -2.250  1.00 34.33 ? 290 HOH A O     1 
HETATM 1603 O  O     . HOH C 3 .   ? -7.729  13.501  4.085   1.00 27.99 ? 291 HOH A O     1 
HETATM 1604 O  O     . HOH C 3 .   ? -15.632 -8.526  3.180   1.00 28.49 ? 292 HOH A O     1 
HETATM 1605 O  O     . HOH C 3 .   ? -14.040 7.504   9.941   1.00 34.10 ? 293 HOH A O     1 
HETATM 1606 O  O     . HOH C 3 .   ? 5.582   -10.039 11.642  1.00 27.01 ? 294 HOH A O     1 
HETATM 1607 O  O     . HOH C 3 .   ? 8.271   8.971   -11.307 1.00 31.14 ? 295 HOH A O     1 
HETATM 1608 O  O     . HOH C 3 .   ? 12.914  7.464   -2.825  1.00 34.98 ? 296 HOH A O     1 
HETATM 1609 O  O     . HOH C 3 .   ? -7.803  -8.891  -13.730 1.00 42.90 ? 297 HOH A O     1 
HETATM 1610 O  O     . HOH C 3 .   ? 1.411   -1.317  18.229  1.00 29.67 ? 298 HOH A O     1 
HETATM 1611 O  O     . HOH C 3 .   ? 2.799   14.943  7.092   1.00 49.16 ? 299 HOH A O     1 
HETATM 1612 O  O     . HOH C 3 .   ? -15.562 -4.237  -15.726 1.00 26.72 ? 300 HOH A O     1 
HETATM 1613 O  O     . HOH C 3 .   ? -1.036  -5.080  -17.276 1.00 40.57 ? 301 HOH A O     1 
HETATM 1614 O  O     . HOH C 3 .   ? 18.601  1.598   -5.192  1.00 52.58 ? 302 HOH A O     1 
HETATM 1615 O  O     . HOH C 3 .   ? -22.918 -3.284  -15.936 1.00 39.61 ? 303 HOH A O     1 
HETATM 1616 O  O     . HOH C 3 .   ? -0.310  10.289  -15.022 1.00 42.90 ? 304 HOH A O     1 
HETATM 1617 O  O     . HOH C 3 .   ? 1.565   17.600  -0.413  1.00 38.59 ? 305 HOH A O     1 
HETATM 1618 O  O     . HOH C 3 .   ? 13.506  6.666   10.679  1.00 41.01 ? 306 HOH A O     1 
HETATM 1619 O  O     . HOH C 3 .   ? -11.865 -3.798  5.969   1.00 23.36 ? 307 HOH A O     1 
HETATM 1620 O  O     . HOH C 3 .   ? -10.507 8.862   -1.513  1.00 28.38 ? 308 HOH A O     1 
HETATM 1621 O  O     . HOH C 3 .   ? 17.709  4.128   -3.452  1.00 34.82 ? 309 HOH A O     1 
HETATM 1622 O  O     . HOH C 3 .   ? 10.944  2.937   15.245  1.00 46.81 ? 310 HOH A O     1 
HETATM 1623 O  O     . HOH C 3 .   ? -11.343 8.103   1.105   1.00 36.09 ? 311 HOH A O     1 
HETATM 1624 O  O     . HOH C 3 .   ? 13.012  -8.087  -5.200  1.00 38.96 ? 312 HOH A O     1 
HETATM 1625 O  O     . HOH C 3 .   ? -11.009 11.870  12.797  1.00 35.25 ? 313 HOH A O     1 
HETATM 1626 O  O     . HOH C 3 .   ? 5.747   -0.958  -18.196 1.00 40.39 ? 314 HOH A O     1 
HETATM 1627 O  O     . HOH C 3 .   ? 5.085   4.037   -15.364 1.00 51.81 ? 315 HOH A O     1 
HETATM 1628 O  O     . HOH C 3 .   ? -8.638  -10.106 5.649   1.00 34.02 ? 316 HOH A O     1 
HETATM 1629 O  O     . HOH C 3 .   ? -0.673  2.603   18.034  1.00 47.96 ? 317 HOH A O     1 
HETATM 1630 O  O     . HOH C 3 .   ? 0.973   -4.003  18.506  1.00 49.84 ? 318 HOH A O     1 
HETATM 1631 O  O     . HOH C 3 .   ? -16.647 6.034   -16.667 1.00 29.58 ? 319 HOH A O     1 
HETATM 1632 O  O     . HOH C 3 .   ? -12.563 8.406   -14.543 1.00 37.78 ? 320 HOH A O     1 
HETATM 1633 O  O     . HOH C 3 .   ? 15.713  5.921   -1.344  1.00 35.69 ? 321 HOH A O     1 
HETATM 1634 O  O     . HOH C 3 .   ? -11.982 -6.689  7.204   1.00 44.03 ? 322 HOH A O     1 
HETATM 1635 O  O     . HOH C 3 .   ? 13.264  3.417   -10.370 1.00 33.34 ? 323 HOH A O     1 
HETATM 1636 O  O     . HOH C 3 .   ? 12.044  12.111  -6.294  1.00 36.76 ? 324 HOH A O     1 
HETATM 1637 O  O     . HOH C 3 .   ? -7.841  12.894  -0.975  1.00 33.43 ? 325 HOH A O     1 
HETATM 1638 O  O     . HOH C 3 .   ? -15.668 -5.837  4.081   1.00 29.52 ? 326 HOH A O     1 
HETATM 1639 O  O     . HOH C 3 .   ? -12.734 4.541   -17.782 1.00 36.55 ? 327 HOH A O     1 
HETATM 1640 O  O     . HOH C 3 .   ? -13.660 -5.724  -15.104 1.00 39.59 ? 328 HOH A O     1 
HETATM 1641 O  O     . HOH C 3 .   ? -11.894 6.890   -7.841  1.00 33.37 ? 329 HOH A O     1 
HETATM 1642 O  O     . HOH C 3 .   ? 7.433   14.708  -8.844  1.00 38.30 ? 330 HOH A O     1 
HETATM 1643 O  O     . HOH C 3 .   ? -9.429  -7.641  17.376  1.00 59.17 ? 331 HOH A O     1 
HETATM 1644 O  O     . HOH C 3 .   ? -0.547  8.108   -16.702 1.00 43.72 ? 332 HOH A O     1 
HETATM 1645 O  O     . HOH C 3 .   ? -13.807 -8.806  6.519   1.00 34.08 ? 333 HOH A O     1 
HETATM 1646 O  O     . HOH C 3 .   ? 14.300  8.371   8.779   1.00 22.33 ? 334 HOH A O     1 
HETATM 1647 O  O     . HOH C 3 .   ? -2.377  14.749  14.581  1.00 65.09 ? 335 HOH A O     1 
HETATM 1648 O  O     . HOH C 3 .   ? -4.667  14.277  11.788  1.00 41.33 ? 336 HOH A O     1 
HETATM 1649 O  O     . HOH C 3 .   ? 2.625   -13.365 4.616   1.00 25.50 ? 337 HOH A O     1 
HETATM 1650 O  O     . HOH C 3 .   ? -0.585  -11.897 12.217  1.00 40.05 ? 338 HOH A O     1 
HETATM 1651 O  O     . HOH C 3 .   ? -2.929  -12.359 10.142  1.00 31.54 ? 339 HOH A O     1 
HETATM 1652 O  O     . HOH C 3 .   ? 5.389   -3.919  17.312  1.00 33.79 ? 340 HOH A O     1 
HETATM 1653 O  O     . HOH C 3 .   ? -11.726 9.414   9.367   1.00 38.09 ? 341 HOH A O     1 
HETATM 1654 O  O     . HOH C 3 .   ? -7.914  10.548  19.748  1.00 37.92 ? 342 HOH A O     1 
HETATM 1655 O  O     . HOH C 3 .   ? 14.311  8.932   13.000  1.00 38.80 ? 343 HOH A O     1 
HETATM 1656 O  O     . HOH C 3 .   ? 3.942   16.250  -1.163  1.00 36.38 ? 344 HOH A O     1 
HETATM 1657 O  O     . HOH C 3 .   ? -6.971  -11.131 -0.280  1.00 43.00 ? 345 HOH A O     1 
HETATM 1658 O  O     . HOH C 3 .   ? -10.340 -8.686  7.357   1.00 43.31 ? 346 HOH A O     1 
HETATM 1659 O  O     . HOH C 3 .   ? -13.057 -4.765  8.230   1.00 37.27 ? 347 HOH A O     1 
HETATM 1660 O  O     . HOH C 3 .   ? -21.321 -9.396  -12.123 1.00 43.67 ? 348 HOH A O     1 
HETATM 1661 O  O     . HOH C 3 .   ? -1.469  16.414  -0.948  1.00 32.59 ? 349 HOH A O     1 
HETATM 1662 O  O     . HOH C 3 .   ? 0.258   15.516  6.023   1.00 47.48 ? 350 HOH A O     1 
HETATM 1663 O  O     . HOH C 3 .   ? 3.132   -2.260  -17.765 1.00 35.63 ? 351 HOH A O     1 
HETATM 1664 O  O     . HOH C 3 .   ? 2.154   -2.935  -20.634 1.00 35.28 ? 352 HOH A O     1 
HETATM 1665 O  O     . HOH C 3 .   ? -1.908  -11.863 -8.380  1.00 43.88 ? 353 HOH A O     1 
HETATM 1666 O  O     . HOH C 3 .   ? 3.151   5.073   16.881  1.00 39.26 ? 354 HOH A O     1 
HETATM 1667 O  O     . HOH C 3 .   ? 0.195   -14.365 4.015   1.00 40.69 ? 355 HOH A O     1 
HETATM 1668 O  O     . HOH C 3 .   ? 9.390   -13.631 -6.951  1.00 34.50 ? 356 HOH A O     1 
# 
